data_1SPI
#
_entry.id   1SPI
#
_cell.length_a   76.100
_cell.length_b   85.700
_cell.length_c   105.800
_cell.angle_alpha   90.00
_cell.angle_beta   103.10
_cell.angle_gamma   90.00
#
_symmetry.space_group_name_H-M   'P 1 21 1'
#
_entity_poly.entity_id   1
_entity_poly.type   'polypeptide(L)'
_entity_poly.pdbx_seq_one_letter_code
;AAVGEAATQTKARTRSKYEIETLTGWLLKQPMAGVIDAELTIVLSSISLACKQIASLVQRAGISNLTGIQGAVNIQGEDQ
KKLDVVSNEVFSSCLRSSGRTGIIASEEEDVPVAVEESYSGNYIVVFDPLDGSSNIDAAVSTGSIFGIYSPNDECIVDSD
HDDESQLSAEEQRCVVNVCQPGDNLLAAGYCMYSSSVIFVLTIGKGVYAFTLDPMYGEFVLTSEKIQIPKAGKIYSFNEG
NYKMWPDKLKKYMDDLKEPGESQKPYSSRYIGSLVGDFHRTLLYGGIYGYPRDAKSKNGKLRLLYECAPMSFIVEQAGGK
GSDGHQRILDIQPTEIHQRVPLYIGSVEEVEKLEKYLA
;
_entity_poly.pdbx_strand_id   A,B,C,D
#
# COMPACT_ATOMS: atom_id res chain seq x y z
N ALA A 6 19.60 -11.82 -27.04
CA ALA A 6 19.11 -10.62 -26.32
C ALA A 6 18.77 -11.02 -24.89
N ALA A 7 19.15 -10.22 -23.88
CA ALA A 7 18.82 -10.56 -22.51
C ALA A 7 18.96 -9.44 -21.46
N THR A 8 18.95 -8.21 -21.97
CA THR A 8 19.14 -6.99 -21.14
C THR A 8 18.09 -6.81 -20.06
N GLN A 9 18.18 -5.68 -19.40
CA GLN A 9 17.30 -5.24 -18.29
C GLN A 9 17.92 -3.87 -18.04
N THR A 10 17.71 -3.34 -16.83
CA THR A 10 18.36 -2.09 -16.48
C THR A 10 18.41 -2.00 -14.99
N LYS A 11 18.69 -0.74 -14.59
CA LYS A 11 18.89 -0.25 -13.23
C LYS A 11 17.65 -0.31 -12.21
N ALA A 12 16.64 -1.16 -12.45
CA ALA A 12 15.58 -1.24 -11.43
C ALA A 12 16.21 -1.84 -10.17
N ARG A 13 16.96 -2.93 -10.33
CA ARG A 13 17.60 -3.57 -9.17
C ARG A 13 16.54 -4.00 -8.12
N THR A 14 15.28 -3.90 -8.52
CA THR A 14 14.15 -4.36 -7.71
C THR A 14 13.08 -4.89 -8.67
N ARG A 15 12.27 -3.99 -9.23
CA ARG A 15 11.22 -4.39 -10.16
C ARG A 15 11.83 -5.21 -11.29
N SER A 16 11.78 -6.53 -11.12
CA SER A 16 12.24 -7.45 -12.16
C SER A 16 11.46 -8.73 -11.95
N LYS A 17 10.14 -8.61 -11.81
CA LYS A 17 9.26 -9.77 -11.60
C LYS A 17 8.89 -10.53 -12.91
N TYR A 18 9.88 -10.66 -13.80
CA TYR A 18 9.77 -11.34 -15.10
C TYR A 18 8.97 -12.65 -15.02
N GLU A 19 9.18 -13.42 -13.94
CA GLU A 19 8.49 -14.69 -13.78
C GLU A 19 7.66 -14.84 -12.51
N ILE A 20 6.86 -13.80 -12.23
CA ILE A 20 5.96 -13.70 -11.08
C ILE A 20 5.24 -15.03 -10.75
N GLU A 21 5.87 -15.98 -10.06
CA GLU A 21 5.12 -17.21 -9.74
C GLU A 21 4.38 -16.92 -8.46
N THR A 22 3.18 -16.38 -8.59
CA THR A 22 2.35 -15.99 -7.46
C THR A 22 2.02 -17.16 -6.55
N LEU A 23 1.46 -16.89 -5.37
CA LEU A 23 1.06 -17.96 -4.47
C LEU A 23 -0.01 -18.66 -5.27
N THR A 24 -1.02 -17.89 -5.73
CA THR A 24 -2.18 -18.35 -6.52
C THR A 24 -1.76 -19.11 -7.80
N GLY A 25 -0.84 -18.50 -8.55
CA GLY A 25 -0.35 -19.10 -9.78
C GLY A 25 -0.03 -20.55 -9.53
N TRP A 26 0.92 -20.80 -8.63
CA TRP A 26 1.30 -22.16 -8.29
C TRP A 26 0.13 -22.81 -7.54
N LEU A 27 -0.44 -22.13 -6.56
CA LEU A 27 -1.52 -22.70 -5.77
C LEU A 27 -2.64 -23.20 -6.62
N LEU A 28 -2.77 -22.68 -7.86
CA LEU A 28 -3.83 -23.10 -8.83
C LEU A 28 -3.25 -24.09 -9.84
N LYS A 29 -2.03 -23.82 -10.30
CA LYS A 29 -1.36 -24.73 -11.21
C LYS A 29 -1.17 -26.04 -10.47
N GLN A 30 -1.43 -26.08 -9.14
CA GLN A 30 -1.26 -27.32 -8.35
C GLN A 30 -2.46 -28.23 -8.31
N PRO A 31 -3.60 -27.80 -7.72
CA PRO A 31 -4.78 -28.66 -7.66
C PRO A 31 -5.09 -29.52 -8.90
N MET A 32 -4.29 -29.40 -9.94
CA MET A 32 -4.45 -30.26 -11.11
C MET A 32 -3.88 -31.67 -10.70
N ALA A 33 -4.57 -32.31 -9.73
CA ALA A 33 -4.24 -33.65 -9.15
C ALA A 33 -4.70 -33.78 -7.66
N GLY A 34 -5.91 -34.30 -7.47
CA GLY A 34 -6.50 -34.43 -6.14
C GLY A 34 -8.02 -34.35 -6.28
N VAL A 35 -8.73 -35.14 -5.48
CA VAL A 35 -10.21 -35.25 -5.50
C VAL A 35 -10.81 -34.38 -4.39
N ILE A 36 -10.08 -33.28 -4.12
CA ILE A 36 -10.47 -32.31 -3.11
C ILE A 36 -11.40 -31.25 -3.62
N ASP A 37 -11.84 -31.48 -4.88
CA ASP A 37 -12.75 -30.62 -5.66
C ASP A 37 -12.56 -29.14 -5.33
N ALA A 38 -11.39 -28.60 -5.70
CA ALA A 38 -11.06 -27.21 -5.48
C ALA A 38 -11.70 -26.55 -4.27
N GLU A 39 -11.91 -27.31 -3.18
CA GLU A 39 -12.48 -26.77 -1.96
C GLU A 39 -11.27 -26.33 -1.11
N LEU A 40 -10.16 -27.07 -1.25
CA LEU A 40 -8.92 -26.78 -0.52
C LEU A 40 -8.58 -25.38 -0.97
N THR A 41 -8.23 -25.29 -2.24
CA THR A 41 -7.79 -24.03 -2.81
C THR A 41 -8.50 -22.81 -2.28
N ILE A 42 -9.82 -22.85 -2.17
CA ILE A 42 -10.56 -21.70 -1.66
C ILE A 42 -10.12 -21.42 -0.23
N VAL A 43 -9.99 -22.48 0.58
CA VAL A 43 -9.51 -22.33 1.97
C VAL A 43 -8.05 -21.84 2.00
N LEU A 44 -7.08 -22.62 1.49
CA LEU A 44 -5.68 -22.18 1.55
C LEU A 44 -5.61 -20.77 1.02
N SER A 45 -6.19 -20.50 -0.15
CA SER A 45 -6.14 -19.18 -0.72
C SER A 45 -6.78 -18.19 0.25
N SER A 46 -7.90 -18.58 0.87
CA SER A 46 -8.56 -17.69 1.81
C SER A 46 -7.66 -17.42 3.01
N ILE A 47 -7.01 -18.45 3.56
CA ILE A 47 -6.11 -18.25 4.71
C ILE A 47 -5.17 -17.15 4.26
N SER A 48 -4.68 -17.26 3.03
CA SER A 48 -3.77 -16.27 2.42
C SER A 48 -4.39 -14.91 2.66
N LEU A 49 -5.68 -14.80 2.37
CA LEU A 49 -6.31 -13.52 2.57
C LEU A 49 -6.13 -13.03 3.99
N ALA A 50 -6.67 -13.78 4.96
CA ALA A 50 -6.57 -13.37 6.39
C ALA A 50 -5.16 -13.10 6.88
N CYS A 51 -4.16 -13.81 6.36
CA CYS A 51 -2.83 -13.56 6.79
C CYS A 51 -2.41 -12.21 6.21
N LYS A 52 -2.68 -12.00 4.94
CA LYS A 52 -2.32 -10.74 4.30
C LYS A 52 -2.88 -9.52 5.09
N GLN A 53 -4.03 -9.69 5.75
CA GLN A 53 -4.65 -8.61 6.53
C GLN A 53 -4.03 -8.55 7.90
N ILE A 54 -3.86 -9.72 8.54
CA ILE A 54 -3.26 -9.76 9.87
C ILE A 54 -1.91 -9.02 9.77
N ALA A 55 -1.10 -9.34 8.76
CA ALA A 55 0.18 -8.65 8.61
C ALA A 55 -0.02 -7.18 8.83
N SER A 56 -1.14 -6.61 8.43
CA SER A 56 -1.36 -5.19 8.61
C SER A 56 -1.82 -4.84 10.00
N LEU A 57 -2.60 -5.70 10.63
CA LEU A 57 -2.99 -5.38 12.00
C LEU A 57 -1.69 -5.26 12.80
N VAL A 58 -0.87 -6.30 12.76
CA VAL A 58 0.41 -6.36 13.46
C VAL A 58 1.09 -5.00 13.36
N GLN A 59 1.42 -4.61 12.14
CA GLN A 59 2.10 -3.35 11.85
C GLN A 59 1.34 -2.18 12.35
N ARG A 60 0.03 -2.40 12.47
CA ARG A 60 -0.95 -1.42 12.96
C ARG A 60 -1.29 -0.36 11.92
N ALA A 61 -1.76 0.80 12.35
CA ALA A 61 -2.09 1.85 11.41
C ALA A 61 -1.43 3.12 11.89
N LYS A 82 -4.97 -5.87 21.89
CA LYS A 82 -5.65 -7.21 21.97
C LYS A 82 -5.38 -8.08 20.74
N LEU A 83 -4.59 -7.56 19.80
CA LEU A 83 -4.26 -8.20 18.53
C LEU A 83 -4.65 -9.64 18.21
N ASP A 84 -4.49 -10.54 19.16
CA ASP A 84 -4.86 -11.91 18.87
C ASP A 84 -6.33 -12.21 19.02
N VAL A 85 -7.03 -11.47 19.88
CA VAL A 85 -8.46 -11.72 20.13
C VAL A 85 -9.44 -11.00 19.17
N VAL A 86 -8.92 -10.61 18.03
CA VAL A 86 -9.71 -9.95 17.00
C VAL A 86 -9.17 -10.41 15.64
N SER A 87 -7.99 -11.04 15.67
CA SER A 87 -7.37 -11.57 14.45
C SER A 87 -8.10 -12.86 14.10
N ASN A 88 -8.89 -13.38 15.06
CA ASN A 88 -9.65 -14.58 14.82
C ASN A 88 -10.89 -14.10 14.13
N GLU A 89 -11.31 -12.89 14.48
CA GLU A 89 -12.52 -12.24 13.91
C GLU A 89 -12.38 -12.10 12.40
N VAL A 90 -11.16 -12.06 11.91
CA VAL A 90 -10.92 -11.94 10.50
C VAL A 90 -11.10 -13.32 9.86
N PHE A 91 -10.68 -14.38 10.55
CA PHE A 91 -10.77 -15.76 10.04
C PHE A 91 -12.14 -16.05 9.50
N SER A 92 -13.13 -15.78 10.32
CA SER A 92 -14.50 -16.03 9.98
C SER A 92 -14.87 -15.16 8.82
N SER A 93 -14.59 -13.88 8.96
CA SER A 93 -14.89 -12.95 7.88
C SER A 93 -14.29 -13.40 6.56
N CYS A 94 -13.13 -14.07 6.61
CA CYS A 94 -12.47 -14.56 5.40
C CYS A 94 -12.74 -16.07 5.01
N LEU A 95 -13.53 -16.75 5.83
CA LEU A 95 -13.87 -18.14 5.61
C LEU A 95 -15.38 -18.51 5.62
N ARG A 96 -16.28 -17.56 5.87
CA ARG A 96 -17.70 -17.94 5.88
C ARG A 96 -18.14 -18.22 4.46
N SER A 97 -17.19 -18.32 3.57
CA SER A 97 -17.50 -18.60 2.18
C SER A 97 -17.00 -19.99 1.81
N SER A 98 -15.98 -20.45 2.50
CA SER A 98 -15.42 -21.74 2.14
C SER A 98 -16.04 -22.90 2.92
N GLY A 99 -16.84 -23.69 2.21
CA GLY A 99 -17.51 -24.79 2.86
C GLY A 99 -16.48 -25.74 3.43
N ARG A 100 -15.25 -25.64 2.92
CA ARG A 100 -14.15 -26.51 3.35
C ARG A 100 -14.00 -26.37 4.83
N THR A 101 -13.99 -25.12 5.29
CA THR A 101 -13.92 -24.84 6.72
C THR A 101 -15.37 -25.01 7.20
N GLY A 102 -15.94 -26.20 6.97
CA GLY A 102 -17.33 -26.41 7.38
C GLY A 102 -17.59 -25.74 8.72
N ILE A 103 -16.60 -25.84 9.59
CA ILE A 103 -16.58 -25.29 10.93
C ILE A 103 -15.07 -25.07 11.13
N ILE A 104 -14.68 -24.03 11.89
CA ILE A 104 -13.26 -23.68 12.10
C ILE A 104 -12.80 -23.43 13.54
N ALA A 105 -11.54 -23.09 13.75
CA ALA A 105 -11.13 -22.91 15.12
C ALA A 105 -9.96 -22.00 15.40
N SER A 106 -9.58 -21.89 16.68
CA SER A 106 -8.52 -21.00 17.06
C SER A 106 -7.73 -21.38 18.32
N GLU A 107 -7.76 -20.46 19.29
CA GLU A 107 -7.06 -20.60 20.57
C GLU A 107 -7.73 -19.64 21.56
N GLU A 108 -7.82 -18.36 21.19
CA GLU A 108 -8.40 -17.35 22.09
C GLU A 108 -9.80 -17.55 22.69
N GLU A 109 -10.71 -18.10 21.88
CA GLU A 109 -12.13 -18.25 22.26
C GLU A 109 -12.59 -19.39 23.22
N ASP A 110 -13.71 -19.13 23.92
CA ASP A 110 -14.35 -20.07 24.87
C ASP A 110 -15.66 -20.65 24.28
N VAL A 111 -15.67 -20.80 22.95
CA VAL A 111 -16.79 -21.36 22.18
C VAL A 111 -16.30 -21.76 20.77
N PRO A 112 -16.50 -23.04 20.39
CA PRO A 112 -16.10 -23.61 19.09
C PRO A 112 -16.88 -23.16 17.84
N VAL A 113 -17.79 -22.22 17.99
CA VAL A 113 -18.55 -21.78 16.82
C VAL A 113 -17.62 -21.09 15.84
N ALA A 114 -18.09 -20.92 14.60
CA ALA A 114 -17.27 -20.29 13.55
C ALA A 114 -18.04 -19.88 12.28
N VAL A 115 -19.06 -20.69 11.97
CA VAL A 115 -19.93 -20.50 10.80
C VAL A 115 -21.12 -21.45 11.06
N GLU A 116 -22.35 -21.03 10.77
CA GLU A 116 -23.44 -21.94 11.07
C GLU A 116 -24.19 -22.61 9.93
N GLU A 117 -24.26 -23.95 9.99
CA GLU A 117 -25.04 -24.76 9.07
C GLU A 117 -24.70 -24.92 7.58
N SER A 118 -25.50 -24.24 6.73
CA SER A 118 -25.43 -24.30 5.26
C SER A 118 -24.07 -24.27 4.54
N TYR A 119 -23.01 -23.78 5.19
CA TYR A 119 -21.71 -23.79 4.51
C TYR A 119 -20.76 -24.83 5.03
N SER A 120 -21.01 -26.07 4.61
CA SER A 120 -20.23 -27.24 5.03
C SER A 120 -19.29 -27.74 3.92
N GLY A 121 -18.43 -28.73 4.20
CA GLY A 121 -17.50 -29.24 3.19
C GLY A 121 -17.04 -30.69 3.44
N ASN A 122 -15.74 -30.94 3.28
CA ASN A 122 -15.14 -32.29 3.48
C ASN A 122 -13.76 -32.27 4.27
N TYR A 123 -13.57 -31.28 5.14
CA TYR A 123 -12.33 -31.22 5.94
C TYR A 123 -12.53 -30.25 7.09
N ILE A 124 -11.43 -29.87 7.74
CA ILE A 124 -11.49 -28.89 8.83
C ILE A 124 -10.12 -28.32 8.94
N VAL A 125 -10.04 -27.04 9.36
CA VAL A 125 -8.78 -26.33 9.51
C VAL A 125 -8.73 -25.50 10.80
N VAL A 126 -7.72 -25.75 11.63
CA VAL A 126 -7.59 -25.02 12.88
C VAL A 126 -6.67 -23.85 12.62
N PHE A 127 -7.00 -22.69 13.20
CA PHE A 127 -6.21 -21.49 12.99
C PHE A 127 -5.81 -20.85 14.31
N ASP A 128 -4.50 -20.59 14.46
CA ASP A 128 -3.93 -20.01 15.65
C ASP A 128 -3.60 -18.58 15.28
N PRO A 129 -4.48 -17.63 15.65
CA PRO A 129 -4.37 -16.20 15.41
C PRO A 129 -2.89 -15.83 15.30
N LEU A 130 -2.30 -15.54 16.44
CA LEU A 130 -0.89 -15.16 16.50
C LEU A 130 -0.09 -16.22 17.29
N ASP A 131 1.08 -15.88 17.81
CA ASP A 131 1.76 -16.91 18.53
C ASP A 131 2.27 -16.57 19.94
N GLY A 132 1.51 -15.75 20.67
CA GLY A 132 1.97 -15.48 22.01
C GLY A 132 1.62 -14.15 22.66
N SER A 133 0.65 -14.22 23.56
CA SER A 133 0.16 -13.08 24.33
C SER A 133 1.27 -12.09 24.62
N SER A 134 2.32 -12.54 25.28
CA SER A 134 3.38 -11.61 25.58
C SER A 134 4.06 -11.25 24.30
N ASN A 135 4.50 -12.29 23.60
CA ASN A 135 5.25 -12.20 22.34
C ASN A 135 5.10 -10.89 21.61
N ILE A 136 3.81 -10.50 21.48
CA ILE A 136 3.36 -9.30 20.76
C ILE A 136 3.79 -7.96 21.35
N ASP A 137 3.58 -7.75 22.64
CA ASP A 137 3.93 -6.51 23.33
C ASP A 137 5.13 -5.75 22.77
N ALA A 138 6.31 -6.31 22.87
CA ALA A 138 7.48 -5.62 22.33
C ALA A 138 8.09 -6.53 21.28
N ALA A 139 7.19 -7.16 20.52
CA ALA A 139 7.56 -8.11 19.47
C ALA A 139 8.59 -7.57 18.45
N VAL A 140 8.86 -8.44 17.48
CA VAL A 140 9.78 -8.25 16.37
C VAL A 140 9.39 -9.44 15.45
N SER A 141 8.56 -10.35 15.92
CA SER A 141 8.13 -11.48 15.13
C SER A 141 6.90 -12.11 15.75
N THR A 142 5.95 -12.49 14.90
CA THR A 142 4.74 -13.16 15.29
C THR A 142 4.26 -13.83 14.04
N GLY A 143 3.29 -14.70 14.15
CA GLY A 143 2.80 -15.38 12.96
C GLY A 143 1.48 -16.00 13.31
N SER A 144 1.02 -16.94 12.48
CA SER A 144 -0.22 -17.66 12.75
C SER A 144 0.10 -19.11 12.36
N ILE A 145 -0.34 -20.11 13.10
CA ILE A 145 0.01 -21.48 12.70
C ILE A 145 -1.23 -22.31 12.34
N PHE A 146 -1.38 -22.65 11.07
CA PHE A 146 -2.58 -23.42 10.70
C PHE A 146 -2.23 -24.84 10.30
N GLY A 147 -3.16 -25.75 10.49
CA GLY A 147 -2.91 -27.13 10.07
C GLY A 147 -4.26 -27.64 9.64
N ILE A 148 -4.34 -28.27 8.48
CA ILE A 148 -5.65 -28.77 7.99
C ILE A 148 -5.81 -30.28 8.20
N TYR A 149 -6.85 -30.63 8.94
CA TYR A 149 -7.17 -32.00 9.28
C TYR A 149 -8.38 -32.48 8.47
N SER A 150 -8.24 -33.58 7.75
CA SER A 150 -9.36 -34.09 6.98
C SER A 150 -9.98 -35.36 7.53
N PRO A 151 -10.75 -35.22 8.61
CA PRO A 151 -11.34 -36.43 9.16
C PRO A 151 -12.23 -37.15 8.15
N ASN A 152 -11.61 -38.10 7.42
CA ASN A 152 -12.29 -38.93 6.40
C ASN A 152 -13.66 -39.47 6.92
N ASP A 153 -13.83 -39.45 8.24
CA ASP A 153 -15.06 -39.91 8.87
C ASP A 153 -15.28 -39.01 10.08
N GLU A 154 -15.57 -37.76 9.78
CA GLU A 154 -15.80 -36.72 10.76
C GLU A 154 -17.12 -36.78 11.55
N CYS A 155 -17.42 -35.62 12.17
CA CYS A 155 -18.59 -35.36 13.01
C CYS A 155 -19.49 -36.54 13.18
N ILE A 156 -20.31 -36.82 12.16
CA ILE A 156 -21.26 -37.96 12.17
C ILE A 156 -22.23 -38.10 13.38
N VAL A 157 -22.27 -37.09 14.27
CA VAL A 157 -23.11 -37.21 15.47
C VAL A 157 -24.60 -37.57 15.25
N ASP A 158 -25.46 -36.60 14.92
CA ASP A 158 -26.90 -36.84 14.69
C ASP A 158 -27.42 -35.90 13.63
N SER A 159 -28.71 -36.06 13.29
CA SER A 159 -29.31 -35.20 12.25
C SER A 159 -28.90 -33.73 12.50
N ASP A 160 -28.89 -32.93 11.45
CA ASP A 160 -28.56 -31.53 11.57
C ASP A 160 -29.86 -30.66 11.53
N HIS A 161 -30.21 -30.02 12.66
CA HIS A 161 -31.40 -29.15 12.78
C HIS A 161 -31.14 -27.75 12.27
N ASP A 162 -32.23 -27.03 11.96
CA ASP A 162 -32.23 -25.63 11.44
C ASP A 162 -33.63 -24.95 11.55
N ASP A 163 -33.87 -23.99 10.67
CA ASP A 163 -35.16 -23.26 10.59
C ASP A 163 -35.70 -22.44 11.77
N GLU A 164 -35.99 -23.06 12.90
CA GLU A 164 -36.54 -22.24 14.00
C GLU A 164 -35.66 -21.00 14.23
N SER A 165 -36.10 -20.12 15.12
CA SER A 165 -35.31 -18.93 15.39
C SER A 165 -35.42 -18.42 16.81
N GLN A 166 -34.78 -17.27 17.03
CA GLN A 166 -34.68 -16.61 18.31
C GLN A 166 -33.73 -17.47 19.13
N LEU A 167 -32.52 -16.95 19.38
CA LEU A 167 -31.51 -17.65 20.20
C LEU A 167 -30.87 -16.80 21.32
N SER A 168 -31.70 -16.50 22.32
CA SER A 168 -31.37 -15.72 23.50
C SER A 168 -30.27 -16.46 24.23
N ALA A 169 -30.63 -17.64 24.74
CA ALA A 169 -29.67 -18.46 25.44
C ALA A 169 -28.91 -19.21 24.33
N GLU A 170 -28.10 -18.44 23.58
CA GLU A 170 -27.25 -18.93 22.50
C GLU A 170 -27.75 -19.98 21.49
N GLU A 171 -27.05 -20.04 20.34
CA GLU A 171 -27.41 -20.93 19.21
C GLU A 171 -27.01 -22.37 19.43
N GLN A 172 -28.01 -23.21 19.64
CA GLN A 172 -27.73 -24.61 19.86
C GLN A 172 -26.85 -25.19 18.74
N ARG A 173 -26.15 -26.26 19.09
CA ARG A 173 -25.28 -27.02 18.17
C ARG A 173 -25.12 -28.37 18.81
N CYS A 174 -24.68 -29.36 18.04
CA CYS A 174 -24.54 -30.73 18.58
C CYS A 174 -23.24 -31.15 19.29
N VAL A 175 -22.37 -31.89 18.61
CA VAL A 175 -21.12 -32.30 19.22
C VAL A 175 -19.98 -31.38 18.79
N VAL A 176 -18.87 -31.43 19.54
CA VAL A 176 -17.66 -30.69 19.19
C VAL A 176 -16.74 -31.81 18.67
N ASN A 177 -16.78 -32.04 17.36
CA ASN A 177 -16.00 -33.09 16.69
C ASN A 177 -14.58 -33.45 17.24
N VAL A 178 -14.12 -34.63 16.82
CA VAL A 178 -12.85 -35.24 17.21
C VAL A 178 -11.60 -34.35 17.19
N CYS A 179 -10.54 -34.86 17.83
CA CYS A 179 -9.24 -34.20 17.86
C CYS A 179 -8.36 -35.07 16.91
N GLN A 180 -8.28 -34.70 15.63
CA GLN A 180 -7.45 -35.44 14.64
C GLN A 180 -6.02 -35.47 15.19
N PRO A 181 -5.22 -36.47 14.79
CA PRO A 181 -3.86 -36.49 15.31
C PRO A 181 -2.95 -35.61 14.47
N GLY A 182 -2.11 -36.22 13.62
CA GLY A 182 -1.17 -35.43 12.82
C GLY A 182 -0.47 -36.16 11.69
N ASP A 183 -0.89 -37.40 11.41
CA ASP A 183 -0.31 -38.21 10.33
C ASP A 183 -1.30 -38.19 9.13
N ASN A 184 -2.55 -37.86 9.46
CA ASN A 184 -3.69 -37.74 8.54
C ASN A 184 -3.92 -36.23 8.47
N LEU A 185 -2.82 -35.50 8.59
CA LEU A 185 -2.80 -34.04 8.60
C LEU A 185 -2.56 -33.68 7.17
N LEU A 186 -3.52 -33.04 6.53
CA LEU A 186 -3.25 -32.58 5.20
C LEU A 186 -2.79 -31.15 5.54
N ALA A 187 -2.11 -30.57 4.55
CA ALA A 187 -1.57 -29.22 4.58
C ALA A 187 -1.35 -28.56 5.91
N ALA A 188 -0.20 -27.90 6.02
CA ALA A 188 0.20 -27.23 7.24
C ALA A 188 1.06 -26.09 6.82
N GLY A 189 1.11 -25.06 7.65
CA GLY A 189 1.95 -23.93 7.34
C GLY A 189 1.77 -22.85 8.37
N TYR A 190 2.51 -21.77 8.22
CA TYR A 190 2.44 -20.64 9.14
C TYR A 190 2.79 -19.41 8.33
N CYS A 191 2.62 -18.21 8.88
CA CYS A 191 2.97 -17.00 8.14
C CYS A 191 3.61 -16.01 9.06
N MET A 192 4.92 -15.96 9.06
CA MET A 192 5.68 -15.10 9.97
C MET A 192 5.65 -13.57 9.84
N TYR A 193 4.76 -12.89 10.56
CA TYR A 193 4.72 -11.44 10.43
C TYR A 193 5.97 -10.82 11.04
N SER A 194 7.02 -10.68 10.26
CA SER A 194 8.25 -10.12 10.75
C SER A 194 9.26 -9.80 9.63
N SER A 195 9.62 -8.50 9.48
CA SER A 195 10.58 -8.03 8.46
C SER A 195 10.03 -8.23 7.04
N SER A 196 9.41 -9.37 6.84
CA SER A 196 8.77 -9.74 5.61
C SER A 196 7.59 -10.47 6.19
N VAL A 197 6.75 -10.99 5.33
CA VAL A 197 5.64 -11.75 5.83
C VAL A 197 5.62 -12.91 4.89
N ILE A 198 6.50 -13.85 5.15
CA ILE A 198 6.68 -15.04 4.34
C ILE A 198 5.57 -16.08 4.62
N PHE A 199 4.76 -16.42 3.62
CA PHE A 199 3.72 -17.46 3.78
C PHE A 199 4.45 -18.77 3.61
N VAL A 200 4.33 -19.66 4.58
CA VAL A 200 5.05 -20.91 4.43
C VAL A 200 4.05 -22.01 4.58
N LEU A 201 4.00 -22.91 3.60
CA LEU A 201 3.06 -24.02 3.62
C LEU A 201 3.67 -25.26 2.99
N THR A 202 3.02 -26.40 3.20
CA THR A 202 3.44 -27.71 2.68
C THR A 202 2.22 -28.62 2.47
N ILE A 203 2.49 -29.82 1.96
CA ILE A 203 1.46 -30.81 1.71
C ILE A 203 2.25 -32.09 1.55
N GLY A 204 1.59 -33.21 1.39
CA GLY A 204 2.34 -34.44 1.23
C GLY A 204 3.24 -34.61 0.00
N LYS A 205 3.87 -33.55 -0.51
CA LYS A 205 4.77 -33.63 -1.68
C LYS A 205 5.86 -32.54 -1.78
N GLY A 206 5.99 -31.70 -0.75
CA GLY A 206 7.03 -30.66 -0.75
C GLY A 206 6.81 -29.52 0.24
N VAL A 207 7.84 -28.68 0.48
CA VAL A 207 7.70 -27.52 1.40
C VAL A 207 7.83 -26.24 0.57
N TYR A 208 6.97 -25.26 0.74
CA TYR A 208 7.12 -24.07 -0.06
C TYR A 208 6.95 -22.80 0.75
N ALA A 209 7.69 -21.76 0.36
CA ALA A 209 7.67 -20.44 1.05
C ALA A 209 7.44 -19.28 0.10
N PHE A 210 6.65 -18.29 0.54
CA PHE A 210 6.31 -17.11 -0.28
C PHE A 210 6.51 -15.78 0.51
N THR A 211 7.07 -14.74 -0.12
CA THR A 211 7.30 -13.42 0.50
C THR A 211 6.15 -12.56 0.06
N LEU A 212 5.74 -11.59 0.88
CA LEU A 212 4.61 -10.71 0.53
C LEU A 212 5.10 -9.46 -0.13
N ASP A 213 5.26 -9.51 -1.46
CA ASP A 213 5.67 -8.34 -2.28
C ASP A 213 4.72 -7.23 -1.80
N PRO A 214 5.18 -6.30 -0.95
CA PRO A 214 4.45 -5.18 -0.36
C PRO A 214 3.59 -4.29 -1.29
N MET A 215 4.18 -3.78 -2.39
CA MET A 215 3.45 -2.92 -3.34
C MET A 215 2.20 -3.62 -3.81
N TYR A 216 2.32 -4.52 -4.79
CA TYR A 216 1.13 -5.20 -5.31
C TYR A 216 0.43 -6.16 -4.39
N GLY A 217 0.60 -5.99 -3.07
CA GLY A 217 0.00 -6.84 -2.05
C GLY A 217 -0.19 -8.29 -2.43
N GLU A 218 0.80 -8.93 -3.07
CA GLU A 218 0.64 -10.33 -3.47
C GLU A 218 1.80 -11.15 -2.97
N PHE A 219 1.55 -12.40 -2.57
CA PHE A 219 2.56 -13.34 -2.01
C PHE A 219 3.32 -14.04 -3.13
N VAL A 220 4.47 -13.55 -3.56
CA VAL A 220 5.21 -14.24 -4.63
C VAL A 220 5.92 -15.50 -4.12
N LEU A 221 6.13 -16.50 -4.97
CA LEU A 221 6.81 -17.71 -4.55
C LEU A 221 8.24 -17.34 -4.23
N THR A 222 8.66 -17.43 -2.97
CA THR A 222 10.04 -17.09 -2.65
C THR A 222 10.99 -18.29 -2.56
N SER A 223 10.50 -19.45 -2.15
CA SER A 223 11.33 -20.65 -2.05
C SER A 223 10.66 -21.99 -2.33
N GLU A 224 11.28 -22.70 -3.25
CA GLU A 224 10.82 -24.01 -3.67
C GLU A 224 11.47 -25.12 -2.89
N LYS A 225 10.66 -25.76 -2.07
CA LYS A 225 11.06 -26.90 -1.25
C LYS A 225 12.37 -26.76 -0.45
N ILE A 226 12.41 -25.72 0.37
CA ILE A 226 13.57 -25.42 1.20
C ILE A 226 13.80 -26.50 2.24
N GLN A 227 14.72 -27.43 1.96
CA GLN A 227 15.10 -28.57 2.82
C GLN A 227 16.16 -28.12 3.82
N ILE A 228 15.93 -28.43 5.10
CA ILE A 228 16.84 -28.05 6.19
C ILE A 228 18.21 -28.72 5.95
N PRO A 229 19.33 -28.06 6.33
CA PRO A 229 20.67 -28.62 6.15
C PRO A 229 20.83 -29.64 7.24
N LYS A 230 21.91 -30.46 7.19
CA LYS A 230 22.18 -31.54 8.18
C LYS A 230 22.87 -31.12 9.46
N ALA A 231 23.89 -30.27 9.34
CA ALA A 231 24.61 -29.79 10.52
C ALA A 231 24.00 -28.44 10.83
N GLY A 232 23.38 -28.31 12.01
CA GLY A 232 22.76 -27.06 12.36
C GLY A 232 23.36 -26.68 13.67
N LYS A 233 24.43 -25.91 13.64
CA LYS A 233 25.12 -25.52 14.86
C LYS A 233 24.60 -24.25 15.58
N ILE A 234 23.29 -24.23 15.91
CA ILE A 234 22.63 -23.08 16.61
C ILE A 234 21.69 -23.64 17.70
N TYR A 235 21.53 -22.94 18.81
CA TYR A 235 20.67 -23.51 19.83
C TYR A 235 19.76 -22.44 20.40
N SER A 236 18.46 -22.72 20.37
CA SER A 236 17.45 -21.78 20.82
C SER A 236 16.71 -22.37 22.00
N PHE A 237 17.08 -21.92 23.20
CA PHE A 237 16.48 -22.39 24.47
C PHE A 237 16.44 -21.20 25.43
N ASN A 238 15.36 -21.06 26.19
CA ASN A 238 15.24 -19.93 27.14
C ASN A 238 16.05 -20.19 28.44
N GLU A 239 17.36 -20.16 28.36
CA GLU A 239 18.17 -20.43 29.52
C GLU A 239 17.72 -19.67 30.78
N GLY A 240 17.11 -18.51 30.63
CA GLY A 240 16.68 -17.71 31.77
C GLY A 240 16.05 -18.42 32.95
N ASN A 241 15.31 -19.48 32.68
CA ASN A 241 14.71 -20.25 33.78
C ASN A 241 15.44 -21.59 33.89
N TYR A 242 16.76 -21.54 33.76
CA TYR A 242 17.66 -22.70 33.84
C TYR A 242 17.56 -23.51 35.15
N LYS A 243 17.57 -22.81 36.28
CA LYS A 243 17.49 -23.41 37.61
C LYS A 243 16.04 -23.98 37.79
N MET A 244 15.53 -24.62 36.74
CA MET A 244 14.20 -25.20 36.78
C MET A 244 14.24 -26.40 35.87
N TRP A 245 15.17 -26.43 34.91
CA TRP A 245 15.26 -27.58 34.04
C TRP A 245 15.89 -28.73 34.89
N PRO A 246 15.47 -30.00 34.67
CA PRO A 246 16.05 -31.08 35.45
C PRO A 246 17.55 -31.17 35.15
N ASP A 247 18.30 -31.74 36.09
CA ASP A 247 19.74 -31.89 35.96
C ASP A 247 19.98 -32.58 34.64
N LYS A 248 19.30 -33.71 34.40
CA LYS A 248 19.52 -34.48 33.15
C LYS A 248 19.51 -33.51 31.98
N LEU A 249 18.45 -32.69 31.88
CA LEU A 249 18.33 -31.73 30.78
C LEU A 249 19.42 -30.66 30.88
N LYS A 250 19.76 -30.26 32.11
CA LYS A 250 20.79 -29.26 32.40
C LYS A 250 22.10 -29.77 31.73
N LYS A 251 22.19 -31.09 31.58
CA LYS A 251 23.36 -31.72 30.94
C LYS A 251 23.43 -31.44 29.45
N TYR A 252 22.32 -30.95 28.86
CA TYR A 252 22.24 -30.62 27.43
C TYR A 252 22.70 -29.20 27.34
N MET A 253 22.04 -28.34 28.09
CA MET A 253 22.40 -26.92 28.03
C MET A 253 23.89 -26.64 28.34
N ASP A 254 24.30 -26.62 29.61
CA ASP A 254 25.68 -26.29 29.98
C ASP A 254 26.79 -27.01 29.20
N ASP A 255 26.49 -28.16 28.62
CA ASP A 255 27.46 -28.92 27.86
C ASP A 255 27.60 -28.54 26.38
N LEU A 256 26.51 -28.17 25.66
CA LEU A 256 26.67 -27.80 24.22
C LEU A 256 27.48 -26.53 23.91
N LYS A 257 27.63 -25.67 24.93
CA LYS A 257 28.38 -24.42 24.83
C LYS A 257 29.84 -24.65 25.29
N GLU A 258 30.21 -25.92 25.54
CA GLU A 258 31.60 -26.29 25.93
C GLU A 258 32.01 -27.21 24.77
N PRO A 259 32.38 -26.65 23.61
CA PRO A 259 32.75 -27.52 22.47
C PRO A 259 33.45 -28.87 22.79
N GLY A 260 34.69 -28.83 23.25
CA GLY A 260 35.36 -30.08 23.52
C GLY A 260 36.40 -30.45 22.48
N GLU A 261 36.63 -29.55 21.49
CA GLU A 261 37.64 -29.72 20.41
C GLU A 261 37.74 -28.33 19.76
N SER A 262 38.82 -28.05 19.05
CA SER A 262 38.95 -26.75 18.39
C SER A 262 37.88 -26.63 17.25
N GLN A 263 36.74 -26.03 17.59
CA GLN A 263 35.66 -25.84 16.61
C GLN A 263 34.77 -24.72 17.07
N LYS A 264 33.72 -24.44 16.31
CA LYS A 264 32.78 -23.37 16.68
C LYS A 264 31.87 -23.95 17.74
N PRO A 265 31.35 -23.09 18.61
CA PRO A 265 30.43 -23.53 19.68
C PRO A 265 29.05 -23.27 19.10
N TYR A 266 28.03 -23.81 19.74
CA TYR A 266 26.69 -23.53 19.24
C TYR A 266 26.28 -22.10 19.67
N SER A 267 26.10 -21.18 18.72
CA SER A 267 25.69 -19.80 19.02
C SER A 267 24.24 -19.89 19.41
N SER A 268 23.81 -19.15 20.43
CA SER A 268 22.40 -19.24 20.80
C SER A 268 21.58 -18.07 20.25
N ARG A 269 20.35 -18.34 19.82
CA ARG A 269 19.46 -17.31 19.35
C ARG A 269 18.10 -17.69 19.96
N TYR A 270 17.49 -16.71 20.61
CA TYR A 270 16.17 -16.85 21.21
C TYR A 270 15.58 -15.44 20.99
N ILE A 271 14.68 -15.35 19.99
CA ILE A 271 14.01 -14.09 19.62
C ILE A 271 12.83 -13.95 20.51
N GLY A 272 12.20 -15.09 20.78
CA GLY A 272 11.02 -15.13 21.60
C GLY A 272 9.98 -15.86 20.78
N SER A 273 9.40 -15.15 19.80
CA SER A 273 8.37 -15.73 18.94
C SER A 273 8.67 -17.10 18.37
N LEU A 274 7.67 -17.97 18.47
CA LEU A 274 7.70 -19.35 18.01
C LEU A 274 7.90 -19.49 16.53
N VAL A 275 7.33 -18.57 15.76
CA VAL A 275 7.47 -18.59 14.31
C VAL A 275 8.81 -17.96 13.99
N GLY A 276 9.07 -16.84 14.65
CA GLY A 276 10.30 -16.11 14.45
C GLY A 276 11.43 -17.10 14.61
N ASP A 277 11.39 -17.84 15.72
CA ASP A 277 12.38 -18.88 16.04
C ASP A 277 12.23 -20.08 15.17
N PHE A 278 11.01 -20.54 14.90
CA PHE A 278 10.92 -21.71 14.04
C PHE A 278 11.19 -21.44 12.57
N HIS A 279 11.42 -20.19 12.21
CA HIS A 279 11.75 -19.90 10.82
C HIS A 279 13.25 -19.78 10.72
N ARG A 280 13.87 -19.20 11.74
CA ARG A 280 15.33 -19.05 11.73
C ARG A 280 15.91 -20.43 11.63
N THR A 281 15.44 -21.33 12.50
CA THR A 281 15.89 -22.70 12.48
C THR A 281 15.68 -23.40 11.13
N LEU A 282 14.39 -23.50 10.72
CA LEU A 282 13.96 -24.12 9.46
C LEU A 282 14.85 -23.77 8.27
N LEU A 283 15.23 -22.50 8.14
CA LEU A 283 16.08 -22.12 7.04
C LEU A 283 17.52 -22.40 7.45
N TYR A 284 17.87 -22.28 8.74
CA TYR A 284 19.28 -22.44 9.18
C TYR A 284 19.72 -23.64 10.04
N GLY A 285 18.93 -24.70 10.11
CA GLY A 285 19.37 -25.81 10.93
C GLY A 285 19.33 -25.40 12.38
N GLY A 286 19.92 -26.23 13.23
CA GLY A 286 19.92 -25.90 14.63
C GLY A 286 18.87 -26.68 15.37
N ILE A 287 18.48 -26.17 16.54
CA ILE A 287 17.48 -26.81 17.37
C ILE A 287 16.89 -25.79 18.35
N TYR A 288 15.58 -25.55 18.20
CA TYR A 288 14.81 -24.65 19.06
C TYR A 288 14.14 -25.67 19.95
N GLY A 289 13.79 -25.27 21.16
CA GLY A 289 13.12 -26.17 22.09
C GLY A 289 12.60 -25.37 23.25
N TYR A 290 11.69 -25.95 24.00
CA TYR A 290 11.12 -25.26 25.13
C TYR A 290 10.70 -26.48 25.89
N PRO A 291 11.08 -26.60 27.18
CA PRO A 291 10.66 -27.81 27.86
C PRO A 291 10.16 -27.71 29.28
N ARG A 292 9.94 -28.90 29.86
CA ARG A 292 9.45 -29.09 31.22
C ARG A 292 10.25 -28.23 32.24
N ASP A 293 9.63 -27.18 32.76
CA ASP A 293 10.26 -26.28 33.72
C ASP A 293 9.25 -25.72 34.78
N ALA A 294 9.22 -24.40 34.95
CA ALA A 294 8.29 -23.74 35.89
C ALA A 294 6.87 -24.39 35.87
N LYS A 295 6.28 -24.44 34.66
CA LYS A 295 4.93 -24.96 34.47
C LYS A 295 4.66 -26.33 35.02
N SER A 296 5.03 -27.35 34.26
CA SER A 296 4.85 -28.73 34.66
C SER A 296 5.35 -29.59 33.51
N LYS A 297 5.95 -30.74 33.83
CA LYS A 297 6.55 -31.60 32.81
C LYS A 297 5.65 -32.06 31.66
N ASN A 298 4.36 -31.73 31.74
CA ASN A 298 3.44 -32.07 30.65
C ASN A 298 3.88 -31.23 29.45
N GLY A 299 4.44 -30.04 29.76
CA GLY A 299 4.95 -29.14 28.75
C GLY A 299 4.92 -27.62 28.98
N LYS A 300 4.33 -26.93 27.99
CA LYS A 300 4.18 -25.47 27.95
C LYS A 300 3.37 -25.20 26.67
N LEU A 301 4.01 -25.33 25.50
CA LEU A 301 3.34 -25.14 24.23
C LEU A 301 2.24 -26.20 24.15
N ARG A 302 1.10 -25.88 23.51
CA ARG A 302 -0.04 -26.80 23.35
C ARG A 302 0.34 -27.88 22.34
N LEU A 303 -0.51 -28.89 22.23
CA LEU A 303 -0.20 -29.97 21.31
C LEU A 303 -0.80 -29.94 19.90
N LEU A 304 -2.12 -30.05 19.81
CA LEU A 304 -2.79 -30.05 18.51
C LEU A 304 -2.75 -28.71 17.84
N TYR A 305 -2.81 -27.64 18.62
CA TYR A 305 -2.90 -26.32 18.02
C TYR A 305 -1.66 -25.58 17.51
N GLU A 306 -0.48 -26.12 17.73
CA GLU A 306 0.71 -25.42 17.24
C GLU A 306 1.94 -26.30 17.23
N CYS A 307 2.04 -27.26 18.15
CA CYS A 307 3.18 -28.17 18.15
C CYS A 307 3.02 -29.08 16.96
N ALA A 308 1.81 -29.58 16.75
CA ALA A 308 1.55 -30.42 15.59
C ALA A 308 1.78 -29.70 14.22
N PRO A 309 1.10 -28.54 13.96
CA PRO A 309 1.26 -27.82 12.70
C PRO A 309 2.64 -27.42 12.27
N MET A 310 3.60 -27.39 13.19
CA MET A 310 4.99 -27.03 12.83
C MET A 310 5.91 -28.23 12.78
N SER A 311 5.51 -29.32 13.45
CA SER A 311 6.25 -30.58 13.46
C SER A 311 6.08 -31.30 12.11
N PHE A 312 5.03 -30.90 11.40
CA PHE A 312 4.72 -31.46 10.13
C PHE A 312 5.58 -30.84 9.05
N ILE A 313 5.88 -29.55 9.18
CA ILE A 313 6.63 -28.84 8.14
C ILE A 313 8.04 -29.27 8.00
N VAL A 314 8.81 -29.18 9.08
CA VAL A 314 10.22 -29.57 9.10
C VAL A 314 10.31 -31.09 8.87
N GLU A 315 9.26 -31.81 9.26
CA GLU A 315 9.23 -33.24 9.02
C GLU A 315 9.45 -33.41 7.51
N GLN A 316 8.73 -32.64 6.71
CA GLN A 316 8.93 -32.73 5.25
C GLN A 316 10.33 -32.23 4.97
N ALA A 317 10.62 -31.06 5.51
CA ALA A 317 11.92 -30.47 5.32
C ALA A 317 13.08 -31.39 5.77
N GLY A 318 12.81 -32.40 6.60
CA GLY A 318 13.87 -33.29 7.00
C GLY A 318 14.07 -33.42 8.50
N GLY A 319 14.27 -32.27 9.15
CA GLY A 319 14.48 -32.22 10.59
C GLY A 319 13.59 -33.10 11.42
N LYS A 320 13.68 -32.97 12.73
CA LYS A 320 12.83 -33.79 13.58
C LYS A 320 12.21 -32.97 14.63
N GLY A 321 11.25 -33.53 15.35
CA GLY A 321 10.59 -32.78 16.42
C GLY A 321 10.05 -33.78 17.44
N SER A 322 10.66 -33.82 18.63
CA SER A 322 10.27 -34.80 19.66
C SER A 322 10.28 -34.26 21.06
N ASP A 323 9.46 -34.87 21.91
CA ASP A 323 9.33 -34.48 23.31
C ASP A 323 10.38 -35.23 24.15
N GLY A 324 11.53 -35.53 23.51
CA GLY A 324 12.58 -36.30 24.16
C GLY A 324 12.27 -37.79 24.00
N HIS A 325 11.05 -38.20 24.36
CA HIS A 325 10.66 -39.61 24.20
C HIS A 325 10.43 -40.03 22.74
N GLN A 326 9.48 -39.36 22.06
CA GLN A 326 9.09 -39.66 20.67
C GLN A 326 8.69 -38.45 19.85
N ARG A 327 8.31 -38.71 18.59
CA ARG A 327 7.89 -37.69 17.63
C ARG A 327 6.58 -37.15 18.11
N ILE A 328 6.23 -35.93 17.69
CA ILE A 328 5.00 -35.26 18.17
C ILE A 328 3.69 -35.34 17.34
N LEU A 329 3.75 -36.00 16.18
CA LEU A 329 2.60 -36.20 15.30
C LEU A 329 2.25 -37.71 15.31
N ASP A 330 2.16 -38.26 16.52
CA ASP A 330 1.81 -39.67 16.79
C ASP A 330 0.98 -39.53 18.06
N ILE A 331 1.42 -38.65 18.95
CA ILE A 331 0.69 -38.46 20.18
C ILE A 331 -0.66 -37.87 19.80
N GLN A 332 -1.77 -38.56 20.08
CA GLN A 332 -3.08 -37.98 19.76
C GLN A 332 -3.62 -37.29 20.98
N PRO A 333 -3.67 -35.98 20.91
CA PRO A 333 -4.18 -35.20 22.04
C PRO A 333 -5.47 -35.81 22.52
N THR A 334 -5.87 -35.49 23.74
CA THR A 334 -7.14 -35.97 24.30
C THR A 334 -7.85 -34.81 25.08
N GLU A 335 -7.51 -33.58 24.68
CA GLU A 335 -8.10 -32.35 25.24
C GLU A 335 -7.59 -31.10 24.46
N ILE A 336 -8.44 -30.08 24.42
CA ILE A 336 -8.16 -28.88 23.64
C ILE A 336 -7.14 -27.88 24.19
N HIS A 337 -6.27 -28.29 25.11
CA HIS A 337 -5.26 -27.35 25.63
C HIS A 337 -3.97 -27.96 26.14
N GLN A 338 -4.03 -29.15 26.70
CA GLN A 338 -2.84 -29.79 27.27
C GLN A 338 -1.48 -29.50 26.70
N ARG A 339 -0.60 -28.94 27.53
CA ARG A 339 0.75 -28.60 27.08
C ARG A 339 1.67 -29.83 26.79
N VAL A 340 2.71 -29.63 25.99
CA VAL A 340 3.68 -30.68 25.64
C VAL A 340 5.06 -30.08 25.42
N PRO A 341 6.11 -30.72 25.95
CA PRO A 341 7.39 -30.07 25.68
C PRO A 341 7.70 -30.25 24.22
N LEU A 342 8.42 -29.29 23.66
CA LEU A 342 8.79 -29.35 22.26
C LEU A 342 10.30 -29.10 22.11
N TYR A 343 10.94 -29.88 21.24
CA TYR A 343 12.36 -29.76 20.93
C TYR A 343 12.34 -30.04 19.46
N ILE A 344 12.91 -29.15 18.67
CA ILE A 344 12.88 -29.33 17.25
C ILE A 344 13.95 -28.55 16.49
N GLY A 345 14.32 -29.10 15.33
CA GLY A 345 15.35 -28.56 14.46
C GLY A 345 15.87 -29.73 13.61
N SER A 346 17.18 -29.78 13.36
CA SER A 346 17.79 -30.84 12.54
C SER A 346 17.81 -32.23 13.14
N VAL A 347 17.90 -33.26 12.31
CA VAL A 347 17.91 -34.62 12.84
C VAL A 347 19.01 -34.79 13.92
N GLU A 348 20.26 -34.78 13.50
CA GLU A 348 21.39 -34.97 14.40
C GLU A 348 21.31 -34.21 15.71
N GLU A 349 20.78 -32.99 15.68
CA GLU A 349 20.67 -32.20 16.90
C GLU A 349 19.38 -32.46 17.66
N VAL A 350 18.50 -33.30 17.12
CA VAL A 350 17.27 -33.64 17.87
C VAL A 350 17.46 -35.03 18.48
N GLU A 351 17.90 -35.97 17.65
CA GLU A 351 18.16 -37.31 18.16
C GLU A 351 19.27 -37.17 19.23
N LYS A 352 20.22 -36.25 19.03
CA LYS A 352 21.29 -36.06 19.99
C LYS A 352 20.75 -35.82 21.41
N LEU A 353 20.17 -34.64 21.65
CA LEU A 353 19.62 -34.29 22.94
C LEU A 353 18.83 -35.39 23.60
N GLU A 354 18.15 -36.25 22.84
CA GLU A 354 17.34 -37.33 23.49
C GLU A 354 18.17 -38.34 24.31
N LYS A 355 19.48 -38.42 24.04
CA LYS A 355 20.33 -39.35 24.76
C LYS A 355 20.70 -38.80 26.14
N TYR A 356 20.03 -37.70 26.51
CA TYR A 356 20.24 -37.06 27.80
C TYR A 356 19.09 -37.33 28.76
N LEU A 357 17.86 -37.05 28.34
CA LEU A 357 16.70 -37.24 29.21
C LEU A 357 16.32 -38.73 29.40
N ALA A 358 17.11 -39.62 28.78
CA ALA A 358 16.86 -41.07 28.84
C ALA A 358 17.76 -41.69 29.89
N LYS B 11 -8.38 -0.74 15.88
CA LYS B 11 -7.50 -1.58 15.03
C LYS B 11 -6.65 -2.44 15.97
N ALA B 12 -5.36 -2.58 15.60
CA ALA B 12 -4.39 -3.35 16.38
C ALA B 12 -3.99 -2.59 17.63
N ARG B 13 -4.73 -2.83 18.70
CA ARG B 13 -4.52 -2.18 19.99
C ARG B 13 -4.53 -0.66 19.77
N THR B 14 -3.77 0.11 20.55
CA THR B 14 -3.73 1.57 20.43
C THR B 14 -4.01 2.04 18.98
N ARG B 15 -3.20 1.54 18.05
CA ARG B 15 -3.35 1.84 16.64
C ARG B 15 -3.54 3.33 16.32
N SER B 16 -4.46 3.63 15.38
CA SER B 16 -4.81 5.01 14.91
C SER B 16 -4.77 6.07 15.98
N LYS B 17 -5.00 5.63 17.21
CA LYS B 17 -5.00 6.52 18.35
C LYS B 17 -3.89 7.54 18.21
N TYR B 18 -2.79 7.12 17.58
CA TYR B 18 -1.64 8.00 17.42
C TYR B 18 -1.58 8.91 16.20
N GLU B 19 -2.30 8.59 15.10
CA GLU B 19 -2.26 9.37 13.82
C GLU B 19 -2.75 10.82 13.85
N ILE B 20 -1.95 11.64 14.52
CA ILE B 20 -2.17 13.03 14.70
C ILE B 20 -0.78 13.52 15.04
N GLU B 21 -0.27 14.35 14.16
CA GLU B 21 1.04 14.96 14.29
C GLU B 21 2.22 14.00 14.03
N THR B 22 2.47 13.81 12.74
CA THR B 22 3.53 12.98 12.22
C THR B 22 4.90 13.39 12.73
N LEU B 23 5.90 12.82 12.09
CA LEU B 23 7.27 13.13 12.37
C LEU B 23 7.43 14.64 12.22
N THR B 24 7.40 15.12 10.97
CA THR B 24 7.57 16.56 10.59
C THR B 24 6.70 17.52 11.32
N GLY B 25 5.61 17.02 11.86
CA GLY B 25 4.74 17.85 12.64
C GLY B 25 5.59 18.23 13.83
N TRP B 26 6.14 17.25 14.53
CA TRP B 26 7.00 17.54 15.66
C TRP B 26 8.26 18.26 15.20
N LEU B 27 8.98 17.71 14.22
CA LEU B 27 10.20 18.36 13.76
C LEU B 27 10.06 19.85 13.44
N LEU B 28 8.86 20.30 13.06
CA LEU B 28 8.66 21.72 12.78
C LEU B 28 8.23 22.39 14.05
N LYS B 29 7.75 21.57 14.97
CA LYS B 29 7.35 22.04 16.29
C LYS B 29 8.65 22.38 17.06
N GLN B 30 9.71 21.59 16.91
CA GLN B 30 10.97 21.87 17.61
C GLN B 30 11.52 23.29 17.32
N PRO B 31 11.72 23.67 16.04
CA PRO B 31 12.26 25.03 15.80
C PRO B 31 11.31 26.08 16.32
N MET B 32 10.05 25.89 15.99
CA MET B 32 9.04 26.83 16.43
C MET B 32 9.10 26.85 17.94
N ALA B 33 9.45 25.71 18.54
CA ALA B 33 9.53 25.59 19.99
C ALA B 33 10.96 25.60 20.56
N GLY B 34 11.97 25.96 19.74
CA GLY B 34 13.34 26.00 20.23
C GLY B 34 14.37 26.43 19.18
N VAL B 35 14.05 27.48 18.42
CA VAL B 35 14.90 28.00 17.33
C VAL B 35 15.93 27.10 16.61
N ILE B 36 15.65 25.79 16.56
CA ILE B 36 16.52 24.83 15.87
C ILE B 36 17.03 25.44 14.56
N ASP B 37 18.32 25.23 14.30
CA ASP B 37 18.99 25.66 13.08
C ASP B 37 18.10 24.96 12.10
N ALA B 38 17.14 25.69 11.50
CA ALA B 38 16.18 25.12 10.57
C ALA B 38 16.66 24.11 9.52
N GLU B 39 17.96 24.03 9.27
CA GLU B 39 18.48 23.03 8.33
C GLU B 39 18.42 21.64 8.94
N LEU B 40 18.58 21.53 10.26
CA LEU B 40 18.52 20.25 10.95
C LEU B 40 17.18 19.61 10.63
N THR B 41 16.16 20.42 10.36
CA THR B 41 14.88 19.83 10.03
C THR B 41 14.79 19.35 8.58
N ILE B 42 15.67 19.84 7.70
CA ILE B 42 15.58 19.31 6.35
C ILE B 42 16.26 17.93 6.40
N VAL B 43 17.51 17.83 6.86
CA VAL B 43 18.08 16.49 6.90
C VAL B 43 17.42 15.52 7.84
N LEU B 44 16.97 15.95 9.01
CA LEU B 44 16.30 15.00 9.91
C LEU B 44 15.02 14.55 9.26
N SER B 45 14.67 15.17 8.14
CA SER B 45 13.50 14.77 7.35
C SER B 45 13.94 13.92 6.15
N SER B 46 14.97 14.33 5.41
CA SER B 46 15.41 13.49 4.29
C SER B 46 15.85 12.14 4.85
N ILE B 47 15.98 12.06 6.17
CA ILE B 47 16.31 10.80 6.79
C ILE B 47 15.03 10.00 6.96
N SER B 48 13.89 10.59 7.39
CA SER B 48 12.65 9.82 7.53
C SER B 48 12.30 9.17 6.23
N LEU B 49 12.52 9.88 5.14
CA LEU B 49 12.24 9.34 3.81
C LEU B 49 13.32 8.31 3.52
N ALA B 50 14.58 8.72 3.40
CA ALA B 50 15.71 7.82 3.13
C ALA B 50 15.63 6.44 3.79
N CYS B 51 15.05 6.38 4.99
CA CYS B 51 14.82 5.17 5.81
C CYS B 51 13.58 4.44 5.27
N LYS B 52 12.48 5.15 5.09
CA LYS B 52 11.25 4.59 4.53
C LYS B 52 11.55 3.83 3.24
N GLN B 53 12.49 4.32 2.45
CA GLN B 53 12.93 3.68 1.20
C GLN B 53 13.50 2.31 1.53
N ILE B 54 14.65 2.29 2.23
CA ILE B 54 15.33 1.05 2.62
C ILE B 54 14.35 0.14 3.36
N ALA B 55 13.34 0.71 4.00
CA ALA B 55 12.35 -0.08 4.72
C ALA B 55 11.60 -0.99 3.76
N SER B 56 11.03 -0.46 2.67
CA SER B 56 10.38 -1.39 1.77
C SER B 56 11.34 -2.17 0.87
N LEU B 57 12.63 -1.84 1.01
CA LEU B 57 13.70 -2.54 0.30
C LEU B 57 14.09 -3.72 1.24
N VAL B 58 14.02 -3.50 2.56
CA VAL B 58 14.31 -4.55 3.53
C VAL B 58 13.09 -5.41 3.54
N GLN B 59 11.93 -4.82 3.26
CA GLN B 59 10.69 -5.59 3.28
C GLN B 59 10.62 -6.50 2.12
N ARG B 60 11.64 -6.43 1.28
CA ARG B 60 11.74 -7.25 0.09
C ARG B 60 10.68 -6.71 -0.84
N ALA B 61 11.03 -6.53 -2.10
CA ALA B 61 10.09 -5.95 -3.04
C ALA B 61 10.86 -5.62 -4.28
N LYS B 82 22.40 -7.77 -3.16
CA LYS B 82 22.91 -6.36 -3.01
C LYS B 82 21.90 -5.56 -2.22
N LEU B 83 22.34 -5.06 -1.07
CA LEU B 83 21.47 -4.29 -0.18
C LEU B 83 22.30 -3.49 0.82
N ASP B 84 23.34 -4.11 1.34
CA ASP B 84 24.21 -3.43 2.28
C ASP B 84 24.59 -2.05 1.76
N VAL B 85 24.82 -1.94 0.45
CA VAL B 85 25.22 -0.68 -0.18
C VAL B 85 24.10 0.11 -0.85
N VAL B 86 22.99 -0.57 -1.17
CA VAL B 86 21.84 0.09 -1.80
C VAL B 86 21.29 1.07 -0.79
N SER B 87 21.16 0.63 0.46
CA SER B 87 20.67 1.50 1.53
C SER B 87 21.55 2.76 1.62
N ASN B 88 22.81 2.67 1.21
CA ASN B 88 23.65 3.87 1.25
C ASN B 88 23.28 4.64 0.02
N GLU B 89 23.27 3.96 -1.13
CA GLU B 89 22.92 4.58 -2.43
C GLU B 89 21.55 5.18 -2.52
N VAL B 90 20.74 4.93 -1.50
CA VAL B 90 19.44 5.55 -1.41
C VAL B 90 19.84 6.81 -0.65
N PHE B 91 20.12 6.65 0.64
CA PHE B 91 20.53 7.73 1.54
C PHE B 91 21.34 8.83 0.89
N SER B 92 22.26 8.45 0.01
CA SER B 92 23.15 9.39 -0.66
C SER B 92 22.28 10.30 -1.46
N SER B 93 21.70 9.77 -2.54
CA SER B 93 20.83 10.56 -3.42
C SER B 93 19.74 11.32 -2.67
N CYS B 94 19.09 10.63 -1.73
CA CYS B 94 18.02 11.17 -0.91
C CYS B 94 18.53 12.23 0.05
N LEU B 95 19.79 12.62 -0.13
CA LEU B 95 20.44 13.64 0.68
C LEU B 95 21.37 14.50 -0.17
N ARG B 96 22.25 13.85 -0.97
CA ARG B 96 23.22 14.52 -1.89
C ARG B 96 22.55 15.72 -2.54
N SER B 97 21.24 15.57 -2.68
CA SER B 97 20.37 16.61 -3.17
C SER B 97 20.37 17.62 -2.02
N SER B 98 19.22 17.81 -1.37
CA SER B 98 19.05 18.77 -0.28
C SER B 98 20.32 19.09 0.50
N GLY B 99 20.76 18.12 1.30
CA GLY B 99 21.98 18.28 2.06
C GLY B 99 21.78 18.75 3.45
N ARG B 100 22.07 20.03 3.68
CA ARG B 100 21.93 20.70 4.98
C ARG B 100 23.08 20.34 5.90
N THR B 101 23.50 19.09 5.80
CA THR B 101 24.57 18.61 6.61
C THR B 101 25.87 19.14 6.05
N GLY B 102 26.29 18.63 4.90
CA GLY B 102 27.56 19.06 4.37
C GLY B 102 28.24 17.77 4.02
N ILE B 103 28.19 16.81 4.95
CA ILE B 103 28.80 15.50 4.75
C ILE B 103 27.99 14.37 5.40
N ILE B 104 28.17 13.17 4.89
CA ILE B 104 27.49 11.99 5.38
C ILE B 104 28.52 10.85 5.29
N ALA B 105 28.30 9.74 6.01
CA ALA B 105 29.23 8.61 5.98
C ALA B 105 28.52 7.25 6.09
N SER B 106 29.26 6.19 6.45
CA SER B 106 28.67 4.84 6.57
C SER B 106 29.40 3.83 7.52
N GLU B 107 29.15 2.55 7.24
CA GLU B 107 29.71 1.43 7.95
C GLU B 107 31.06 1.09 7.35
N GLU B 108 31.14 1.12 6.02
CA GLU B 108 32.38 0.75 5.35
C GLU B 108 33.21 1.91 4.83
N GLU B 109 32.65 3.12 4.87
CA GLU B 109 33.37 4.28 4.39
C GLU B 109 34.36 4.83 5.44
N ASP B 110 35.59 4.32 5.37
CA ASP B 110 36.71 4.77 6.22
C ASP B 110 37.16 6.11 5.60
N VAL B 111 36.32 6.65 4.72
CA VAL B 111 36.59 7.91 4.02
C VAL B 111 35.28 8.70 3.96
N PRO B 112 34.74 9.10 5.13
CA PRO B 112 33.50 9.87 5.27
C PRO B 112 33.21 10.63 4.01
N VAL B 113 32.14 10.22 3.32
CA VAL B 113 31.74 10.82 2.06
C VAL B 113 31.35 12.26 2.26
N ALA B 114 32.32 13.12 2.02
CA ALA B 114 32.14 14.57 2.11
C ALA B 114 31.42 15.00 0.83
N VAL B 115 30.08 15.04 0.88
CA VAL B 115 29.29 15.42 -0.29
C VAL B 115 29.48 16.90 -0.64
N GLU B 116 30.67 17.24 -1.14
CA GLU B 116 31.02 18.60 -1.49
C GLU B 116 31.11 19.46 -0.25
N GLU B 117 32.20 20.22 -0.13
CA GLU B 117 32.36 21.14 1.00
C GLU B 117 31.39 22.28 0.72
N SER B 118 31.09 22.42 -0.58
CA SER B 118 30.21 23.45 -1.09
C SER B 118 28.76 23.44 -0.58
N TYR B 119 28.16 22.26 -0.40
CA TYR B 119 26.75 22.26 0.05
C TYR B 119 26.38 22.58 1.49
N SER B 120 27.33 22.83 2.38
CA SER B 120 26.97 23.16 3.77
C SER B 120 28.10 23.68 4.68
N GLY B 121 27.94 23.57 6.00
CA GLY B 121 28.99 24.02 6.86
C GLY B 121 29.08 23.42 8.25
N ASN B 122 27.95 23.39 8.94
CA ASN B 122 27.86 22.96 10.33
C ASN B 122 27.18 21.63 10.71
N TYR B 123 27.25 20.60 9.85
CA TYR B 123 26.72 19.27 10.17
C TYR B 123 27.49 18.15 9.51
N ILE B 124 27.48 16.97 10.16
CA ILE B 124 28.16 15.76 9.65
C ILE B 124 27.23 14.66 10.15
N VAL B 125 26.42 14.02 9.29
CA VAL B 125 25.47 12.98 9.75
C VAL B 125 25.79 11.50 9.45
N VAL B 126 26.78 10.92 10.17
CA VAL B 126 27.20 9.52 9.93
C VAL B 126 25.99 8.62 9.85
N PHE B 127 25.92 7.80 8.81
CA PHE B 127 24.78 6.92 8.68
C PHE B 127 25.12 5.49 8.43
N ASP B 128 24.74 4.61 9.35
CA ASP B 128 25.00 3.21 9.19
C ASP B 128 23.86 2.50 8.45
N PRO B 129 24.07 2.10 7.18
CA PRO B 129 23.09 1.41 6.38
C PRO B 129 22.23 0.47 7.15
N LEU B 130 22.84 -0.55 7.70
CA LEU B 130 22.09 -1.52 8.50
C LEU B 130 22.99 -2.05 9.60
N ASP B 131 22.53 -3.08 10.31
CA ASP B 131 23.34 -3.69 11.33
C ASP B 131 22.90 -5.14 11.47
N GLY B 132 23.86 -6.05 11.65
CA GLY B 132 23.51 -7.45 11.79
C GLY B 132 23.16 -7.93 10.41
N SER B 133 23.99 -7.56 9.45
CA SER B 133 23.81 -7.88 8.04
C SER B 133 23.69 -9.37 7.56
N SER B 134 23.71 -10.34 8.48
CA SER B 134 23.66 -11.77 8.14
C SER B 134 22.26 -12.45 8.21
N ASN B 135 21.66 -12.51 9.38
CA ASN B 135 20.35 -13.14 9.50
C ASN B 135 19.28 -12.24 8.86
N ILE B 136 19.69 -11.36 7.94
CA ILE B 136 18.68 -10.53 7.23
C ILE B 136 18.35 -11.35 5.98
N ASP B 137 19.24 -12.31 5.66
CA ASP B 137 19.07 -13.17 4.48
C ASP B 137 17.87 -14.10 4.71
N ALA B 138 17.52 -14.35 5.96
CA ALA B 138 16.34 -15.17 6.16
C ALA B 138 15.27 -14.14 6.39
N ALA B 139 15.63 -13.11 7.17
CA ALA B 139 14.76 -11.97 7.46
C ALA B 139 13.81 -11.99 8.64
N VAL B 140 14.22 -11.33 9.73
CA VAL B 140 13.40 -11.20 10.93
C VAL B 140 13.44 -9.75 11.38
N SER B 141 14.65 -9.17 11.45
CA SER B 141 14.81 -7.77 11.90
C SER B 141 16.09 -7.16 11.35
N THR B 142 16.24 -5.83 11.46
CA THR B 142 17.42 -5.09 10.96
C THR B 142 17.25 -3.66 11.41
N GLY B 143 18.18 -2.77 11.04
CA GLY B 143 18.04 -1.39 11.47
C GLY B 143 19.13 -0.46 10.96
N SER B 144 18.76 0.79 10.70
CA SER B 144 19.68 1.80 10.22
C SER B 144 19.88 2.66 11.42
N ILE B 145 21.10 3.18 11.59
CA ILE B 145 21.47 4.00 12.78
C ILE B 145 22.21 5.21 12.29
N PHE B 146 22.16 6.34 13.01
CA PHE B 146 22.83 7.53 12.56
C PHE B 146 23.13 8.53 13.66
N GLY B 147 23.93 9.56 13.37
CA GLY B 147 24.24 10.56 14.39
C GLY B 147 24.64 11.89 13.77
N ILE B 148 24.01 12.97 14.18
CA ILE B 148 24.34 14.27 13.62
C ILE B 148 25.49 14.83 14.47
N TYR B 149 26.61 15.22 13.87
CA TYR B 149 27.73 15.77 14.62
C TYR B 149 27.95 17.18 14.12
N SER B 150 27.79 18.20 14.96
CA SER B 150 28.05 19.57 14.52
C SER B 150 29.55 19.76 14.69
N PRO B 151 30.32 19.72 13.60
CA PRO B 151 31.79 19.85 13.60
C PRO B 151 32.31 21.22 13.96
N ASN B 152 32.95 21.33 15.13
CA ASN B 152 33.55 22.58 15.59
C ASN B 152 34.74 22.73 14.66
N ASP B 153 35.26 21.59 14.23
CA ASP B 153 36.41 21.53 13.33
C ASP B 153 35.87 21.22 11.92
N GLU B 154 36.58 21.69 10.88
CA GLU B 154 36.07 21.45 9.51
C GLU B 154 37.13 21.06 8.50
N CYS B 155 37.69 22.05 7.80
CA CYS B 155 38.71 21.78 6.78
C CYS B 155 37.95 21.28 5.53
N ILE B 156 38.65 21.08 4.41
CA ILE B 156 37.99 20.57 3.20
C ILE B 156 37.99 19.05 3.06
N VAL B 157 38.38 18.57 1.85
CA VAL B 157 38.44 17.13 1.47
C VAL B 157 39.35 16.81 0.23
N ASP B 158 38.83 16.11 -0.78
CA ASP B 158 39.64 15.77 -1.97
C ASP B 158 40.80 14.86 -1.50
N SER B 159 41.87 14.76 -2.29
CA SER B 159 43.04 13.96 -1.95
C SER B 159 42.86 12.44 -1.99
N ASP B 160 43.22 11.83 -3.13
CA ASP B 160 43.18 10.36 -3.29
C ASP B 160 44.36 9.82 -4.16
N HIS B 161 45.50 10.53 -4.18
CA HIS B 161 46.72 10.15 -4.96
C HIS B 161 46.73 8.75 -5.59
N ASP B 162 46.80 8.75 -6.91
CA ASP B 162 46.72 7.54 -7.72
C ASP B 162 48.00 6.88 -8.30
N ASP B 163 47.88 5.57 -8.61
CA ASP B 163 48.91 4.68 -9.18
C ASP B 163 49.91 5.44 -10.06
N GLU B 164 50.97 5.94 -9.42
CA GLU B 164 52.03 6.62 -10.17
C GLU B 164 53.36 6.27 -9.52
N SER B 165 54.34 7.18 -9.53
CA SER B 165 55.69 6.94 -8.98
C SER B 165 56.14 7.36 -7.60
N GLN B 166 56.22 6.37 -6.71
CA GLN B 166 56.70 6.51 -5.34
C GLN B 166 56.43 5.36 -4.38
N LEU B 167 57.32 5.19 -3.40
CA LEU B 167 57.23 4.09 -2.44
C LEU B 167 56.52 4.32 -1.08
N SER B 168 56.60 3.37 -0.15
CA SER B 168 55.89 3.52 1.14
C SER B 168 56.40 4.68 2.00
N ALA B 169 55.52 5.14 2.90
CA ALA B 169 55.80 6.24 3.84
C ALA B 169 54.48 6.96 4.16
N GLU B 170 53.42 6.20 4.37
CA GLU B 170 52.14 6.84 4.65
C GLU B 170 52.28 7.85 5.79
N GLU B 171 52.06 9.12 5.43
CA GLU B 171 52.05 10.20 6.43
C GLU B 171 50.61 10.69 6.37
N GLN B 172 49.69 9.76 6.08
CA GLN B 172 48.27 10.06 5.89
C GLN B 172 47.30 9.49 6.92
N ARG B 173 46.12 10.09 7.00
CA ARG B 173 45.04 9.62 7.87
C ARG B 173 43.77 9.50 7.03
N CYS B 174 43.76 10.22 5.89
CA CYS B 174 42.61 10.21 5.00
C CYS B 174 41.58 11.11 5.66
N VAL B 175 40.33 10.99 5.20
CA VAL B 175 39.24 11.77 5.72
C VAL B 175 38.68 11.08 6.96
N VAL B 176 38.57 11.81 8.05
CA VAL B 176 38.08 11.25 9.28
C VAL B 176 37.30 12.14 10.29
N ASN B 177 38.07 12.79 11.20
CA ASN B 177 37.56 13.62 12.33
C ASN B 177 36.44 12.92 13.06
N VAL B 178 36.14 11.68 12.66
CA VAL B 178 35.08 10.92 13.32
C VAL B 178 35.79 10.58 14.62
N CYS B 179 35.80 11.55 15.53
CA CYS B 179 36.56 11.41 16.75
C CYS B 179 36.07 12.16 17.97
N GLN B 180 34.78 12.49 18.09
CA GLN B 180 34.35 13.22 19.29
C GLN B 180 32.88 13.14 19.65
N PRO B 181 32.44 12.03 20.27
CA PRO B 181 31.05 11.80 20.68
C PRO B 181 30.83 12.54 21.97
N GLY B 182 29.65 12.37 22.60
CA GLY B 182 29.37 13.07 23.85
C GLY B 182 29.39 14.58 23.67
N ASP B 183 30.56 15.14 23.37
CA ASP B 183 30.66 16.55 23.12
C ASP B 183 29.84 16.96 21.92
N ASN B 184 30.12 16.40 20.74
CA ASN B 184 29.40 16.80 19.50
C ASN B 184 28.07 16.11 19.08
N LEU B 185 27.66 14.99 19.68
CA LEU B 185 26.41 14.37 19.23
C LEU B 185 25.22 15.23 19.54
N LEU B 186 24.61 15.79 18.51
CA LEU B 186 23.46 16.65 18.68
C LEU B 186 22.19 15.85 18.72
N ALA B 187 22.05 14.82 17.89
CA ALA B 187 20.81 14.05 17.89
C ALA B 187 21.16 12.63 17.59
N ALA B 188 20.28 11.68 17.82
CA ALA B 188 20.70 10.34 17.53
C ALA B 188 19.52 9.47 17.50
N GLY B 189 19.49 8.46 16.67
CA GLY B 189 18.34 7.59 16.66
C GLY B 189 18.62 6.45 15.74
N TYR B 190 17.71 5.48 15.66
CA TYR B 190 17.90 4.36 14.76
C TYR B 190 16.57 4.16 14.17
N CYS B 191 16.44 3.20 13.27
CA CYS B 191 15.17 2.96 12.66
C CYS B 191 15.08 1.48 12.57
N MET B 192 14.08 0.89 13.21
CA MET B 192 13.94 -0.54 13.21
C MET B 192 13.05 -1.00 12.08
N TYR B 193 13.47 -1.98 11.28
CA TYR B 193 12.67 -2.50 10.19
C TYR B 193 12.25 -3.91 10.54
N SER B 194 11.08 -4.11 11.15
CA SER B 194 10.65 -5.48 11.50
C SER B 194 9.32 -5.53 12.27
N SER B 195 8.27 -6.08 11.67
CA SER B 195 6.95 -6.14 12.31
C SER B 195 6.29 -4.76 12.43
N SER B 196 7.11 -3.72 12.25
CA SER B 196 6.68 -2.33 12.23
C SER B 196 7.93 -1.58 11.77
N VAL B 197 7.84 -0.31 11.42
CA VAL B 197 9.10 0.34 11.04
C VAL B 197 9.21 1.51 11.99
N ILE B 198 9.41 1.19 13.27
CA ILE B 198 9.50 2.19 14.34
C ILE B 198 10.82 2.91 14.27
N PHE B 199 10.77 4.22 13.98
CA PHE B 199 11.93 5.12 13.93
C PHE B 199 11.97 5.47 15.42
N VAL B 200 13.05 6.04 15.94
CA VAL B 200 13.14 6.44 17.38
C VAL B 200 14.19 7.52 17.39
N LEU B 201 13.97 8.62 18.08
CA LEU B 201 14.96 9.68 18.04
C LEU B 201 14.99 10.54 19.27
N THR B 202 16.11 11.23 19.45
CA THR B 202 16.38 12.10 20.59
C THR B 202 17.20 13.24 20.09
N ILE B 203 17.02 14.42 20.68
CA ILE B 203 17.77 15.61 20.29
C ILE B 203 18.18 16.36 21.57
N GLY B 204 18.08 15.68 22.70
CA GLY B 204 18.46 16.28 23.99
C GLY B 204 17.37 16.17 25.04
N LYS B 205 16.21 16.72 24.69
CA LYS B 205 15.02 16.69 25.52
C LYS B 205 14.25 15.41 25.17
N GLY B 206 14.61 14.32 25.86
CA GLY B 206 13.98 13.00 25.76
C GLY B 206 14.00 12.22 24.47
N VAL B 207 13.78 10.90 24.52
CA VAL B 207 13.71 10.12 23.29
C VAL B 207 12.26 10.20 22.87
N TYR B 208 11.98 10.06 21.58
CA TYR B 208 10.60 10.06 21.04
C TYR B 208 10.49 8.94 20.02
N ALA B 209 9.52 8.06 20.10
CA ALA B 209 9.45 7.01 19.08
C ALA B 209 8.32 7.20 18.05
N PHE B 210 8.61 6.87 16.79
CA PHE B 210 7.70 7.05 15.65
C PHE B 210 7.37 5.79 14.83
N THR B 211 6.10 5.38 14.76
CA THR B 211 5.66 4.19 14.00
C THR B 211 5.22 4.65 12.60
N LEU B 212 5.66 3.94 11.56
CA LEU B 212 5.32 4.26 10.17
C LEU B 212 4.04 3.60 9.68
N ASP B 213 3.04 4.42 9.39
CA ASP B 213 1.74 3.95 8.90
C ASP B 213 1.90 3.36 7.49
N PRO B 214 1.99 2.02 7.36
CA PRO B 214 2.15 1.41 6.02
C PRO B 214 1.26 2.07 4.98
N MET B 215 -0.05 1.87 5.13
CA MET B 215 -1.04 2.41 4.18
C MET B 215 -0.63 3.80 3.70
N TYR B 216 -0.91 4.83 4.51
CA TYR B 216 -0.63 6.23 4.20
C TYR B 216 0.75 6.67 4.71
N GLY B 217 1.76 5.90 4.32
CA GLY B 217 3.16 6.16 4.66
C GLY B 217 3.53 7.38 5.46
N GLU B 218 3.09 7.42 6.70
CA GLU B 218 3.42 8.53 7.57
C GLU B 218 4.02 8.16 8.98
N PHE B 219 5.16 8.77 9.32
CA PHE B 219 5.81 8.51 10.58
C PHE B 219 4.98 9.11 11.65
N VAL B 220 4.14 8.30 12.29
CA VAL B 220 3.22 8.75 13.33
C VAL B 220 3.73 8.62 14.76
N LEU B 221 3.79 9.73 15.49
CA LEU B 221 4.31 9.73 16.86
C LEU B 221 3.58 8.67 17.64
N THR B 222 4.32 7.69 18.18
CA THR B 222 3.71 6.60 18.95
C THR B 222 3.85 6.82 20.44
N SER B 223 5.09 6.74 20.93
CA SER B 223 5.35 6.96 22.33
C SER B 223 6.35 8.07 22.46
N GLU B 224 6.19 8.86 23.51
CA GLU B 224 7.03 10.01 23.77
C GLU B 224 7.82 9.92 25.09
N LYS B 225 9.01 10.51 25.08
CA LYS B 225 9.91 10.54 26.23
C LYS B 225 10.09 9.14 26.82
N ILE B 226 10.34 8.16 25.94
CA ILE B 226 10.52 6.77 26.39
C ILE B 226 11.50 6.84 27.54
N GLN B 227 11.30 6.02 28.58
CA GLN B 227 12.22 5.95 29.73
C GLN B 227 12.47 4.49 30.04
N ILE B 228 13.63 3.96 29.71
CA ILE B 228 13.92 2.57 29.94
C ILE B 228 13.91 2.16 31.42
N PRO B 229 13.19 1.07 31.75
CA PRO B 229 12.99 0.45 33.06
C PRO B 229 14.18 0.42 34.02
N LYS B 230 13.92 0.95 35.23
CA LYS B 230 14.91 1.06 36.30
C LYS B 230 15.44 -0.27 36.81
N ALA B 231 14.61 -1.30 36.76
CA ALA B 231 15.05 -2.63 37.22
C ALA B 231 15.30 -3.46 35.96
N GLY B 232 14.32 -4.31 35.63
CA GLY B 232 14.41 -5.10 34.42
C GLY B 232 15.14 -6.41 34.53
N LYS B 233 14.52 -7.46 34.01
CA LYS B 233 15.12 -8.77 34.10
C LYS B 233 15.40 -9.50 32.77
N ILE B 234 15.85 -8.79 31.74
CA ILE B 234 16.05 -9.40 30.42
C ILE B 234 17.49 -9.23 29.97
N TYR B 235 18.23 -10.30 29.72
CA TYR B 235 19.61 -10.13 29.26
C TYR B 235 19.78 -10.67 27.86
N SER B 236 20.66 -10.04 27.08
CA SER B 236 20.89 -10.47 25.72
C SER B 236 22.39 -10.47 25.45
N PHE B 237 23.02 -11.62 25.52
CA PHE B 237 24.47 -11.74 25.28
C PHE B 237 24.54 -12.95 24.41
N ASN B 238 25.64 -13.18 23.72
CA ASN B 238 25.68 -14.38 22.94
C ASN B 238 26.13 -15.50 23.89
N GLU B 239 25.28 -16.00 24.78
CA GLU B 239 25.70 -17.04 25.73
C GLU B 239 26.48 -18.19 25.10
N GLY B 240 26.24 -18.42 23.81
CA GLY B 240 26.89 -19.52 23.11
C GLY B 240 28.41 -19.55 23.06
N ASN B 241 29.02 -18.42 23.37
CA ASN B 241 30.46 -18.32 23.39
C ASN B 241 30.82 -17.80 24.76
N TYR B 242 30.27 -18.49 25.76
CA TYR B 242 30.50 -18.24 27.19
C TYR B 242 31.86 -18.78 27.59
N LYS B 243 32.15 -20.00 27.14
CA LYS B 243 33.40 -20.69 27.40
C LYS B 243 34.55 -20.03 26.67
N MET B 244 34.49 -18.70 26.55
CA MET B 244 35.51 -17.94 25.85
C MET B 244 35.64 -16.51 26.36
N TRP B 245 35.05 -16.22 27.51
CA TRP B 245 35.09 -14.88 28.09
C TRP B 245 35.99 -14.75 29.34
N PRO B 246 36.26 -13.53 29.79
CA PRO B 246 37.11 -13.50 30.99
C PRO B 246 36.30 -14.03 32.18
N ASP B 247 36.95 -14.83 33.03
CA ASP B 247 36.30 -15.42 34.18
C ASP B 247 35.54 -14.45 35.04
N LYS B 248 36.02 -13.21 35.15
CA LYS B 248 35.37 -12.16 35.98
C LYS B 248 33.96 -11.94 35.54
N LEU B 249 33.72 -12.20 34.25
CA LEU B 249 32.44 -12.09 33.56
C LEU B 249 31.70 -13.41 33.53
N LYS B 250 32.40 -14.49 33.20
CA LYS B 250 31.76 -15.78 33.12
C LYS B 250 31.01 -16.18 34.41
N LYS B 251 31.44 -15.69 35.57
CA LYS B 251 30.72 -15.98 36.81
C LYS B 251 29.40 -15.18 36.75
N TYR B 252 29.49 -13.95 36.22
CA TYR B 252 28.28 -13.10 36.06
C TYR B 252 27.24 -13.95 35.35
N MET B 253 27.60 -14.54 34.22
CA MET B 253 26.62 -15.33 33.50
C MET B 253 25.87 -16.29 34.40
N ASP B 254 26.55 -16.88 35.38
CA ASP B 254 25.88 -17.86 36.24
C ASP B 254 24.94 -17.29 37.27
N ASP B 255 25.22 -16.10 37.77
CA ASP B 255 24.32 -15.49 38.77
C ASP B 255 23.06 -14.83 38.14
N LEU B 256 22.85 -15.16 36.86
CA LEU B 256 21.69 -14.72 36.06
C LEU B 256 20.86 -15.99 35.99
N LYS B 257 21.55 -17.14 35.89
CA LYS B 257 20.89 -18.42 35.82
C LYS B 257 20.50 -18.90 37.22
N GLU B 258 21.43 -18.71 38.17
CA GLU B 258 21.30 -19.20 39.56
C GLU B 258 21.00 -18.19 40.67
N PRO B 259 19.75 -17.75 40.78
CA PRO B 259 19.27 -16.79 41.78
C PRO B 259 19.84 -17.05 43.18
N GLY B 260 19.59 -16.16 44.13
CA GLY B 260 20.09 -16.35 45.48
C GLY B 260 19.20 -15.67 46.53
N GLU B 261 19.02 -14.35 46.40
CA GLU B 261 18.18 -13.56 47.32
C GLU B 261 16.74 -14.12 47.38
N SER B 262 16.37 -14.98 46.42
CA SER B 262 15.03 -15.58 46.35
C SER B 262 14.13 -14.49 45.75
N GLN B 263 13.93 -14.57 44.42
CA GLN B 263 13.11 -13.61 43.67
C GLN B 263 12.73 -14.14 42.26
N LYS B 264 12.34 -13.20 41.39
CA LYS B 264 11.97 -13.57 40.02
C LYS B 264 13.21 -13.86 39.21
N PRO B 265 13.11 -14.83 38.32
CA PRO B 265 14.25 -15.20 37.49
C PRO B 265 14.56 -14.11 36.48
N TYR B 266 15.80 -14.11 35.98
CA TYR B 266 16.25 -13.18 34.95
C TYR B 266 15.96 -13.90 33.61
N SER B 267 14.96 -13.43 32.84
CA SER B 267 14.60 -14.03 31.56
C SER B 267 15.57 -13.48 30.56
N SER B 268 15.75 -14.16 29.41
CA SER B 268 16.72 -13.75 28.36
C SER B 268 16.27 -13.84 26.95
N ARG B 269 16.92 -13.07 26.07
CA ARG B 269 16.60 -13.09 24.65
C ARG B 269 17.54 -12.38 23.67
N TYR B 270 18.04 -13.14 22.72
CA TYR B 270 18.97 -12.64 21.73
C TYR B 270 18.28 -12.83 20.34
N ILE B 271 17.99 -11.73 19.63
CA ILE B 271 17.35 -11.81 18.30
C ILE B 271 18.36 -12.10 17.22
N GLY B 272 19.41 -11.27 17.18
CA GLY B 272 20.45 -11.40 16.17
C GLY B 272 20.89 -10.06 15.58
N SER B 273 20.22 -8.97 15.94
CA SER B 273 20.57 -7.68 15.41
C SER B 273 20.49 -6.68 16.54
N LEU B 274 21.49 -5.82 16.64
CA LEU B 274 21.56 -4.80 17.68
C LEU B 274 20.21 -4.12 17.86
N VAL B 275 19.80 -3.35 16.85
CA VAL B 275 18.54 -2.61 16.88
C VAL B 275 17.34 -3.35 17.35
N GLY B 276 17.20 -4.61 17.01
CA GLY B 276 16.09 -5.37 17.54
C GLY B 276 16.30 -5.53 19.05
N ASP B 277 17.48 -6.02 19.47
CA ASP B 277 17.81 -6.19 20.88
C ASP B 277 17.73 -4.83 21.58
N PHE B 278 18.54 -3.86 21.20
CA PHE B 278 18.46 -2.56 21.82
C PHE B 278 17.03 -2.08 21.93
N HIS B 279 16.28 -2.16 20.83
CA HIS B 279 14.87 -1.73 20.86
C HIS B 279 14.20 -2.49 21.96
N ARG B 280 14.24 -3.80 21.84
CA ARG B 280 13.62 -4.63 22.86
C ARG B 280 14.14 -4.33 24.27
N THR B 281 15.33 -3.76 24.40
CA THR B 281 15.83 -3.41 25.70
C THR B 281 15.33 -2.04 26.14
N LEU B 282 15.42 -1.04 25.28
CA LEU B 282 14.96 0.30 25.61
C LEU B 282 13.52 0.32 26.07
N LEU B 283 12.73 -0.64 25.58
CA LEU B 283 11.28 -0.72 25.95
C LEU B 283 10.89 -1.64 27.12
N TYR B 284 11.60 -2.75 27.28
CA TYR B 284 11.31 -3.71 28.33
C TYR B 284 12.30 -3.70 29.51
N GLY B 285 13.51 -3.22 29.28
CA GLY B 285 14.52 -3.17 30.35
C GLY B 285 15.53 -4.31 30.25
N GLY B 286 16.74 -4.14 30.82
CA GLY B 286 17.70 -5.22 30.77
C GLY B 286 19.15 -4.82 30.70
N ILE B 287 19.96 -5.71 30.15
CA ILE B 287 21.40 -5.52 29.96
C ILE B 287 21.64 -6.10 28.59
N TYR B 288 22.57 -5.57 27.83
CA TYR B 288 22.83 -6.10 26.51
C TYR B 288 24.25 -5.74 26.30
N GLY B 289 24.99 -6.58 25.58
CA GLY B 289 26.39 -6.25 25.35
C GLY B 289 27.35 -7.32 24.84
N TYR B 290 27.69 -7.27 23.57
CA TYR B 290 28.64 -8.22 23.06
C TYR B 290 29.86 -7.79 23.89
N PRO B 291 30.39 -8.71 24.72
CA PRO B 291 31.53 -8.54 25.61
C PRO B 291 32.80 -8.92 24.86
N ARG B 292 33.94 -8.62 25.49
CA ARG B 292 35.25 -8.91 24.93
C ARG B 292 35.69 -10.28 25.37
N ASP B 293 36.22 -11.06 24.41
CA ASP B 293 36.68 -12.44 24.64
C ASP B 293 38.03 -12.70 24.00
N ALA B 294 38.53 -13.92 24.07
CA ALA B 294 39.83 -14.21 23.49
C ALA B 294 40.10 -13.47 22.18
N LYS B 295 39.46 -13.91 21.10
CA LYS B 295 39.67 -13.33 19.77
C LYS B 295 39.33 -11.85 19.51
N SER B 296 38.23 -11.37 20.08
CA SER B 296 37.88 -9.98 19.89
C SER B 296 38.34 -9.32 21.16
N LYS B 297 39.64 -9.36 21.44
CA LYS B 297 40.07 -8.80 22.72
C LYS B 297 39.40 -7.46 23.00
N ASN B 298 39.14 -6.70 21.96
CA ASN B 298 38.46 -5.41 22.13
C ASN B 298 37.10 -5.32 21.38
N GLY B 299 36.01 -5.56 22.12
CA GLY B 299 34.65 -5.52 21.60
C GLY B 299 34.37 -6.12 20.24
N LYS B 300 33.51 -5.42 19.49
CA LYS B 300 33.11 -5.79 18.14
C LYS B 300 32.43 -4.55 17.56
N LEU B 301 31.22 -4.26 18.06
CA LEU B 301 30.39 -3.10 17.68
C LEU B 301 31.31 -1.90 17.80
N ARG B 302 31.36 -1.02 16.80
CA ARG B 302 32.28 0.12 16.88
C ARG B 302 32.07 1.24 17.90
N LEU B 303 33.13 1.93 18.31
CA LEU B 303 32.96 3.01 19.28
C LEU B 303 32.17 4.24 18.86
N LEU B 304 32.32 4.68 17.62
CA LEU B 304 31.50 5.80 17.17
C LEU B 304 30.24 5.16 16.57
N TYR B 305 30.35 4.92 15.26
CA TYR B 305 29.31 4.38 14.41
C TYR B 305 28.10 3.64 15.00
N GLU B 306 28.29 2.74 15.96
CA GLU B 306 27.16 2.00 16.52
C GLU B 306 27.05 1.89 18.04
N CYS B 307 27.99 2.48 18.77
CA CYS B 307 27.98 2.48 20.26
C CYS B 307 27.64 3.86 20.82
N ALA B 308 28.24 4.90 20.26
CA ALA B 308 27.96 6.27 20.69
C ALA B 308 26.51 6.78 20.39
N PRO B 309 26.02 6.63 19.15
CA PRO B 309 24.66 7.10 18.88
C PRO B 309 23.64 6.33 19.66
N MET B 310 23.93 5.04 19.86
CA MET B 310 23.09 4.11 20.61
C MET B 310 23.22 4.33 22.10
N SER B 311 24.30 4.99 22.53
CA SER B 311 24.53 5.29 23.95
C SER B 311 23.78 6.50 24.37
N PHE B 312 23.87 7.56 23.60
CA PHE B 312 23.17 8.80 23.88
C PHE B 312 21.64 8.58 23.93
N ILE B 313 21.11 7.48 23.37
CA ILE B 313 19.65 7.24 23.44
C ILE B 313 19.37 6.61 24.81
N VAL B 314 19.99 5.47 25.07
CA VAL B 314 19.77 4.79 26.34
C VAL B 314 20.09 5.67 27.53
N GLU B 315 20.81 6.76 27.27
CA GLU B 315 21.22 7.71 28.32
C GLU B 315 20.24 8.88 28.41
N GLN B 316 19.41 8.95 27.38
CA GLN B 316 18.38 9.97 27.29
C GLN B 316 17.08 9.33 27.66
N ALA B 317 17.13 8.03 27.87
CA ALA B 317 15.93 7.31 28.21
C ALA B 317 15.96 6.78 29.63
N GLY B 318 17.03 7.08 30.40
CA GLY B 318 17.09 6.64 31.80
C GLY B 318 18.35 5.96 32.38
N GLY B 319 18.76 4.84 31.78
CA GLY B 319 19.93 4.10 32.23
C GLY B 319 21.24 4.70 31.72
N LYS B 320 22.27 3.84 31.62
CA LYS B 320 23.61 4.25 31.20
C LYS B 320 24.19 3.25 30.23
N GLY B 321 25.28 3.63 29.56
CA GLY B 321 25.97 2.76 28.60
C GLY B 321 27.44 2.78 28.99
N SER B 322 28.18 1.66 28.86
CA SER B 322 29.58 1.65 29.32
C SER B 322 30.31 0.42 28.90
N ASP B 323 31.63 0.52 28.66
CA ASP B 323 32.46 -0.62 28.22
C ASP B 323 32.92 -1.62 29.29
N GLY B 324 32.18 -1.74 30.37
CA GLY B 324 32.59 -2.60 31.45
C GLY B 324 32.96 -1.57 32.50
N HIS B 325 34.07 -0.85 32.28
CA HIS B 325 34.52 0.16 33.25
C HIS B 325 33.97 1.57 33.08
N GLN B 326 34.43 2.33 32.08
CA GLN B 326 33.95 3.72 31.90
C GLN B 326 32.65 3.89 31.05
N ARG B 327 31.81 4.87 31.39
CA ARG B 327 30.56 5.16 30.65
C ARG B 327 30.99 5.47 29.22
N ILE B 328 30.44 4.74 28.23
CA ILE B 328 30.84 4.88 26.81
C ILE B 328 31.04 6.22 26.15
N LEU B 329 30.71 7.31 26.79
CA LEU B 329 30.92 8.58 26.12
C LEU B 329 32.20 9.33 26.53
N ASP B 330 33.13 8.65 27.19
CA ASP B 330 34.37 9.31 27.57
C ASP B 330 35.47 8.86 26.64
N ILE B 331 35.23 7.70 26.02
CA ILE B 331 36.21 7.13 25.11
C ILE B 331 36.49 7.95 23.80
N GLN B 332 37.37 8.93 23.92
CA GLN B 332 37.76 9.73 22.78
C GLN B 332 38.03 8.70 21.68
N PRO B 333 37.26 8.75 20.59
CA PRO B 333 37.42 7.83 19.46
C PRO B 333 38.79 8.18 18.94
N THR B 334 39.76 7.27 19.03
CA THR B 334 41.12 7.59 18.60
C THR B 334 41.67 6.80 17.37
N GLU B 335 40.79 6.08 16.66
CA GLU B 335 41.20 5.29 15.50
C GLU B 335 40.09 5.16 14.44
N ILE B 336 40.43 4.46 13.36
CA ILE B 336 39.59 4.16 12.21
C ILE B 336 38.35 3.35 12.65
N HIS B 337 38.25 2.07 12.32
CA HIS B 337 37.09 1.27 12.74
C HIS B 337 37.24 0.86 14.22
N GLN B 338 37.52 1.80 15.11
CA GLN B 338 37.71 1.44 16.51
C GLN B 338 36.59 0.62 17.10
N ARG B 339 36.85 -0.65 17.37
CA ARG B 339 35.87 -1.53 17.98
C ARG B 339 36.02 -1.45 19.52
N VAL B 340 34.91 -1.51 20.27
CA VAL B 340 34.99 -1.45 21.72
C VAL B 340 33.85 -2.14 22.45
N PRO B 341 34.18 -2.99 23.44
CA PRO B 341 33.17 -3.71 24.23
C PRO B 341 32.03 -2.78 24.58
N LEU B 342 30.81 -3.30 24.69
CA LEU B 342 29.66 -2.45 25.03
C LEU B 342 28.68 -3.19 25.89
N TYR B 343 28.06 -2.48 26.83
CA TYR B 343 27.04 -3.04 27.75
C TYR B 343 26.05 -1.89 27.79
N ILE B 344 24.76 -2.18 27.75
CA ILE B 344 23.77 -1.09 27.66
C ILE B 344 22.40 -1.45 28.20
N GLY B 345 21.69 -0.48 28.80
CA GLY B 345 20.39 -0.72 29.37
C GLY B 345 20.21 -0.05 30.73
N SER B 346 19.23 -0.53 31.49
CA SER B 346 18.89 0.03 32.81
C SER B 346 20.12 0.15 33.67
N VAL B 347 20.34 1.30 34.33
CA VAL B 347 21.53 1.48 35.19
C VAL B 347 21.75 0.39 36.23
N GLU B 348 20.71 0.05 36.99
CA GLU B 348 20.82 -0.97 38.02
C GLU B 348 21.53 -2.18 37.47
N GLU B 349 21.09 -2.68 36.32
CA GLU B 349 21.70 -3.87 35.74
C GLU B 349 23.15 -3.64 35.30
N VAL B 350 23.43 -2.67 34.43
CA VAL B 350 24.83 -2.46 34.05
C VAL B 350 25.73 -2.16 35.27
N GLU B 351 25.13 -2.09 36.46
CA GLU B 351 25.85 -1.87 37.71
C GLU B 351 26.12 -3.18 38.43
N LYS B 352 25.19 -4.13 38.34
CA LYS B 352 25.44 -5.40 38.99
C LYS B 352 26.71 -5.92 38.36
N LEU B 353 26.86 -5.75 37.07
CA LEU B 353 28.06 -6.20 36.41
C LEU B 353 29.15 -5.18 36.61
N GLU B 354 28.85 -4.12 37.36
CA GLU B 354 29.94 -3.14 37.57
C GLU B 354 30.99 -3.85 38.46
N LYS B 355 30.54 -4.70 39.37
CA LYS B 355 31.44 -5.42 40.25
C LYS B 355 32.06 -6.52 39.44
N TYR B 356 31.23 -7.38 38.88
CA TYR B 356 31.75 -8.51 38.12
C TYR B 356 32.81 -8.19 37.07
N LEU B 357 32.69 -7.02 36.44
CA LEU B 357 33.62 -6.61 35.38
C LEU B 357 35.08 -6.70 35.81
N ALA B 358 35.41 -5.96 36.87
CA ALA B 358 36.77 -5.87 37.41
C ALA B 358 36.82 -4.99 38.65
N LYS C 11 25.60 1.27 -17.45
CA LYS C 11 25.31 2.11 -16.25
C LYS C 11 24.44 3.34 -16.61
N ALA C 12 23.21 3.35 -16.23
CA ALA C 12 21.95 4.19 -16.36
C ALA C 12 21.20 4.45 -15.10
N ARG C 13 21.83 4.29 -13.92
CA ARG C 13 21.24 4.58 -12.43
C ARG C 13 20.78 5.96 -12.14
N THR C 14 21.86 6.78 -11.98
CA THR C 14 21.79 8.11 -11.64
C THR C 14 20.53 8.40 -10.81
N ARG C 15 19.51 8.88 -11.50
CA ARG C 15 18.23 9.18 -10.87
C ARG C 15 17.39 7.99 -10.42
N SER C 16 17.55 6.85 -11.09
CA SER C 16 16.81 5.59 -10.82
C SER C 16 17.09 4.89 -9.49
N LYS C 17 17.40 5.72 -8.50
CA LYS C 17 17.74 5.34 -7.10
C LYS C 17 17.94 6.64 -6.31
N TYR C 18 17.41 7.74 -6.86
CA TYR C 18 17.55 9.06 -6.27
C TYR C 18 16.69 9.46 -5.04
N GLU C 19 15.42 9.78 -5.30
CA GLU C 19 14.45 10.19 -4.27
C GLU C 19 13.35 10.99 -5.00
N ILE C 20 13.78 11.98 -5.77
CA ILE C 20 12.86 12.83 -6.52
C ILE C 20 12.20 13.69 -5.46
N GLU C 21 12.58 14.97 -5.42
CA GLU C 21 12.06 15.91 -4.43
C GLU C 21 10.59 15.81 -4.15
N THR C 22 10.27 15.21 -3.01
CA THR C 22 8.92 14.99 -2.57
C THR C 22 8.26 16.28 -2.04
N LEU C 23 6.95 16.23 -1.77
CA LEU C 23 6.21 17.39 -1.25
C LEU C 23 6.73 17.86 0.08
N THR C 24 6.89 16.93 1.02
CA THR C 24 7.35 17.30 2.35
C THR C 24 8.70 17.92 2.19
N GLY C 25 9.41 17.50 1.15
CA GLY C 25 10.71 18.10 0.95
C GLY C 25 10.50 19.55 0.63
N TRP C 26 9.90 19.80 -0.55
CA TRP C 26 9.57 21.12 -1.12
C TRP C 26 8.96 22.05 -0.11
N LEU C 27 8.03 21.55 0.65
CA LEU C 27 7.35 22.33 1.65
C LEU C 27 8.27 22.89 2.75
N LEU C 28 9.28 22.13 3.19
CA LEU C 28 10.24 22.56 4.24
C LEU C 28 11.18 23.65 3.75
N LYS C 29 11.71 23.48 2.53
CA LYS C 29 12.63 24.44 1.93
C LYS C 29 11.98 25.80 1.90
N GLN C 30 10.67 25.87 1.66
CA GLN C 30 9.98 27.15 1.66
C GLN C 30 10.32 27.86 2.97
N PRO C 31 9.94 27.32 4.17
CA PRO C 31 10.32 28.04 5.39
C PRO C 31 11.83 28.29 5.41
N MET C 32 12.58 27.56 4.60
CA MET C 32 14.00 27.84 4.59
C MET C 32 14.15 29.25 4.06
N ALA C 33 13.28 29.61 3.12
CA ALA C 33 13.25 30.95 2.51
C ALA C 33 12.20 31.89 3.11
N GLY C 34 12.56 32.54 4.20
CA GLY C 34 11.64 33.48 4.79
C GLY C 34 11.98 33.83 6.24
N VAL C 35 11.39 33.09 7.16
CA VAL C 35 11.55 33.28 8.59
C VAL C 35 10.25 32.70 9.18
N ILE C 36 9.46 32.05 8.33
CA ILE C 36 8.20 31.47 8.76
C ILE C 36 8.51 30.34 9.73
N ASP C 37 7.98 30.44 10.95
CA ASP C 37 8.18 29.39 11.99
C ASP C 37 7.41 28.08 11.70
N ALA C 38 7.07 27.85 10.43
CA ALA C 38 6.39 26.63 10.02
C ALA C 38 4.94 26.40 10.40
N GLU C 39 4.19 27.48 10.64
CA GLU C 39 2.78 27.32 10.99
C GLU C 39 2.09 26.93 9.72
N LEU C 40 2.11 27.80 8.70
CA LEU C 40 1.50 27.45 7.40
C LEU C 40 2.03 26.06 7.00
N THR C 41 3.35 25.93 7.06
CA THR C 41 4.07 24.69 6.71
C THR C 41 3.65 23.48 7.53
N ILE C 42 3.06 23.72 8.69
CA ILE C 42 2.63 22.61 9.51
C ILE C 42 1.35 22.10 8.91
N VAL C 43 0.40 23.04 8.74
CA VAL C 43 -0.93 22.74 8.20
C VAL C 43 -0.90 22.21 6.77
N LEU C 44 -0.10 22.76 5.88
CA LEU C 44 -0.09 22.19 4.54
C LEU C 44 0.11 20.68 4.57
N SER C 45 1.04 20.18 5.42
CA SER C 45 1.35 18.74 5.61
C SER C 45 0.20 18.08 6.34
N SER C 46 -0.38 18.81 7.28
CA SER C 46 -1.50 18.27 8.00
C SER C 46 -2.64 18.00 6.98
N ILE C 47 -2.74 18.91 6.00
CA ILE C 47 -3.75 18.85 4.94
C ILE C 47 -3.36 17.66 4.13
N SER C 48 -2.19 17.75 3.50
CA SER C 48 -1.74 16.69 2.64
C SER C 48 -2.01 15.28 3.09
N LEU C 49 -1.93 15.01 4.39
CA LEU C 49 -2.19 13.69 4.99
C LEU C 49 -3.69 13.35 4.94
N ALA C 50 -4.53 14.32 5.32
CA ALA C 50 -6.00 14.18 5.31
C ALA C 50 -6.43 13.71 3.94
N CYS C 51 -5.74 14.21 2.91
CA CYS C 51 -6.04 13.83 1.55
C CYS C 51 -5.61 12.41 1.27
N LYS C 52 -4.40 12.02 1.69
CA LYS C 52 -3.95 10.62 1.49
C LYS C 52 -4.93 9.58 2.04
N GLN C 53 -5.49 9.81 3.21
CA GLN C 53 -6.44 8.80 3.69
C GLN C 53 -7.71 8.97 2.90
N ILE C 54 -8.21 10.20 2.85
CA ILE C 54 -9.42 10.44 2.12
C ILE C 54 -9.28 9.91 0.71
N ALA C 55 -8.07 9.90 0.19
CA ALA C 55 -7.84 9.40 -1.16
C ALA C 55 -7.93 7.88 -1.18
N SER C 56 -7.06 7.25 -0.40
CA SER C 56 -6.95 5.79 -0.31
C SER C 56 -8.23 5.14 0.09
N LEU C 57 -9.10 5.90 0.76
CA LEU C 57 -10.42 5.44 1.21
C LEU C 57 -11.40 5.38 0.04
N VAL C 58 -11.23 6.30 -0.90
CA VAL C 58 -12.10 6.37 -2.05
C VAL C 58 -12.00 5.11 -2.86
N GLN C 59 -10.85 4.44 -2.88
CA GLN C 59 -10.78 3.21 -3.66
C GLN C 59 -11.66 2.15 -3.02
N ARG C 60 -12.33 2.50 -1.93
CA ARG C 60 -13.22 1.59 -1.19
C ARG C 60 -12.48 0.41 -0.53
N ALA C 61 -11.47 0.75 0.26
CA ALA C 61 -10.62 -0.20 0.94
C ALA C 61 -11.24 -1.00 2.06
N LYS C 82 -20.14 7.15 5.02
CA LYS C 82 -20.57 8.08 3.97
C LYS C 82 -19.36 8.98 3.73
N LEU C 83 -18.66 8.75 2.62
CA LEU C 83 -17.46 9.51 2.30
C LEU C 83 -17.50 10.97 2.69
N ASP C 84 -18.46 11.75 2.18
CA ASP C 84 -18.49 13.19 2.52
C ASP C 84 -18.33 13.41 4.04
N VAL C 85 -18.94 12.54 4.86
CA VAL C 85 -18.90 12.66 6.32
C VAL C 85 -17.59 12.30 6.94
N VAL C 86 -17.06 11.12 6.63
CA VAL C 86 -15.78 10.68 7.17
C VAL C 86 -14.71 11.71 6.81
N SER C 87 -14.53 11.99 5.52
CA SER C 87 -13.55 12.95 5.03
C SER C 87 -13.48 14.20 5.91
N ASN C 88 -14.61 14.52 6.53
CA ASN C 88 -14.65 15.69 7.37
C ASN C 88 -14.11 15.47 8.76
N GLU C 89 -14.19 14.23 9.25
CA GLU C 89 -13.56 13.98 10.56
C GLU C 89 -12.07 13.83 10.22
N VAL C 90 -11.77 13.02 9.21
CA VAL C 90 -10.41 12.83 8.75
C VAL C 90 -9.68 14.15 8.61
N PHE C 91 -10.37 15.25 8.31
CA PHE C 91 -9.65 16.49 8.25
C PHE C 91 -9.70 17.17 9.58
N SER C 92 -10.64 16.82 10.42
CA SER C 92 -10.63 17.48 11.70
C SER C 92 -9.32 17.15 12.49
N SER C 93 -9.01 15.84 12.57
CA SER C 93 -7.84 15.32 13.29
C SER C 93 -6.54 15.83 12.76
N CYS C 94 -6.08 15.33 11.61
CA CYS C 94 -4.79 15.76 11.09
C CYS C 94 -4.58 17.21 11.46
N LEU C 95 -5.67 17.98 11.40
CA LEU C 95 -5.62 19.41 11.73
C LEU C 95 -6.41 19.75 13.00
N ARG C 96 -7.08 20.92 12.94
CA ARG C 96 -7.87 21.48 14.04
C ARG C 96 -6.79 21.86 15.08
N SER C 97 -6.09 20.83 15.59
CA SER C 97 -5.03 20.94 16.57
C SER C 97 -3.82 21.65 16.00
N SER C 98 -4.00 22.47 14.98
CA SER C 98 -2.83 23.09 14.41
C SER C 98 -2.57 24.45 14.95
N GLY C 99 -1.34 24.62 15.48
CA GLY C 99 -0.91 25.88 16.06
C GLY C 99 -0.72 26.99 15.05
N ARG C 100 -1.83 27.65 14.73
CA ARG C 100 -1.89 28.78 13.79
C ARG C 100 -3.29 28.94 13.19
N THR C 101 -4.24 28.15 13.65
CA THR C 101 -5.58 28.31 13.09
C THR C 101 -6.31 29.34 13.94
N GLY C 102 -7.27 30.03 13.30
CA GLY C 102 -8.08 31.06 13.92
C GLY C 102 -9.52 30.76 13.58
N ILE C 103 -9.72 29.53 13.14
CA ILE C 103 -10.99 28.89 12.72
C ILE C 103 -10.69 28.06 11.46
N ILE C 104 -11.56 27.08 11.20
CA ILE C 104 -11.50 26.17 10.07
C ILE C 104 -12.93 25.73 9.76
N ALA C 105 -13.13 25.12 8.59
CA ALA C 105 -14.48 24.69 8.23
C ALA C 105 -14.67 23.50 7.25
N SER C 106 -15.91 23.07 7.12
CA SER C 106 -16.28 21.97 6.24
C SER C 106 -17.75 22.13 5.78
N GLU C 107 -17.97 22.05 4.46
CA GLU C 107 -19.31 22.19 3.86
C GLU C 107 -20.56 22.30 4.80
N GLU C 108 -21.24 21.17 4.99
CA GLU C 108 -22.47 21.08 5.77
C GLU C 108 -22.50 21.97 7.00
N GLU C 109 -21.33 22.18 7.60
CA GLU C 109 -21.28 23.02 8.79
C GLU C 109 -21.82 24.38 8.38
N ASP C 110 -23.14 24.49 8.61
CA ASP C 110 -23.94 25.67 8.31
C ASP C 110 -23.80 26.77 9.36
N VAL C 111 -23.16 27.86 8.93
CA VAL C 111 -22.88 28.98 9.79
C VAL C 111 -21.83 28.55 10.79
N PRO C 112 -20.63 29.11 10.65
CA PRO C 112 -19.37 28.98 11.36
C PRO C 112 -18.99 27.78 12.23
N VAL C 113 -17.67 27.69 12.44
CA VAL C 113 -16.98 26.66 13.21
C VAL C 113 -15.79 27.37 13.89
N ALA C 114 -15.49 27.01 15.11
CA ALA C 114 -14.36 27.63 15.79
C ALA C 114 -13.55 26.50 16.42
N VAL C 115 -12.21 26.65 16.32
CA VAL C 115 -11.16 25.71 16.82
C VAL C 115 -10.66 26.13 18.24
N GLU C 116 -10.95 25.29 19.25
CA GLU C 116 -10.60 25.52 20.68
C GLU C 116 -9.31 26.24 21.05
N GLU C 117 -9.46 27.19 22.01
CA GLU C 117 -8.36 28.05 22.48
C GLU C 117 -7.05 27.29 22.48
N SER C 118 -7.08 26.13 23.16
CA SER C 118 -5.92 25.23 23.29
C SER C 118 -5.07 25.04 21.99
N TYR C 119 -5.68 25.28 20.82
CA TYR C 119 -5.00 25.20 19.52
C TYR C 119 -4.66 26.62 19.07
N SER C 120 -5.70 27.43 18.90
CA SER C 120 -5.57 28.83 18.48
C SER C 120 -4.59 29.21 17.36
N GLY C 121 -4.32 30.52 17.24
CA GLY C 121 -3.44 31.01 16.21
C GLY C 121 -4.08 32.17 15.47
N ASN C 122 -4.40 31.96 14.17
CA ASN C 122 -5.02 32.99 13.29
C ASN C 122 -5.52 32.43 11.93
N TYR C 123 -4.62 31.88 11.11
CA TYR C 123 -4.96 31.32 9.81
C TYR C 123 -6.23 30.51 9.93
N ILE C 124 -7.04 30.49 8.88
CA ILE C 124 -8.31 29.74 8.82
C ILE C 124 -8.22 28.93 7.52
N VAL C 125 -8.67 27.68 7.53
CA VAL C 125 -8.64 26.86 6.30
C VAL C 125 -10.02 26.33 5.95
N VAL C 126 -10.53 26.65 4.76
CA VAL C 126 -11.86 26.21 4.36
C VAL C 126 -11.73 24.97 3.54
N PHE C 127 -12.15 23.86 4.11
CA PHE C 127 -11.99 22.61 3.43
C PHE C 127 -13.38 22.07 3.21
N ASP C 128 -13.78 21.90 1.96
CA ASP C 128 -15.07 21.32 1.71
C ASP C 128 -14.71 19.94 1.23
N PRO C 129 -14.90 18.96 2.08
CA PRO C 129 -14.62 17.55 1.88
C PRO C 129 -14.38 17.11 0.46
N LEU C 130 -15.45 16.73 -0.24
CA LEU C 130 -15.36 16.27 -1.64
C LEU C 130 -15.94 17.32 -2.60
N ASP C 131 -15.76 17.16 -3.91
CA ASP C 131 -16.28 18.16 -4.84
C ASP C 131 -17.80 18.13 -5.14
N GLY C 132 -18.40 16.94 -5.18
CA GLY C 132 -19.83 16.77 -5.46
C GLY C 132 -20.47 15.61 -4.66
N SER C 133 -21.78 15.59 -4.53
CA SER C 133 -22.44 14.52 -3.75
C SER C 133 -23.42 13.71 -4.58
N SER C 134 -22.96 13.33 -5.78
CA SER C 134 -23.77 12.55 -6.71
C SER C 134 -22.93 11.82 -7.75
N ASN C 135 -22.03 12.59 -8.37
CA ASN C 135 -21.23 12.06 -9.46
C ASN C 135 -20.29 10.87 -9.37
N ILE C 136 -19.32 10.91 -8.44
CA ILE C 136 -18.33 9.84 -8.28
C ILE C 136 -18.69 8.39 -8.71
N ASP C 137 -19.64 7.77 -8.01
CA ASP C 137 -20.11 6.39 -8.24
C ASP C 137 -20.12 5.96 -9.72
N ALA C 138 -20.30 6.96 -10.58
CA ALA C 138 -20.30 6.71 -12.02
C ALA C 138 -18.97 6.06 -12.41
N ALA C 139 -17.94 6.89 -12.64
CA ALA C 139 -16.58 6.49 -13.05
C ALA C 139 -15.83 7.81 -13.22
N VAL C 140 -15.99 8.67 -12.25
CA VAL C 140 -15.40 9.98 -12.33
C VAL C 140 -14.22 10.17 -11.39
N SER C 141 -14.20 11.33 -10.75
CA SER C 141 -13.15 11.76 -9.87
C SER C 141 -13.84 12.48 -8.71
N THR C 142 -13.12 12.98 -7.70
CA THR C 142 -13.79 13.66 -6.59
C THR C 142 -12.92 14.55 -5.74
N GLY C 143 -11.81 15.03 -6.29
CA GLY C 143 -10.91 15.89 -5.56
C GLY C 143 -11.51 16.74 -4.46
N SER C 144 -10.70 17.05 -3.45
CA SER C 144 -11.09 17.86 -2.31
C SER C 144 -10.58 19.25 -2.58
N ILE C 145 -10.98 20.23 -1.79
CA ILE C 145 -10.56 21.61 -2.06
C ILE C 145 -10.18 22.36 -0.78
N PHE C 146 -9.10 23.15 -0.82
CA PHE C 146 -8.71 23.92 0.35
C PHE C 146 -8.33 25.37 0.03
N GLY C 147 -8.24 26.19 1.08
CA GLY C 147 -7.86 27.58 0.96
C GLY C 147 -7.62 28.17 2.34
N ILE C 148 -6.37 28.47 2.66
CA ILE C 148 -6.03 29.03 3.98
C ILE C 148 -6.20 30.54 4.01
N TYR C 149 -7.30 31.05 4.53
CA TYR C 149 -7.43 32.53 4.57
C TYR C 149 -6.59 33.03 5.73
N SER C 150 -6.17 34.29 5.73
CA SER C 150 -5.41 34.77 6.87
C SER C 150 -6.10 35.96 7.46
N PRO C 151 -6.91 35.75 8.50
CA PRO C 151 -7.64 36.82 9.17
C PRO C 151 -6.80 38.03 9.42
N ASN C 152 -6.83 39.00 8.48
CA ASN C 152 -6.07 40.23 8.61
C ASN C 152 -6.46 40.93 9.93
N ASP C 153 -7.48 40.39 10.55
CA ASP C 153 -8.01 40.82 11.82
C ASP C 153 -8.78 39.55 12.13
N GLU C 154 -9.15 39.26 13.36
CA GLU C 154 -9.86 38.00 13.51
C GLU C 154 -10.80 37.94 14.67
N CYS C 155 -11.61 36.90 14.70
CA CYS C 155 -12.55 36.77 15.78
C CYS C 155 -12.80 35.30 16.14
N ILE C 156 -13.49 35.08 17.26
CA ILE C 156 -13.87 33.76 17.74
C ILE C 156 -14.45 33.97 19.14
N VAL C 157 -15.01 32.92 19.72
CA VAL C 157 -15.55 33.03 21.08
C VAL C 157 -14.55 32.37 22.06
N ASP C 158 -15.00 32.20 23.31
CA ASP C 158 -14.19 31.65 24.39
C ASP C 158 -14.39 30.11 24.61
N SER C 159 -14.45 29.76 25.89
CA SER C 159 -14.60 28.39 26.36
C SER C 159 -16.06 27.83 26.44
N ASP C 160 -16.38 27.06 27.47
CA ASP C 160 -17.73 26.52 27.65
C ASP C 160 -18.03 25.45 26.58
N HIS C 161 -19.29 25.00 26.54
CA HIS C 161 -19.79 24.00 25.57
C HIS C 161 -21.12 23.54 26.19
N ASP C 162 -22.14 23.35 25.37
CA ASP C 162 -23.45 22.91 25.88
C ASP C 162 -24.15 21.86 25.02
N ASP C 163 -23.54 20.68 25.01
CA ASP C 163 -24.04 19.53 24.26
C ASP C 163 -23.76 19.63 22.75
N GLU C 164 -24.48 20.51 22.04
CA GLU C 164 -24.35 20.73 20.59
C GLU C 164 -23.89 19.48 19.84
N SER C 165 -24.34 18.34 20.35
CA SER C 165 -23.93 17.04 19.80
C SER C 165 -24.75 16.60 18.60
N GLN C 166 -25.49 17.55 18.02
CA GLN C 166 -26.35 17.21 16.90
C GLN C 166 -25.70 17.62 15.60
N LEU C 167 -26.05 16.93 14.51
CA LEU C 167 -25.52 17.32 13.21
C LEU C 167 -26.63 18.26 12.62
N SER C 168 -27.13 19.18 13.45
CA SER C 168 -28.16 20.12 13.04
C SER C 168 -28.38 21.32 13.99
N ALA C 169 -27.49 22.30 13.84
CA ALA C 169 -27.50 23.53 14.60
C ALA C 169 -26.97 24.62 13.63
N GLU C 170 -27.77 25.67 13.45
CA GLU C 170 -27.44 26.81 12.59
C GLU C 170 -28.42 27.94 12.91
N GLU C 171 -28.00 29.19 12.66
CA GLU C 171 -28.86 30.34 12.96
C GLU C 171 -28.53 31.57 12.11
N GLN C 172 -28.68 32.75 12.71
CA GLN C 172 -28.39 33.98 12.03
C GLN C 172 -27.12 34.55 12.68
N ARG C 173 -26.37 33.70 13.40
CA ARG C 173 -25.13 34.17 14.05
C ARG C 173 -24.30 34.93 13.00
N CYS C 174 -24.00 36.21 13.27
CA CYS C 174 -23.27 37.03 12.30
C CYS C 174 -21.96 36.39 11.94
N VAL C 175 -22.07 35.45 11.02
CA VAL C 175 -20.98 34.65 10.47
C VAL C 175 -19.64 35.37 10.32
N VAL C 176 -19.51 36.08 9.21
CA VAL C 176 -18.30 36.80 8.83
C VAL C 176 -16.96 36.04 8.97
N ASN C 177 -16.63 35.61 10.19
CA ASN C 177 -15.38 34.88 10.49
C ASN C 177 -14.96 33.96 9.35
N VAL C 178 -15.71 32.87 9.19
CA VAL C 178 -15.47 31.87 8.18
C VAL C 178 -15.39 32.62 6.84
N CYS C 179 -16.41 33.42 6.56
CA CYS C 179 -16.54 34.21 5.33
C CYS C 179 -15.42 35.25 5.10
N GLN C 180 -14.19 34.83 4.76
CA GLN C 180 -13.11 35.82 4.55
C GLN C 180 -12.80 36.30 3.12
N PRO C 181 -12.99 37.59 2.86
CA PRO C 181 -12.74 38.20 1.57
C PRO C 181 -11.51 37.73 0.78
N GLY C 182 -11.59 37.92 -0.55
CA GLY C 182 -10.49 37.55 -1.43
C GLY C 182 -9.35 38.56 -1.34
N ASP C 183 -9.25 39.24 -0.21
CA ASP C 183 -8.14 40.19 0.05
C ASP C 183 -7.16 39.37 0.90
N ASN C 184 -7.73 38.38 1.62
CA ASN C 184 -7.05 37.46 2.49
C ASN C 184 -6.48 36.33 1.68
N LEU C 185 -7.23 35.25 1.45
CA LEU C 185 -6.75 34.06 0.70
C LEU C 185 -5.30 34.10 0.20
N LEU C 186 -4.34 33.60 0.99
CA LEU C 186 -2.93 33.61 0.60
C LEU C 186 -2.39 32.38 -0.07
N ALA C 187 -3.13 31.29 0.00
CA ALA C 187 -2.69 30.06 -0.66
C ALA C 187 -3.91 29.28 -1.02
N ALA C 188 -3.82 28.44 -2.02
CA ALA C 188 -5.00 27.69 -2.36
C ALA C 188 -4.68 26.45 -3.12
N GLY C 189 -5.60 25.50 -3.15
CA GLY C 189 -5.32 24.29 -3.90
C GLY C 189 -6.34 23.17 -3.74
N TYR C 190 -6.07 22.01 -4.35
CA TYR C 190 -6.96 20.85 -4.27
C TYR C 190 -6.17 19.57 -4.53
N CYS C 191 -6.75 18.42 -4.26
CA CYS C 191 -6.12 17.14 -4.55
C CYS C 191 -7.19 16.33 -5.31
N MET C 192 -6.94 16.01 -6.58
CA MET C 192 -7.90 15.30 -7.41
C MET C 192 -7.81 13.82 -7.29
N TYR C 193 -8.87 13.12 -6.84
CA TYR C 193 -8.82 11.65 -6.68
C TYR C 193 -9.29 10.88 -7.88
N SER C 194 -8.64 11.08 -9.01
CA SER C 194 -8.98 10.40 -10.25
C SER C 194 -8.22 9.08 -10.35
N SER C 195 -7.58 8.79 -11.49
CA SER C 195 -6.83 7.54 -11.57
C SER C 195 -5.43 7.85 -11.20
N SER C 196 -5.27 8.80 -10.32
CA SER C 196 -3.95 9.18 -9.92
C SER C 196 -4.20 10.32 -8.98
N VAL C 197 -3.87 10.15 -7.70
CA VAL C 197 -4.12 11.22 -6.76
C VAL C 197 -3.18 12.38 -7.01
N ILE C 198 -3.67 13.50 -7.51
CA ILE C 198 -2.85 14.67 -7.82
C ILE C 198 -3.05 15.73 -6.76
N PHE C 199 -1.98 16.31 -6.21
CA PHE C 199 -2.14 17.37 -5.22
C PHE C 199 -1.64 18.58 -5.91
N VAL C 200 -2.49 19.59 -6.06
CA VAL C 200 -2.11 20.82 -6.75
C VAL C 200 -2.41 21.97 -5.78
N LEU C 201 -1.54 22.98 -5.73
CA LEU C 201 -1.73 24.12 -4.83
C LEU C 201 -0.81 25.28 -5.15
N THR C 202 -1.26 26.51 -4.90
CA THR C 202 -0.45 27.70 -5.14
C THR C 202 -0.46 28.55 -3.90
N ILE C 203 0.72 28.83 -3.37
CA ILE C 203 0.80 29.64 -2.17
C ILE C 203 1.01 31.11 -2.52
N GLY C 204 1.27 31.40 -3.79
CA GLY C 204 1.51 32.77 -4.19
C GLY C 204 2.75 33.03 -5.04
N LYS C 205 3.07 32.12 -5.95
CA LYS C 205 4.21 32.26 -6.86
C LYS C 205 4.04 31.16 -7.91
N GLY C 206 2.87 31.15 -8.54
CA GLY C 206 2.63 30.13 -9.54
C GLY C 206 2.03 28.94 -8.80
N VAL C 207 1.42 28.02 -9.54
CA VAL C 207 0.78 26.82 -9.00
C VAL C 207 1.77 25.71 -9.14
N TYR C 208 1.58 24.62 -8.41
CA TYR C 208 2.49 23.47 -8.49
C TYR C 208 1.64 22.24 -8.29
N ALA C 209 1.98 21.13 -8.94
CA ALA C 209 1.21 19.92 -8.78
C ALA C 209 2.12 18.77 -8.24
N PHE C 210 1.62 17.83 -7.45
CA PHE C 210 2.49 16.75 -7.00
C PHE C 210 1.66 15.49 -7.03
N THR C 211 2.06 14.54 -7.86
CA THR C 211 1.34 13.29 -8.03
C THR C 211 1.67 12.44 -6.84
N LEU C 212 0.91 11.36 -6.58
CA LEU C 212 1.18 10.49 -5.42
C LEU C 212 1.64 9.09 -5.79
N ASP C 213 2.95 8.84 -5.66
CA ASP C 213 3.55 7.55 -6.00
C ASP C 213 3.32 6.46 -4.96
N PRO C 214 2.27 5.63 -5.11
CA PRO C 214 1.94 4.54 -4.17
C PRO C 214 3.10 3.62 -3.78
N MET C 215 4.28 3.86 -4.33
CA MET C 215 5.44 3.06 -3.99
C MET C 215 5.99 3.70 -2.69
N TYR C 216 6.58 4.88 -2.83
CA TYR C 216 7.16 5.61 -1.70
C TYR C 216 6.07 6.26 -0.85
N GLY C 217 4.81 5.94 -1.07
CA GLY C 217 3.75 6.57 -0.28
C GLY C 217 3.84 8.10 -0.18
N GLU C 218 4.52 8.75 -1.11
CA GLU C 218 4.66 10.21 -1.06
C GLU C 218 4.52 10.98 -2.37
N PHE C 219 4.05 12.22 -2.26
CA PHE C 219 3.87 13.07 -3.41
C PHE C 219 5.20 13.50 -4.04
N VAL C 220 5.46 13.05 -5.24
CA VAL C 220 6.69 13.42 -5.90
C VAL C 220 6.35 14.65 -6.71
N LEU C 221 7.08 15.75 -6.54
CA LEU C 221 6.80 16.97 -7.31
C LEU C 221 6.84 16.57 -8.77
N THR C 222 5.75 16.82 -9.49
CA THR C 222 5.70 16.40 -10.87
C THR C 222 5.46 17.43 -11.88
N SER C 223 4.79 18.51 -11.49
CA SER C 223 4.51 19.62 -12.39
C SER C 223 4.88 20.85 -11.61
N GLU C 224 5.84 21.59 -12.12
CA GLU C 224 6.34 22.77 -11.43
C GLU C 224 6.00 24.10 -12.11
N LYS C 225 5.22 24.93 -11.43
CA LYS C 225 4.85 26.23 -11.99
C LYS C 225 3.95 25.94 -13.21
N ILE C 226 2.67 26.24 -13.13
CA ILE C 226 1.84 25.95 -14.29
C ILE C 226 1.29 27.23 -14.92
N GLN C 227 0.96 27.13 -16.21
CA GLN C 227 0.38 28.21 -17.01
C GLN C 227 -0.58 27.50 -17.98
N ILE C 228 -1.88 27.83 -17.90
CA ILE C 228 -2.86 27.23 -18.83
C ILE C 228 -2.53 27.72 -20.26
N PRO C 229 -2.92 26.99 -21.30
CA PRO C 229 -2.64 27.43 -22.68
C PRO C 229 -3.61 28.54 -23.08
N LYS C 230 -3.19 29.49 -23.90
CA LYS C 230 -4.10 30.59 -24.34
C LYS C 230 -5.24 30.23 -25.29
N ALA C 231 -4.96 29.66 -26.43
CA ALA C 231 -6.05 29.35 -27.35
C ALA C 231 -6.90 28.19 -26.84
N GLY C 232 -7.33 28.22 -25.58
CA GLY C 232 -8.11 27.11 -25.04
C GLY C 232 -9.15 26.58 -25.99
N LYS C 233 -8.78 25.61 -26.82
CA LYS C 233 -9.65 25.01 -27.81
C LYS C 233 -10.57 23.90 -27.36
N ILE C 234 -10.98 23.90 -26.10
CA ILE C 234 -11.83 22.81 -25.62
C ILE C 234 -12.89 23.44 -24.72
N TYR C 235 -14.00 22.75 -24.51
CA TYR C 235 -15.04 23.31 -23.69
C TYR C 235 -15.74 22.23 -22.96
N SER C 236 -16.05 22.47 -21.70
CA SER C 236 -16.76 21.49 -20.90
C SER C 236 -18.02 22.22 -20.45
N PHE C 237 -19.17 21.72 -20.86
CA PHE C 237 -20.42 22.34 -20.47
C PHE C 237 -21.48 21.26 -20.38
N ASN C 238 -22.30 21.36 -19.34
CA ASN C 238 -23.39 20.40 -19.10
C ASN C 238 -24.43 20.74 -20.15
N GLU C 239 -24.09 20.43 -21.39
CA GLU C 239 -24.93 20.72 -22.52
C GLU C 239 -26.36 20.32 -22.22
N GLY C 240 -26.53 19.16 -21.62
CA GLY C 240 -27.87 18.67 -21.33
C GLY C 240 -28.91 19.61 -20.75
N ASN C 241 -28.51 20.56 -19.93
CA ASN C 241 -29.52 21.44 -19.39
C ASN C 241 -29.63 22.74 -20.20
N TYR C 242 -29.60 22.55 -21.53
CA TYR C 242 -29.67 23.59 -22.59
C TYR C 242 -30.78 24.63 -22.47
N LYS C 243 -32.02 24.25 -22.75
CA LYS C 243 -33.11 25.21 -22.64
C LYS C 243 -32.88 26.09 -21.42
N MET C 244 -32.70 25.46 -20.26
CA MET C 244 -32.57 26.19 -19.01
C MET C 244 -31.78 27.45 -19.19
N TRP C 245 -30.75 27.37 -20.03
CA TRP C 245 -29.86 28.49 -20.32
C TRP C 245 -30.50 29.77 -20.90
N PRO C 246 -30.01 30.93 -20.46
CA PRO C 246 -30.65 32.13 -21.03
C PRO C 246 -30.30 32.39 -22.51
N ASP C 247 -31.16 33.18 -23.17
CA ASP C 247 -31.12 33.61 -24.58
C ASP C 247 -29.70 33.77 -25.06
N LYS C 248 -28.95 34.67 -24.44
CA LYS C 248 -27.58 34.95 -24.90
C LYS C 248 -26.54 33.80 -24.83
N LEU C 249 -26.66 32.93 -23.84
CA LEU C 249 -25.74 31.83 -23.68
C LEU C 249 -25.96 30.77 -24.78
N LYS C 250 -27.20 30.31 -24.98
CA LYS C 250 -27.49 29.28 -25.99
C LYS C 250 -26.90 29.59 -27.35
N LYS C 251 -26.82 30.87 -27.73
CA LYS C 251 -26.28 31.26 -29.06
C LYS C 251 -24.80 31.07 -29.08
N TYR C 252 -24.18 31.47 -27.99
CA TYR C 252 -22.75 31.31 -27.84
C TYR C 252 -22.43 29.79 -27.94
N MET C 253 -23.34 28.98 -27.40
CA MET C 253 -23.14 27.55 -27.44
C MET C 253 -23.18 27.02 -28.83
N ASP C 254 -24.30 27.17 -29.55
CA ASP C 254 -24.37 26.69 -30.94
C ASP C 254 -23.15 27.28 -31.65
N ASP C 255 -22.72 28.44 -31.19
CA ASP C 255 -21.55 29.07 -31.78
C ASP C 255 -20.29 28.21 -31.60
N LEU C 256 -19.87 27.94 -30.36
CA LEU C 256 -18.65 27.14 -30.11
C LEU C 256 -18.70 25.88 -30.93
N LYS C 257 -19.91 25.44 -31.26
CA LYS C 257 -20.11 24.25 -32.09
C LYS C 257 -19.99 24.63 -33.57
N GLU C 258 -20.75 25.61 -34.03
CA GLU C 258 -20.69 26.02 -35.43
C GLU C 258 -19.41 26.84 -35.54
N PRO C 259 -18.26 26.19 -35.83
CA PRO C 259 -16.99 26.94 -35.92
C PRO C 259 -17.04 28.25 -36.72
N GLY C 260 -17.40 29.34 -36.04
CA GLY C 260 -17.46 30.65 -36.63
C GLY C 260 -16.97 30.84 -38.06
N GLU C 261 -15.82 31.50 -38.20
CA GLU C 261 -15.27 31.82 -39.53
C GLU C 261 -15.14 30.63 -40.52
N SER C 262 -15.26 29.40 -40.02
CA SER C 262 -15.16 28.13 -40.78
C SER C 262 -13.72 27.58 -40.66
N GLN C 263 -13.35 27.23 -39.43
CA GLN C 263 -12.02 26.71 -39.14
C GLN C 263 -12.03 25.41 -38.28
N LYS C 264 -11.72 25.53 -36.97
CA LYS C 264 -11.66 24.37 -36.05
C LYS C 264 -12.77 24.34 -34.98
N PRO C 265 -13.50 23.21 -34.91
CA PRO C 265 -14.59 23.07 -33.95
C PRO C 265 -14.04 22.86 -32.56
N TYR C 266 -14.86 23.10 -31.55
CA TYR C 266 -14.44 22.89 -30.18
C TYR C 266 -14.94 21.50 -29.75
N SER C 267 -14.05 20.58 -29.40
CA SER C 267 -14.51 19.27 -28.99
C SER C 267 -14.99 19.32 -27.58
N SER C 268 -15.69 18.25 -27.14
CA SER C 268 -16.28 18.17 -25.80
C SER C 268 -15.78 17.02 -24.95
N ARG C 269 -15.82 17.26 -23.64
CA ARG C 269 -15.48 16.32 -22.56
C ARG C 269 -16.00 17.02 -21.32
N TYR C 270 -16.71 16.25 -20.51
CA TYR C 270 -17.35 16.69 -19.27
C TYR C 270 -17.52 15.43 -18.40
N ILE C 271 -16.77 15.37 -17.30
CA ILE C 271 -16.78 14.18 -16.49
C ILE C 271 -17.85 14.18 -15.49
N GLY C 272 -18.27 15.36 -15.07
CA GLY C 272 -19.31 15.42 -14.08
C GLY C 272 -18.90 15.92 -12.71
N SER C 273 -17.68 16.42 -12.53
CA SER C 273 -17.23 16.89 -11.22
C SER C 273 -16.24 18.06 -11.26
N LEU C 274 -16.43 19.03 -10.39
CA LEU C 274 -15.58 20.23 -10.36
C LEU C 274 -14.09 20.01 -10.52
N VAL C 275 -13.42 19.41 -9.51
CA VAL C 275 -11.97 19.20 -9.56
C VAL C 275 -11.50 18.63 -10.86
N GLY C 276 -12.02 17.47 -11.22
CA GLY C 276 -11.65 16.87 -12.50
C GLY C 276 -11.83 17.74 -13.75
N ASP C 277 -13.02 18.32 -13.99
CA ASP C 277 -13.27 19.17 -15.16
C ASP C 277 -12.33 20.33 -15.08
N PHE C 278 -12.08 20.83 -13.89
CA PHE C 278 -11.19 21.97 -13.72
C PHE C 278 -9.73 21.63 -13.88
N HIS C 279 -9.35 20.37 -13.64
CA HIS C 279 -7.96 19.98 -13.74
C HIS C 279 -7.45 19.91 -15.18
N ARG C 280 -8.16 19.28 -16.11
CA ARG C 280 -7.69 19.29 -17.50
C ARG C 280 -7.75 20.74 -18.06
N THR C 281 -8.60 21.56 -17.44
CA THR C 281 -8.78 22.98 -17.76
C THR C 281 -7.53 23.76 -17.30
N LEU C 282 -6.86 23.24 -16.28
CA LEU C 282 -5.62 23.91 -15.81
C LEU C 282 -4.43 23.59 -16.73
N LEU C 283 -3.97 22.35 -16.67
CA LEU C 283 -2.85 21.90 -17.47
C LEU C 283 -3.10 22.18 -18.95
N TYR C 284 -4.22 21.69 -19.47
CA TYR C 284 -4.62 21.89 -20.87
C TYR C 284 -5.65 23.05 -20.93
N GLY C 285 -5.69 23.79 -22.04
CA GLY C 285 -6.60 24.94 -22.15
C GLY C 285 -8.10 24.70 -22.25
N GLY C 286 -8.87 25.75 -22.49
CA GLY C 286 -10.31 25.57 -22.65
C GLY C 286 -11.20 26.35 -21.71
N ILE C 287 -12.42 25.88 -21.50
CA ILE C 287 -13.36 26.54 -20.59
C ILE C 287 -14.26 25.49 -19.90
N TYR C 288 -14.77 25.84 -18.72
CA TYR C 288 -15.65 24.99 -17.90
C TYR C 288 -16.56 25.98 -17.23
N GLY C 289 -17.84 25.70 -17.07
CA GLY C 289 -18.65 26.68 -16.40
C GLY C 289 -19.94 26.19 -15.83
N TYR C 290 -20.56 27.00 -15.00
CA TYR C 290 -21.84 26.62 -14.44
C TYR C 290 -22.71 27.86 -14.46
N PRO C 291 -23.28 28.21 -15.64
CA PRO C 291 -24.13 29.38 -15.90
C PRO C 291 -25.33 29.61 -14.99
N ARG C 292 -25.65 30.89 -14.79
CA ARG C 292 -26.80 31.30 -13.97
C ARG C 292 -28.00 30.89 -14.83
N ASP C 293 -28.58 29.71 -14.59
CA ASP C 293 -29.73 29.29 -15.38
C ASP C 293 -31.02 29.21 -14.55
N ALA C 294 -32.06 28.63 -15.13
CA ALA C 294 -33.35 28.55 -14.46
C ALA C 294 -33.36 28.21 -12.96
N LYS C 295 -32.36 27.48 -12.46
CA LYS C 295 -32.29 27.13 -11.03
C LYS C 295 -31.85 28.40 -10.24
N SER C 296 -32.59 29.47 -10.54
CA SER C 296 -32.46 30.84 -10.07
C SER C 296 -31.10 31.49 -10.30
N LYS C 297 -31.10 32.77 -10.65
CA LYS C 297 -29.86 33.51 -10.94
C LYS C 297 -28.70 33.25 -9.98
N ASN C 298 -28.05 32.09 -10.14
CA ASN C 298 -26.94 31.70 -9.28
C ASN C 298 -26.16 30.54 -9.83
N GLY C 299 -26.75 29.37 -9.80
CA GLY C 299 -26.08 28.21 -10.34
C GLY C 299 -26.02 27.17 -9.28
N LYS C 300 -24.99 26.34 -9.28
CA LYS C 300 -24.87 25.30 -8.27
C LYS C 300 -23.57 25.39 -7.50
N LEU C 301 -22.66 26.29 -7.89
CA LEU C 301 -21.39 26.39 -7.18
C LEU C 301 -21.34 27.60 -6.24
N ARG C 302 -20.97 27.34 -4.98
CA ARG C 302 -20.88 28.35 -3.93
C ARG C 302 -19.70 29.31 -4.15
N LEU C 303 -19.74 30.48 -3.49
CA LEU C 303 -18.67 31.48 -3.65
C LEU C 303 -17.39 31.18 -2.92
N LEU C 304 -17.34 31.43 -1.61
CA LEU C 304 -16.13 31.15 -0.85
C LEU C 304 -15.58 29.73 -1.12
N TYR C 305 -16.46 28.72 -1.01
CA TYR C 305 -16.03 27.34 -1.19
C TYR C 305 -15.54 26.99 -2.59
N GLU C 306 -16.36 26.39 -3.47
CA GLU C 306 -15.82 26.03 -4.80
C GLU C 306 -15.26 27.06 -5.75
N CYS C 307 -15.88 28.23 -5.83
CA CYS C 307 -15.40 29.26 -6.76
C CYS C 307 -14.24 30.17 -6.35
N ALA C 308 -14.15 30.61 -5.09
CA ALA C 308 -13.05 31.46 -4.66
C ALA C 308 -11.66 30.83 -4.81
N PRO C 309 -11.41 29.60 -4.29
CA PRO C 309 -10.06 29.03 -4.46
C PRO C 309 -9.64 28.86 -5.93
N MET C 310 -10.46 28.13 -6.68
CA MET C 310 -10.26 27.81 -8.10
C MET C 310 -9.98 29.02 -8.99
N SER C 311 -10.57 30.16 -8.69
CA SER C 311 -10.29 31.33 -9.47
C SER C 311 -8.90 31.83 -9.12
N PHE C 312 -8.43 31.55 -7.89
CA PHE C 312 -7.08 32.02 -7.47
C PHE C 312 -5.95 31.21 -8.02
N ILE C 313 -6.20 29.92 -8.23
CA ILE C 313 -5.21 29.04 -8.83
C ILE C 313 -5.02 29.51 -10.28
N VAL C 314 -6.12 29.77 -10.99
CA VAL C 314 -6.03 30.20 -12.38
C VAL C 314 -5.32 31.51 -12.65
N GLU C 315 -5.58 32.58 -11.86
CA GLU C 315 -4.86 33.85 -12.14
C GLU C 315 -3.38 33.55 -12.32
N GLN C 316 -2.88 32.72 -11.40
CA GLN C 316 -1.48 32.29 -11.37
C GLN C 316 -1.18 31.20 -12.43
N ALA C 317 -2.23 30.54 -12.89
CA ALA C 317 -2.11 29.53 -13.93
C ALA C 317 -2.34 30.27 -15.27
N GLY C 318 -1.91 31.54 -15.32
CA GLY C 318 -2.09 32.32 -16.54
C GLY C 318 -3.44 32.20 -17.21
N GLY C 319 -4.44 31.98 -16.38
CA GLY C 319 -5.81 31.82 -16.83
C GLY C 319 -6.61 32.95 -16.28
N LYS C 320 -7.93 32.77 -16.13
CA LYS C 320 -8.77 33.88 -15.65
C LYS C 320 -10.10 33.37 -15.12
N GLY C 321 -10.60 33.97 -14.05
CA GLY C 321 -11.84 33.49 -13.49
C GLY C 321 -12.85 34.59 -13.52
N SER C 322 -14.00 34.28 -14.11
CA SER C 322 -15.10 35.24 -14.27
C SER C 322 -16.38 34.53 -13.88
N ASP C 323 -17.31 35.28 -13.30
CA ASP C 323 -18.60 34.76 -12.88
C ASP C 323 -19.64 35.01 -13.97
N GLY C 324 -19.33 35.97 -14.81
CA GLY C 324 -20.20 36.33 -15.91
C GLY C 324 -20.15 37.85 -15.97
N HIS C 325 -20.65 38.43 -14.89
CA HIS C 325 -20.74 39.88 -14.70
C HIS C 325 -19.43 40.62 -14.33
N GLN C 326 -18.64 40.06 -13.39
CA GLN C 326 -17.33 40.64 -12.94
C GLN C 326 -16.37 39.50 -12.61
N ARG C 327 -15.17 39.78 -12.12
CA ARG C 327 -14.25 38.72 -11.79
C ARG C 327 -14.60 38.15 -10.41
N ILE C 328 -14.85 36.86 -10.33
CA ILE C 328 -15.18 36.21 -9.05
C ILE C 328 -14.16 36.61 -7.94
N LEU C 329 -12.88 36.36 -8.21
CA LEU C 329 -11.79 36.69 -7.28
C LEU C 329 -11.92 38.00 -6.48
N ASP C 330 -12.91 38.83 -6.82
CA ASP C 330 -13.13 40.11 -6.13
C ASP C 330 -14.60 40.52 -6.28
N ILE C 331 -15.46 39.64 -5.77
CA ILE C 331 -16.89 39.78 -5.71
C ILE C 331 -17.14 39.56 -4.21
N GLN C 332 -17.77 40.52 -3.56
CA GLN C 332 -18.05 40.42 -2.12
C GLN C 332 -18.95 39.23 -1.80
N PRO C 333 -18.46 38.33 -0.95
CA PRO C 333 -19.18 37.11 -0.52
C PRO C 333 -20.59 37.38 0.08
N THR C 334 -20.76 38.61 0.59
CA THR C 334 -22.01 39.08 1.22
C THR C 334 -22.58 38.14 2.31
N GLU C 335 -23.07 36.96 1.92
CA GLU C 335 -23.60 36.02 2.90
C GLU C 335 -23.10 34.62 2.59
N ILE C 336 -23.70 33.67 3.30
CA ILE C 336 -23.35 32.25 3.24
C ILE C 336 -23.92 31.40 2.09
N HIS C 337 -23.10 30.44 1.65
CA HIS C 337 -23.46 29.54 0.58
C HIS C 337 -23.63 30.28 -0.73
N GLN C 338 -23.50 31.61 -0.73
CA GLN C 338 -23.72 32.42 -1.94
C GLN C 338 -23.32 31.82 -3.31
N ARG C 339 -24.24 31.07 -3.94
CA ARG C 339 -24.00 30.49 -5.26
C ARG C 339 -23.59 31.59 -6.23
N VAL C 340 -22.78 31.23 -7.21
CA VAL C 340 -22.28 32.12 -8.26
C VAL C 340 -21.88 31.22 -9.41
N PRO C 341 -22.44 31.45 -10.59
CA PRO C 341 -22.14 30.66 -11.78
C PRO C 341 -20.67 30.95 -12.01
N LEU C 342 -19.93 29.97 -12.52
CA LEU C 342 -18.50 30.14 -12.70
C LEU C 342 -18.07 29.98 -14.13
N TYR C 343 -17.13 30.81 -14.57
CA TYR C 343 -16.56 30.71 -15.90
C TYR C 343 -15.08 30.68 -15.62
N ILE C 344 -14.48 29.52 -15.86
CA ILE C 344 -13.11 29.33 -15.54
C ILE C 344 -12.29 28.78 -16.68
N GLY C 345 -11.20 29.45 -17.00
CA GLY C 345 -10.37 28.99 -18.07
C GLY C 345 -9.34 29.99 -18.51
N SER C 346 -8.67 29.65 -19.59
CA SER C 346 -7.62 30.49 -20.17
C SER C 346 -8.15 31.81 -20.72
N VAL C 347 -7.59 32.95 -20.30
CA VAL C 347 -8.08 34.26 -20.76
C VAL C 347 -8.87 34.36 -22.08
N GLU C 348 -8.19 34.43 -23.22
CA GLU C 348 -8.90 34.59 -24.49
C GLU C 348 -10.24 33.89 -24.49
N GLU C 349 -10.17 32.60 -24.20
CA GLU C 349 -11.31 31.70 -24.17
C GLU C 349 -12.10 31.87 -22.89
N VAL C 350 -12.48 33.09 -22.57
CA VAL C 350 -13.28 33.35 -21.37
C VAL C 350 -13.81 34.77 -21.48
N GLU C 351 -13.00 35.62 -22.09
CA GLU C 351 -13.44 36.96 -22.35
C GLU C 351 -14.50 36.77 -23.46
N LYS C 352 -14.26 35.78 -24.33
CA LYS C 352 -15.14 35.45 -25.43
C LYS C 352 -16.61 35.48 -25.03
N LEU C 353 -17.05 34.60 -24.16
CA LEU C 353 -18.47 34.63 -23.78
C LEU C 353 -18.71 35.84 -22.93
N GLU C 354 -17.62 36.39 -22.37
CA GLU C 354 -17.69 37.60 -21.53
C GLU C 354 -17.99 38.79 -22.46
N LYS C 355 -17.81 38.59 -23.77
CA LYS C 355 -18.05 39.61 -24.80
C LYS C 355 -19.53 39.75 -25.12
N TYR C 356 -20.36 39.27 -24.19
CA TYR C 356 -21.82 39.27 -24.27
C TYR C 356 -22.48 40.07 -23.12
N LEU C 357 -22.23 41.38 -23.09
CA LEU C 357 -22.82 42.28 -22.08
C LEU C 357 -23.00 43.72 -22.66
N ALA C 358 -23.47 44.63 -21.82
CA ALA C 358 -23.69 46.03 -22.20
C ALA C 358 -24.52 46.09 -23.50
N LYS D 11 -21.00 2.89 12.35
CA LYS D 11 -21.99 2.04 11.62
C LYS D 11 -21.21 1.14 10.66
N ALA D 12 -21.65 -0.10 10.52
CA ALA D 12 -21.00 -1.05 9.62
C ALA D 12 -21.87 -1.51 8.43
N ARG D 13 -21.22 -1.48 7.26
CA ARG D 13 -21.80 -1.86 5.96
C ARG D 13 -20.75 -2.39 4.92
N THR D 14 -19.50 -1.96 5.05
CA THR D 14 -18.44 -2.43 4.14
C THR D 14 -17.82 -3.77 4.63
N ARG D 15 -17.45 -3.82 5.92
CA ARG D 15 -16.84 -5.01 6.52
C ARG D 15 -17.99 -6.02 6.76
N SER D 16 -19.14 -5.50 7.18
CA SER D 16 -20.32 -6.33 7.47
C SER D 16 -21.01 -7.05 6.29
N LYS D 17 -20.27 -7.83 5.51
CA LYS D 17 -20.90 -8.51 4.37
C LYS D 17 -21.03 -9.99 4.66
N TYR D 18 -19.90 -10.59 5.07
CA TYR D 18 -19.84 -12.02 5.34
C TYR D 18 -19.89 -12.69 3.95
N GLU D 19 -19.64 -13.99 3.88
CA GLU D 19 -19.65 -14.70 2.60
C GLU D 19 -18.77 -14.04 1.54
N ILE D 20 -17.80 -13.24 2.03
CA ILE D 20 -16.85 -12.51 1.17
C ILE D 20 -16.20 -13.38 0.08
N GLU D 21 -15.91 -12.76 -1.05
CA GLU D 21 -15.29 -13.51 -2.08
C GLU D 21 -14.30 -12.59 -2.76
N THR D 22 -13.22 -13.19 -3.26
CA THR D 22 -12.21 -12.46 -4.00
C THR D 22 -12.47 -13.09 -5.35
N LEU D 23 -11.98 -12.46 -6.41
CA LEU D 23 -12.16 -12.96 -7.77
C LEU D 23 -11.86 -14.48 -7.82
N THR D 24 -10.71 -14.87 -7.25
CA THR D 24 -10.27 -16.27 -7.19
C THR D 24 -11.35 -17.12 -6.64
N GLY D 25 -11.92 -16.67 -5.54
CA GLY D 25 -13.00 -17.44 -4.98
C GLY D 25 -13.98 -17.70 -6.10
N TRP D 26 -14.65 -16.63 -6.52
CA TRP D 26 -15.69 -16.68 -7.56
C TRP D 26 -15.29 -17.47 -8.78
N LEU D 27 -14.06 -17.25 -9.23
CA LEU D 27 -13.50 -17.93 -10.40
C LEU D 27 -13.36 -19.42 -10.24
N LEU D 28 -13.35 -19.91 -9.00
CA LEU D 28 -13.23 -21.35 -8.87
C LEU D 28 -14.59 -21.80 -8.49
N LYS D 29 -15.28 -20.99 -7.69
CA LYS D 29 -16.61 -21.34 -7.23
C LYS D 29 -17.49 -21.73 -8.41
N GLN D 30 -17.59 -20.86 -9.42
CA GLN D 30 -18.39 -21.17 -10.61
C GLN D 30 -17.74 -22.33 -11.38
N PRO D 31 -16.53 -22.13 -11.91
CA PRO D 31 -15.88 -23.22 -12.63
C PRO D 31 -15.44 -24.36 -11.68
N MET D 32 -16.45 -25.04 -11.14
CA MET D 32 -16.37 -26.19 -10.23
C MET D 32 -17.78 -26.77 -10.32
N ALA D 33 -18.76 -25.88 -10.19
CA ALA D 33 -20.20 -26.21 -10.28
C ALA D 33 -20.59 -26.27 -11.77
N GLY D 34 -19.91 -25.48 -12.59
CA GLY D 34 -20.23 -25.47 -14.01
C GLY D 34 -19.16 -25.80 -15.03
N VAL D 35 -18.88 -27.08 -15.16
CA VAL D 35 -17.90 -27.56 -16.11
C VAL D 35 -16.51 -26.89 -16.17
N ILE D 36 -16.42 -25.67 -16.70
CA ILE D 36 -15.10 -25.03 -16.82
C ILE D 36 -14.28 -25.11 -15.54
N ASP D 37 -12.97 -24.96 -15.68
CA ASP D 37 -12.01 -25.00 -14.56
C ASP D 37 -10.62 -24.85 -15.18
N ALA D 38 -9.57 -25.35 -14.53
CA ALA D 38 -8.20 -25.27 -15.06
C ALA D 38 -8.02 -24.13 -16.04
N GLU D 39 -7.59 -24.44 -17.26
CA GLU D 39 -7.36 -23.46 -18.35
C GLU D 39 -7.98 -22.08 -18.13
N LEU D 40 -9.25 -21.94 -18.51
CA LEU D 40 -10.01 -20.68 -18.40
C LEU D 40 -9.80 -19.96 -17.07
N THR D 41 -10.16 -20.60 -15.97
CA THR D 41 -10.01 -19.98 -14.67
C THR D 41 -8.63 -19.33 -14.51
N ILE D 42 -7.58 -20.15 -14.55
CA ILE D 42 -6.26 -19.60 -14.40
C ILE D 42 -5.96 -18.48 -15.41
N VAL D 43 -6.14 -18.71 -16.72
CA VAL D 43 -5.88 -17.69 -17.72
C VAL D 43 -6.77 -16.45 -17.60
N LEU D 44 -7.60 -16.43 -16.59
CA LEU D 44 -8.47 -15.29 -16.35
C LEU D 44 -7.92 -14.65 -15.07
N SER D 45 -7.36 -15.52 -14.22
CA SER D 45 -6.77 -15.15 -12.95
C SER D 45 -5.53 -14.37 -13.36
N SER D 46 -4.61 -15.02 -14.08
CA SER D 46 -3.40 -14.31 -14.51
C SER D 46 -3.68 -13.08 -15.40
N ILE D 47 -4.97 -12.82 -15.59
CA ILE D 47 -5.44 -11.65 -16.31
C ILE D 47 -5.90 -10.71 -15.20
N SER D 48 -6.47 -11.26 -14.12
CA SER D 48 -6.83 -10.43 -12.98
C SER D 48 -5.52 -9.75 -12.59
N LEU D 49 -4.53 -10.60 -12.27
CA LEU D 49 -3.21 -10.16 -11.83
C LEU D 49 -2.55 -9.19 -12.79
N ALA D 50 -2.55 -9.49 -14.08
CA ALA D 50 -1.95 -8.56 -15.06
C ALA D 50 -2.61 -7.20 -14.88
N CYS D 51 -3.94 -7.17 -14.68
CA CYS D 51 -4.68 -5.92 -14.49
C CYS D 51 -4.35 -5.16 -13.17
N LYS D 52 -4.00 -5.86 -12.10
CA LYS D 52 -3.60 -5.23 -10.83
C LYS D 52 -2.24 -4.56 -11.01
N GLN D 53 -1.38 -5.26 -11.75
CA GLN D 53 0.01 -4.89 -12.07
C GLN D 53 0.15 -3.72 -13.01
N ILE D 54 -0.87 -3.53 -13.86
CA ILE D 54 -0.95 -2.42 -14.84
C ILE D 54 -1.46 -1.12 -14.23
N ALA D 55 -2.52 -1.20 -13.45
CA ALA D 55 -3.07 -0.05 -12.80
C ALA D 55 -1.95 0.79 -12.21
N SER D 56 -1.00 0.17 -11.51
CA SER D 56 0.10 0.91 -10.90
C SER D 56 0.84 1.77 -11.89
N LEU D 57 0.94 1.34 -13.14
CA LEU D 57 1.65 2.14 -14.12
C LEU D 57 0.88 3.40 -14.43
N VAL D 58 -0.44 3.26 -14.39
CA VAL D 58 -1.37 4.37 -14.65
C VAL D 58 -1.15 5.30 -13.49
N GLN D 59 -1.38 4.80 -12.27
CA GLN D 59 -1.21 5.59 -11.03
C GLN D 59 0.19 6.19 -10.90
N ARG D 60 1.09 5.64 -11.71
CA ARG D 60 2.48 6.04 -11.80
C ARG D 60 3.40 5.42 -10.74
N ALA D 61 4.21 4.47 -11.19
CA ALA D 61 5.14 3.73 -10.36
C ALA D 61 6.36 4.54 -10.11
N LYS D 82 3.22 7.49 -21.09
CA LYS D 82 4.21 6.58 -21.73
C LYS D 82 4.27 5.29 -20.93
N LEU D 83 3.27 4.45 -21.14
CA LEU D 83 3.19 3.18 -20.48
C LEU D 83 2.22 2.38 -21.30
N ASP D 84 2.48 2.37 -22.60
CA ASP D 84 1.67 1.65 -23.57
C ASP D 84 2.36 0.31 -23.84
N VAL D 85 3.43 0.34 -24.66
CA VAL D 85 4.16 -0.88 -25.02
C VAL D 85 4.33 -1.74 -23.77
N VAL D 86 4.92 -1.12 -22.74
CA VAL D 86 5.12 -1.81 -21.46
C VAL D 86 3.84 -2.59 -21.15
N SER D 87 2.67 -1.95 -21.09
CA SER D 87 1.44 -2.71 -20.77
C SER D 87 1.20 -4.00 -21.58
N ASN D 88 1.79 -4.13 -22.76
CA ASN D 88 1.62 -5.35 -23.58
C ASN D 88 2.60 -6.39 -23.02
N GLU D 89 3.87 -6.00 -22.84
CA GLU D 89 4.90 -6.89 -22.30
C GLU D 89 4.51 -7.39 -20.87
N VAL D 90 3.84 -6.56 -20.08
CA VAL D 90 3.42 -6.98 -18.74
C VAL D 90 2.45 -8.08 -18.98
N PHE D 91 1.65 -7.91 -20.01
CA PHE D 91 0.62 -8.88 -20.36
C PHE D 91 1.19 -10.20 -20.81
N SER D 92 2.07 -10.21 -21.79
CA SER D 92 2.61 -11.49 -22.26
C SER D 92 3.11 -12.28 -21.06
N SER D 93 3.97 -11.65 -20.26
CA SER D 93 4.54 -12.36 -19.12
C SER D 93 3.45 -13.07 -18.34
N CYS D 94 2.56 -12.31 -17.70
CA CYS D 94 1.52 -12.89 -16.88
C CYS D 94 0.53 -13.83 -17.57
N LEU D 95 0.90 -14.35 -18.74
CA LEU D 95 0.09 -15.33 -19.50
C LEU D 95 0.94 -16.52 -19.98
N ARG D 96 2.21 -16.26 -20.26
CA ARG D 96 3.10 -17.33 -20.75
C ARG D 96 2.94 -18.69 -20.07
N SER D 97 2.92 -18.76 -18.73
CA SER D 97 2.76 -20.11 -18.17
C SER D 97 1.31 -20.56 -18.03
N SER D 98 0.49 -20.17 -19.00
CA SER D 98 -0.91 -20.61 -19.04
C SER D 98 -1.13 -21.00 -20.49
N GLY D 99 -0.46 -22.11 -20.88
CA GLY D 99 -0.46 -22.62 -22.24
C GLY D 99 -1.72 -23.06 -22.96
N ARG D 100 -2.81 -22.32 -22.78
CA ARG D 100 -4.09 -22.63 -23.40
C ARG D 100 -4.49 -21.51 -24.37
N THR D 101 -3.55 -20.61 -24.69
CA THR D 101 -3.77 -19.53 -25.65
C THR D 101 -2.62 -19.46 -26.67
N GLY D 102 -2.92 -19.07 -27.90
CA GLY D 102 -1.88 -18.99 -28.92
C GLY D 102 -1.50 -17.54 -29.21
N ILE D 103 -1.30 -17.16 -30.48
CA ILE D 103 -0.95 -15.76 -30.77
C ILE D 103 -2.20 -14.94 -30.74
N ILE D 104 -2.03 -13.69 -30.31
CA ILE D 104 -3.12 -12.74 -30.20
C ILE D 104 -2.71 -11.31 -30.63
N ALA D 105 -3.30 -10.81 -31.72
CA ALA D 105 -3.03 -9.46 -32.19
C ALA D 105 -3.72 -8.57 -31.14
N SER D 106 -2.93 -7.99 -30.24
CA SER D 106 -3.46 -7.12 -29.17
C SER D 106 -3.17 -5.64 -29.52
N GLU D 107 -3.76 -4.71 -28.78
CA GLU D 107 -3.61 -3.27 -29.06
C GLU D 107 -2.22 -2.86 -29.51
N GLU D 108 -2.17 -1.90 -30.42
CA GLU D 108 -0.93 -1.39 -31.03
C GLU D 108 0.08 -2.47 -31.51
N GLU D 109 -0.12 -3.73 -31.15
CA GLU D 109 0.82 -4.77 -31.57
C GLU D 109 0.88 -4.95 -33.11
N ASP D 110 2.08 -5.22 -33.59
CA ASP D 110 2.34 -5.37 -35.02
C ASP D 110 1.93 -6.72 -35.53
N VAL D 111 2.03 -7.73 -34.65
CA VAL D 111 1.71 -9.10 -35.04
C VAL D 111 1.77 -10.07 -33.84
N PRO D 112 0.74 -10.93 -33.71
CA PRO D 112 0.61 -11.90 -32.61
C PRO D 112 1.79 -12.89 -32.54
N VAL D 113 2.43 -13.05 -31.37
CA VAL D 113 3.59 -13.98 -31.15
C VAL D 113 3.15 -15.30 -30.46
N ALA D 114 3.72 -16.43 -30.86
CA ALA D 114 3.35 -17.73 -30.28
C ALA D 114 4.15 -17.98 -29.02
N VAL D 115 3.61 -18.72 -28.05
CA VAL D 115 4.36 -18.96 -26.77
C VAL D 115 5.17 -20.28 -26.60
N GLU D 116 6.33 -20.31 -27.26
CA GLU D 116 7.27 -21.44 -27.29
C GLU D 116 6.83 -22.93 -27.27
N GLU D 117 5.63 -23.25 -27.77
CA GLU D 117 5.15 -24.66 -27.78
C GLU D 117 5.10 -25.25 -26.37
N SER D 118 4.50 -26.44 -26.20
CA SER D 118 4.32 -27.07 -24.87
C SER D 118 3.18 -26.36 -24.13
N TYR D 119 3.20 -25.03 -24.21
CA TYR D 119 2.14 -24.18 -23.68
C TYR D 119 1.24 -24.21 -24.95
N SER D 120 0.71 -25.38 -25.25
CA SER D 120 -0.10 -25.50 -26.43
C SER D 120 -1.45 -24.83 -26.23
N GLY D 121 -1.47 -23.54 -26.52
CA GLY D 121 -2.68 -22.77 -26.38
C GLY D 121 -3.79 -22.88 -27.45
N ASN D 122 -4.68 -23.88 -27.28
CA ASN D 122 -5.83 -24.08 -28.18
C ASN D 122 -6.97 -23.25 -27.52
N TYR D 123 -6.93 -21.93 -27.76
CA TYR D 123 -7.85 -20.86 -27.27
C TYR D 123 -7.09 -19.48 -27.52
N ILE D 124 -7.79 -18.40 -27.91
CA ILE D 124 -7.15 -17.08 -28.23
C ILE D 124 -7.82 -15.88 -27.54
N VAL D 125 -7.02 -15.04 -26.88
CA VAL D 125 -7.56 -13.86 -26.20
C VAL D 125 -7.00 -12.57 -26.78
N VAL D 126 -7.86 -11.57 -26.94
CA VAL D 126 -7.38 -10.30 -27.48
C VAL D 126 -7.27 -9.43 -26.25
N PHE D 127 -6.14 -8.72 -26.12
CA PHE D 127 -5.92 -7.87 -24.99
C PHE D 127 -5.74 -6.39 -25.43
N ASP D 128 -6.50 -5.49 -24.79
CA ASP D 128 -6.42 -4.06 -25.10
C ASP D 128 -5.93 -3.31 -23.85
N PRO D 129 -4.63 -2.93 -23.81
CA PRO D 129 -3.93 -2.21 -22.75
C PRO D 129 -4.60 -0.91 -22.32
N LEU D 130 -4.32 0.19 -22.99
CA LEU D 130 -4.99 1.46 -22.62
C LEU D 130 -5.83 2.00 -23.81
N ASP D 131 -7.13 2.21 -23.60
CA ASP D 131 -7.93 2.71 -24.72
C ASP D 131 -7.63 4.15 -25.13
N GLY D 132 -8.59 5.05 -24.92
CA GLY D 132 -8.44 6.46 -25.30
C GLY D 132 -7.08 7.14 -25.33
N SER D 133 -6.31 6.82 -26.38
CA SER D 133 -4.96 7.36 -26.60
C SER D 133 -4.87 8.88 -26.36
N SER D 134 -4.74 9.26 -25.09
CA SER D 134 -4.65 10.67 -24.69
C SER D 134 -4.68 10.84 -23.14
N ASN D 135 -5.75 10.30 -22.52
CA ASN D 135 -5.97 10.45 -21.08
C ASN D 135 -4.71 10.18 -20.25
N ILE D 136 -3.95 9.14 -20.61
CA ILE D 136 -2.71 8.71 -19.91
C ILE D 136 -1.73 9.82 -19.50
N ASP D 137 -1.70 10.90 -20.28
CA ASP D 137 -0.84 12.05 -20.02
C ASP D 137 -1.68 13.21 -19.52
N ALA D 138 -3.00 13.05 -19.74
CA ALA D 138 -4.11 14.00 -19.40
C ALA D 138 -4.68 13.87 -17.97
N ALA D 139 -4.30 12.77 -17.33
CA ALA D 139 -4.71 12.48 -15.96
C ALA D 139 -6.24 12.42 -15.94
N VAL D 140 -6.79 11.23 -16.14
CA VAL D 140 -8.24 11.03 -16.15
C VAL D 140 -8.51 9.54 -16.43
N SER D 141 -9.74 9.07 -16.19
CA SER D 141 -10.14 7.68 -16.42
C SER D 141 -9.59 7.00 -17.66
N THR D 142 -9.13 5.76 -17.49
CA THR D 142 -8.62 4.93 -18.57
C THR D 142 -8.88 3.47 -18.21
N GLY D 143 -8.64 2.52 -19.11
CA GLY D 143 -8.96 1.15 -18.78
C GLY D 143 -8.39 0.14 -19.75
N SER D 144 -8.63 -1.15 -19.52
CA SER D 144 -8.15 -2.21 -20.42
C SER D 144 -9.33 -3.07 -20.71
N ILE D 145 -9.38 -3.61 -21.92
CA ILE D 145 -10.50 -4.46 -22.33
C ILE D 145 -9.87 -5.72 -22.91
N PHE D 146 -10.47 -6.89 -22.65
CA PHE D 146 -9.95 -8.17 -23.15
C PHE D 146 -11.06 -9.03 -23.80
N GLY D 147 -10.72 -10.23 -24.30
CA GLY D 147 -11.71 -11.12 -24.90
C GLY D 147 -11.19 -12.54 -25.01
N ILE D 148 -11.99 -13.57 -24.70
CA ILE D 148 -11.51 -14.93 -24.82
C ILE D 148 -12.29 -15.65 -25.95
N TYR D 149 -11.64 -15.84 -27.11
CA TYR D 149 -12.24 -16.49 -28.27
C TYR D 149 -11.82 -17.94 -28.28
N SER D 150 -12.76 -18.88 -28.31
CA SER D 150 -12.40 -20.30 -28.29
C SER D 150 -12.44 -20.84 -29.68
N PRO D 151 -11.39 -20.59 -30.46
CA PRO D 151 -11.29 -21.02 -31.87
C PRO D 151 -11.95 -22.35 -32.12
N ASN D 152 -13.29 -22.33 -32.24
CA ASN D 152 -14.05 -23.55 -32.42
C ASN D 152 -13.38 -24.36 -33.53
N ASP D 153 -12.70 -23.68 -34.46
CA ASP D 153 -12.00 -24.43 -35.50
C ASP D 153 -10.48 -24.31 -35.19
N GLU D 154 -9.93 -25.32 -34.51
CA GLU D 154 -8.51 -25.31 -34.14
C GLU D 154 -7.50 -24.79 -35.18
N CYS D 155 -6.72 -23.81 -34.74
CA CYS D 155 -5.65 -23.15 -35.52
C CYS D 155 -5.41 -21.92 -34.60
N ILE D 156 -4.24 -21.90 -33.97
CA ILE D 156 -3.87 -20.78 -33.09
C ILE D 156 -2.41 -20.40 -33.46
N VAL D 157 -2.08 -20.66 -34.73
CA VAL D 157 -0.75 -20.40 -35.25
C VAL D 157 -0.62 -19.09 -35.99
N ASP D 158 0.64 -18.63 -36.08
CA ASP D 158 0.92 -17.38 -36.74
C ASP D 158 0.49 -17.49 -38.23
N SER D 159 0.61 -16.35 -38.94
CA SER D 159 0.33 -16.19 -40.38
C SER D 159 0.84 -14.79 -40.80
N ASP D 160 2.17 -14.67 -40.93
CA ASP D 160 2.82 -13.41 -41.28
C ASP D 160 2.13 -12.70 -42.44
N HIS D 161 1.83 -11.41 -42.23
CA HIS D 161 1.16 -10.57 -43.23
C HIS D 161 1.86 -9.24 -43.38
N ASP D 162 2.75 -9.11 -44.36
CA ASP D 162 3.44 -7.85 -44.59
C ASP D 162 3.32 -7.41 -46.09
N ASP D 163 2.19 -6.76 -46.39
CA ASP D 163 1.86 -6.23 -47.72
C ASP D 163 2.78 -6.70 -48.87
N GLU D 164 2.73 -8.00 -49.17
CA GLU D 164 3.56 -8.63 -50.20
C GLU D 164 2.89 -8.63 -51.61
N SER D 165 2.24 -9.78 -51.89
CA SER D 165 1.56 -10.07 -53.14
C SER D 165 0.65 -11.30 -52.89
N GLN D 166 0.21 -11.93 -53.98
CA GLN D 166 -0.68 -13.10 -53.93
C GLN D 166 -1.37 -13.05 -55.30
N LEU D 167 -2.26 -12.10 -55.42
CA LEU D 167 -2.96 -11.91 -56.65
C LEU D 167 -2.49 -10.51 -57.02
N SER D 168 -2.77 -10.09 -58.26
CA SER D 168 -2.36 -8.76 -58.69
C SER D 168 -3.52 -7.83 -58.33
N ALA D 169 -4.62 -8.43 -57.90
CA ALA D 169 -5.84 -7.70 -57.60
C ALA D 169 -6.20 -7.48 -56.12
N GLU D 170 -7.02 -8.40 -55.54
CA GLU D 170 -7.42 -8.34 -54.12
C GLU D 170 -7.59 -9.74 -53.47
N GLU D 171 -7.81 -9.75 -52.16
CA GLU D 171 -7.96 -10.95 -51.33
C GLU D 171 -9.04 -11.92 -51.77
N GLN D 172 -8.88 -13.16 -51.33
CA GLN D 172 -9.82 -14.26 -51.58
C GLN D 172 -10.05 -15.03 -50.28
N ARG D 173 -8.94 -15.44 -49.63
CA ARG D 173 -8.91 -16.26 -48.39
C ARG D 173 -8.67 -15.59 -47.00
N CYS D 174 -9.29 -16.16 -45.96
CA CYS D 174 -9.22 -15.63 -44.59
C CYS D 174 -7.86 -15.55 -43.94
N VAL D 175 -7.72 -14.56 -43.08
CA VAL D 175 -6.46 -14.34 -42.41
C VAL D 175 -6.49 -14.60 -40.92
N VAL D 176 -5.26 -14.74 -40.39
CA VAL D 176 -4.87 -15.00 -38.99
C VAL D 176 -5.74 -15.85 -38.06
N ASN D 177 -6.97 -16.14 -38.46
CA ASN D 177 -7.89 -16.92 -37.65
C ASN D 177 -8.37 -16.17 -36.41
N VAL D 178 -7.53 -15.24 -35.93
CA VAL D 178 -7.79 -14.42 -34.75
C VAL D 178 -9.25 -14.05 -34.79
N CYS D 179 -9.73 -13.83 -36.02
CA CYS D 179 -11.12 -13.45 -36.29
C CYS D 179 -12.03 -14.58 -35.78
N GLN D 180 -12.93 -14.23 -34.86
CA GLN D 180 -13.85 -15.22 -34.36
C GLN D 180 -15.15 -14.48 -34.01
N PRO D 181 -16.20 -14.77 -34.78
CA PRO D 181 -17.52 -14.18 -34.64
C PRO D 181 -18.04 -14.05 -33.21
N GLY D 182 -18.70 -12.92 -32.93
CA GLY D 182 -19.26 -12.67 -31.62
C GLY D 182 -20.16 -13.75 -31.01
N ASP D 183 -20.80 -14.60 -31.83
CA ASP D 183 -21.65 -15.62 -31.17
C ASP D 183 -20.81 -16.68 -30.49
N ASN D 184 -19.52 -16.73 -30.83
CA ASN D 184 -18.59 -17.73 -30.29
C ASN D 184 -17.33 -17.21 -29.59
N LEU D 185 -17.56 -16.30 -28.64
CA LEU D 185 -16.54 -15.65 -27.79
C LEU D 185 -17.08 -15.89 -26.37
N LEU D 186 -16.42 -16.75 -25.57
CA LEU D 186 -16.89 -17.14 -24.23
C LEU D 186 -16.86 -16.16 -23.08
N ALA D 187 -15.77 -15.41 -22.95
CA ALA D 187 -15.66 -14.46 -21.85
C ALA D 187 -15.01 -13.16 -22.28
N ALA D 188 -15.58 -12.03 -21.86
CA ALA D 188 -15.04 -10.73 -22.22
C ALA D 188 -15.34 -9.72 -21.13
N GLY D 189 -14.39 -8.85 -20.85
CA GLY D 189 -14.59 -7.88 -19.78
C GLY D 189 -13.61 -6.74 -19.80
N TYR D 190 -13.76 -5.81 -18.87
CA TYR D 190 -12.87 -4.67 -18.87
C TYR D 190 -12.57 -4.27 -17.47
N CYS D 191 -11.47 -3.55 -17.32
CA CYS D 191 -11.02 -3.12 -16.03
C CYS D 191 -10.85 -1.65 -16.09
N MET D 192 -11.47 -0.94 -15.16
CA MET D 192 -11.32 0.49 -15.22
C MET D 192 -10.34 1.02 -14.17
N TYR D 193 -9.36 1.80 -14.65
CA TYR D 193 -8.41 2.42 -13.76
C TYR D 193 -8.85 3.86 -13.63
N SER D 194 -9.90 4.12 -12.84
CA SER D 194 -10.37 5.49 -12.61
C SER D 194 -10.14 5.78 -11.13
N SER D 195 -11.01 6.54 -10.49
CA SER D 195 -10.79 6.77 -9.06
C SER D 195 -10.79 5.43 -8.36
N SER D 196 -11.06 4.35 -9.10
CA SER D 196 -11.06 3.05 -8.52
C SER D 196 -10.72 2.08 -9.63
N VAL D 197 -10.20 0.90 -9.26
CA VAL D 197 -9.89 -0.16 -10.22
C VAL D 197 -11.04 -1.18 -10.12
N ILE D 198 -12.20 -0.86 -10.68
CA ILE D 198 -13.35 -1.76 -10.62
C ILE D 198 -13.08 -2.77 -11.70
N PHE D 199 -13.41 -4.03 -11.44
CA PHE D 199 -13.13 -5.06 -12.46
C PHE D 199 -14.41 -5.65 -12.96
N VAL D 200 -14.75 -5.38 -14.21
CA VAL D 200 -15.99 -5.92 -14.76
C VAL D 200 -15.74 -7.06 -15.71
N LEU D 201 -16.48 -8.14 -15.50
CA LEU D 201 -16.40 -9.38 -16.31
C LEU D 201 -17.83 -9.89 -16.43
N THR D 202 -18.10 -10.70 -17.45
CA THR D 202 -19.44 -11.24 -17.66
C THR D 202 -19.63 -12.74 -17.90
N ILE D 203 -19.01 -13.29 -18.92
CA ILE D 203 -19.17 -14.69 -19.24
C ILE D 203 -20.62 -15.20 -19.22
N GLY D 204 -20.77 -16.52 -19.18
CA GLY D 204 -22.08 -17.15 -19.20
C GLY D 204 -22.96 -17.02 -17.99
N LYS D 205 -23.54 -15.83 -17.85
CA LYS D 205 -24.46 -15.48 -16.78
C LYS D 205 -24.68 -14.00 -16.61
N GLY D 206 -23.64 -13.19 -16.38
CA GLY D 206 -23.90 -11.77 -16.21
C GLY D 206 -22.67 -10.90 -16.01
N VAL D 207 -22.84 -9.59 -15.81
CA VAL D 207 -21.65 -8.78 -15.59
C VAL D 207 -21.38 -8.67 -14.08
N TYR D 208 -20.28 -9.25 -13.61
CA TYR D 208 -19.91 -9.17 -12.20
C TYR D 208 -18.84 -8.11 -12.16
N ALA D 209 -18.75 -7.36 -11.06
CA ALA D 209 -17.74 -6.30 -10.85
C ALA D 209 -16.98 -6.38 -9.50
N PHE D 210 -15.64 -6.33 -9.56
CA PHE D 210 -14.77 -6.45 -8.36
C PHE D 210 -13.84 -5.21 -8.08
N THR D 211 -14.14 -4.47 -7.02
CA THR D 211 -13.41 -3.25 -6.67
C THR D 211 -12.12 -3.50 -5.94
N LEU D 212 -11.01 -3.63 -6.66
CA LEU D 212 -9.71 -3.89 -6.05
C LEU D 212 -9.55 -3.16 -4.74
N ASP D 213 -9.31 -3.97 -3.71
CA ASP D 213 -9.10 -3.49 -2.36
C ASP D 213 -7.66 -2.95 -2.24
N PRO D 214 -7.46 -1.66 -2.51
CA PRO D 214 -6.11 -1.05 -2.43
C PRO D 214 -5.06 -1.58 -1.46
N MET D 215 -5.43 -1.75 -0.19
CA MET D 215 -4.56 -2.24 0.92
C MET D 215 -3.79 -3.55 0.79
N TYR D 216 -4.51 -4.65 0.57
CA TYR D 216 -3.99 -6.03 0.50
C TYR D 216 -3.85 -6.62 -0.86
N GLY D 217 -4.38 -5.97 -1.89
CA GLY D 217 -4.20 -6.54 -3.22
C GLY D 217 -5.12 -7.67 -3.62
N GLU D 218 -6.42 -7.53 -3.37
CA GLU D 218 -7.38 -8.55 -3.76
C GLU D 218 -8.61 -7.93 -4.31
N PHE D 219 -9.17 -8.63 -5.30
CA PHE D 219 -10.37 -8.24 -6.00
C PHE D 219 -11.61 -8.74 -5.29
N VAL D 220 -12.37 -7.85 -4.73
CA VAL D 220 -13.59 -8.24 -4.04
C VAL D 220 -14.81 -8.03 -4.95
N LEU D 221 -15.75 -8.95 -4.90
CA LEU D 221 -16.97 -8.86 -5.68
C LEU D 221 -17.90 -7.93 -4.94
N THR D 222 -18.26 -6.81 -5.59
CA THR D 222 -19.17 -5.83 -4.96
C THR D 222 -20.63 -5.91 -5.40
N SER D 223 -20.84 -6.17 -6.70
CA SER D 223 -22.17 -6.24 -7.30
C SER D 223 -22.43 -7.48 -8.14
N GLU D 224 -23.34 -8.33 -7.71
CA GLU D 224 -23.63 -9.55 -8.47
C GLU D 224 -24.43 -9.16 -9.70
N LYS D 225 -24.83 -10.19 -10.47
CA LYS D 225 -25.61 -10.11 -11.69
C LYS D 225 -26.48 -8.89 -11.73
N ILE D 226 -26.00 -7.82 -12.37
CA ILE D 226 -26.76 -6.55 -12.54
C ILE D 226 -27.20 -6.38 -13.99
N GLN D 227 -28.01 -5.35 -14.23
CA GLN D 227 -28.50 -4.98 -15.56
C GLN D 227 -28.91 -3.52 -15.56
N ILE D 228 -28.62 -2.78 -16.65
CA ILE D 228 -28.99 -1.35 -16.78
C ILE D 228 -30.46 -1.08 -16.39
N PRO D 229 -30.85 0.19 -16.14
CA PRO D 229 -32.26 0.39 -15.75
C PRO D 229 -33.31 0.73 -16.78
N LYS D 230 -33.10 0.37 -18.05
CA LYS D 230 -34.07 0.64 -19.14
C LYS D 230 -34.09 2.13 -19.44
N ALA D 231 -34.25 2.96 -18.42
CA ALA D 231 -34.24 4.42 -18.57
C ALA D 231 -32.87 4.76 -19.10
N GLY D 232 -32.62 6.05 -19.21
CA GLY D 232 -31.33 6.51 -19.71
C GLY D 232 -31.35 8.00 -19.92
N LYS D 233 -31.38 8.75 -18.83
CA LYS D 233 -31.37 10.20 -18.93
C LYS D 233 -29.93 10.77 -19.10
N ILE D 234 -29.06 10.01 -19.74
CA ILE D 234 -27.69 10.50 -19.91
C ILE D 234 -27.16 10.23 -21.34
N TYR D 235 -26.79 11.26 -22.07
CA TYR D 235 -26.24 10.97 -23.40
C TYR D 235 -24.74 11.25 -23.31
N SER D 236 -23.90 10.53 -24.05
CA SER D 236 -22.49 10.83 -23.94
C SER D 236 -21.73 10.80 -25.24
N PHE D 237 -22.07 11.71 -26.14
CA PHE D 237 -21.38 11.81 -27.41
C PHE D 237 -20.58 13.12 -27.37
N ASN D 238 -19.60 13.25 -28.24
CA ASN D 238 -18.76 14.42 -28.33
C ASN D 238 -19.55 15.59 -28.92
N GLU D 239 -20.50 16.15 -28.19
CA GLU D 239 -21.32 17.21 -28.78
C GLU D 239 -20.62 18.34 -29.55
N GLY D 240 -19.49 18.80 -29.06
CA GLY D 240 -18.79 19.88 -29.73
C GLY D 240 -18.36 19.66 -31.17
N ASN D 241 -18.56 18.48 -31.69
CA ASN D 241 -18.14 18.20 -33.05
C ASN D 241 -19.33 18.24 -33.99
N TYR D 242 -20.50 18.57 -33.42
CA TYR D 242 -21.82 18.67 -34.10
C TYR D 242 -21.89 19.01 -35.59
N LYS D 243 -21.27 20.10 -35.99
CA LYS D 243 -21.23 20.51 -37.39
C LYS D 243 -20.36 19.48 -38.08
N MET D 244 -20.91 18.29 -38.36
CA MET D 244 -20.15 17.23 -39.05
C MET D 244 -20.99 15.90 -39.12
N TRP D 245 -21.70 15.56 -38.05
CA TRP D 245 -22.48 14.32 -38.05
C TRP D 245 -23.49 14.29 -39.20
N PRO D 246 -24.17 13.14 -39.45
CA PRO D 246 -25.17 13.06 -40.55
C PRO D 246 -26.41 13.91 -40.29
N ASP D 247 -27.02 14.49 -41.33
CA ASP D 247 -28.20 15.34 -41.14
C ASP D 247 -29.31 14.70 -40.29
N LYS D 248 -29.28 13.37 -40.18
CA LYS D 248 -30.27 12.62 -39.39
C LYS D 248 -29.90 12.50 -37.91
N LEU D 249 -28.62 12.31 -37.61
CA LEU D 249 -28.19 12.25 -36.22
C LEU D 249 -28.22 13.68 -35.69
N LYS D 250 -27.70 14.63 -36.48
CA LYS D 250 -27.67 16.06 -36.11
C LYS D 250 -29.02 16.52 -35.59
N LYS D 251 -30.08 16.09 -36.24
CA LYS D 251 -31.41 16.45 -35.79
C LYS D 251 -31.61 15.80 -34.42
N TYR D 252 -31.47 14.48 -34.38
CA TYR D 252 -31.59 13.69 -33.13
C TYR D 252 -31.05 14.36 -31.82
N MET D 253 -29.82 14.87 -31.84
CA MET D 253 -29.29 15.49 -30.63
C MET D 253 -30.32 16.52 -30.12
N ASP D 254 -30.82 17.40 -31.00
CA ASP D 254 -31.75 18.45 -30.56
C ASP D 254 -32.98 17.90 -29.76
N ASP D 255 -33.42 16.68 -30.09
CA ASP D 255 -34.56 16.17 -29.34
C ASP D 255 -34.15 15.73 -27.93
N LEU D 256 -32.83 15.57 -27.72
CA LEU D 256 -32.32 15.24 -26.39
C LEU D 256 -32.38 16.49 -25.49
N LYS D 257 -31.88 17.61 -26.00
CA LYS D 257 -31.93 18.87 -25.28
C LYS D 257 -33.39 19.33 -25.14
N GLU D 258 -34.07 19.55 -26.28
CA GLU D 258 -35.47 20.02 -26.27
C GLU D 258 -36.36 18.94 -26.83
N PRO D 259 -36.87 18.08 -25.94
CA PRO D 259 -37.76 16.93 -26.20
C PRO D 259 -39.24 17.28 -26.39
N GLY D 260 -40.05 16.28 -26.76
CA GLY D 260 -41.48 16.50 -26.96
C GLY D 260 -42.07 17.11 -25.72
N GLU D 261 -42.67 16.29 -24.84
CA GLU D 261 -43.28 16.79 -23.59
C GLU D 261 -42.27 17.47 -22.67
N SER D 262 -41.09 17.82 -23.22
CA SER D 262 -40.01 18.52 -22.51
C SER D 262 -39.45 17.85 -21.23
N GLN D 263 -39.97 18.25 -20.07
CA GLN D 263 -39.57 17.75 -18.74
C GLN D 263 -38.07 17.67 -18.48
N LYS D 264 -37.78 16.95 -17.37
CA LYS D 264 -36.42 16.71 -16.89
C LYS D 264 -35.53 16.32 -18.07
N PRO D 265 -34.73 17.29 -18.57
CA PRO D 265 -33.88 16.93 -19.69
C PRO D 265 -32.93 15.76 -19.47
N TYR D 266 -31.98 15.65 -20.38
CA TYR D 266 -30.95 14.65 -20.35
C TYR D 266 -29.80 15.37 -19.73
N SER D 267 -28.78 14.60 -19.40
CA SER D 267 -27.52 15.08 -18.84
C SER D 267 -26.46 14.54 -19.76
N SER D 268 -25.46 15.35 -20.03
CA SER D 268 -24.43 14.93 -20.91
C SER D 268 -23.13 14.71 -20.19
N ARG D 269 -22.96 13.54 -19.59
CA ARG D 269 -21.74 13.18 -18.88
C ARG D 269 -20.85 12.44 -19.90
N TYR D 270 -19.74 13.05 -20.30
CA TYR D 270 -18.82 12.46 -21.27
C TYR D 270 -17.36 12.64 -20.89
N ILE D 271 -16.72 11.55 -20.40
CA ILE D 271 -15.30 11.55 -20.00
C ILE D 271 -14.42 11.52 -21.25
N GLY D 272 -14.89 10.75 -22.22
CA GLY D 272 -14.15 10.62 -23.46
C GLY D 272 -13.43 9.29 -23.54
N SER D 273 -12.97 8.80 -22.39
CA SER D 273 -12.26 7.54 -22.35
C SER D 273 -13.32 6.46 -22.54
N LEU D 274 -13.08 5.56 -23.48
CA LEU D 274 -14.06 4.52 -23.78
C LEU D 274 -14.54 3.67 -22.63
N VAL D 275 -13.70 3.37 -21.65
CA VAL D 275 -14.16 2.52 -20.55
C VAL D 275 -14.87 3.27 -19.46
N GLY D 276 -14.57 4.55 -19.34
CA GLY D 276 -15.23 5.35 -18.32
C GLY D 276 -16.67 5.63 -18.65
N ASP D 277 -16.88 5.95 -19.92
CA ASP D 277 -18.18 6.23 -20.49
C ASP D 277 -18.99 4.96 -20.48
N PHE D 278 -18.42 3.89 -21.01
CA PHE D 278 -19.15 2.65 -21.00
C PHE D 278 -19.49 2.23 -19.59
N HIS D 279 -18.66 2.58 -18.61
CA HIS D 279 -18.97 2.17 -17.25
C HIS D 279 -19.99 3.02 -16.52
N ARG D 280 -19.97 4.35 -16.68
CA ARG D 280 -21.03 5.15 -16.02
C ARG D 280 -22.33 4.71 -16.68
N THR D 281 -22.30 4.42 -17.98
CA THR D 281 -23.50 3.95 -18.68
C THR D 281 -23.97 2.65 -18.04
N LEU D 282 -23.33 1.53 -18.38
CA LEU D 282 -23.70 0.21 -17.85
C LEU D 282 -24.27 0.29 -16.45
N LEU D 283 -23.79 1.23 -15.65
CA LEU D 283 -24.35 1.35 -14.32
C LEU D 283 -25.60 2.24 -14.46
N TYR D 284 -25.51 3.54 -14.14
CA TYR D 284 -26.62 4.49 -14.24
C TYR D 284 -27.73 4.21 -15.33
N GLY D 285 -27.28 4.06 -16.57
CA GLY D 285 -28.15 3.83 -17.71
C GLY D 285 -27.94 5.06 -18.58
N GLY D 286 -28.17 4.97 -19.89
CA GLY D 286 -28.04 6.13 -20.76
C GLY D 286 -27.78 5.70 -22.18
N ILE D 287 -27.27 6.62 -22.98
CA ILE D 287 -26.86 6.34 -24.36
C ILE D 287 -25.45 6.92 -24.42
N TYR D 288 -24.58 6.21 -25.14
CA TYR D 288 -23.20 6.59 -25.35
C TYR D 288 -22.93 6.19 -26.76
N GLY D 289 -22.35 7.09 -27.56
CA GLY D 289 -22.05 6.77 -28.94
C GLY D 289 -20.92 7.45 -29.73
N TYR D 290 -20.37 6.65 -30.65
CA TYR D 290 -19.32 7.11 -31.52
C TYR D 290 -19.84 7.04 -32.95
N PRO D 291 -20.58 8.06 -33.34
CA PRO D 291 -21.14 8.12 -34.68
C PRO D 291 -20.20 8.24 -35.85
N ARG D 292 -20.80 8.06 -37.03
CA ARG D 292 -20.10 8.20 -38.29
C ARG D 292 -19.62 9.66 -38.23
N ASP D 293 -18.55 10.01 -38.91
CA ASP D 293 -18.16 11.41 -38.82
C ASP D 293 -17.76 11.99 -40.16
N ALA D 294 -16.64 12.73 -40.18
CA ALA D 294 -16.13 13.34 -41.41
C ALA D 294 -15.01 12.48 -42.01
N LYS D 295 -13.93 12.31 -41.22
CA LYS D 295 -12.73 11.54 -41.57
C LYS D 295 -12.94 10.32 -42.45
N SER D 296 -13.98 9.55 -42.20
CA SER D 296 -14.28 8.40 -43.05
C SER D 296 -15.36 7.56 -42.41
N LYS D 297 -16.16 6.88 -43.25
CA LYS D 297 -17.28 6.08 -42.74
C LYS D 297 -16.97 5.17 -41.58
N ASN D 298 -15.70 4.83 -41.36
CA ASN D 298 -15.37 3.94 -40.23
C ASN D 298 -16.03 4.41 -38.95
N GLY D 299 -15.56 5.56 -38.45
CA GLY D 299 -16.09 6.14 -37.23
C GLY D 299 -14.98 6.31 -36.23
N LYS D 300 -14.11 5.32 -36.22
CA LYS D 300 -12.91 5.19 -35.38
C LYS D 300 -12.74 3.87 -34.63
N LEU D 301 -13.38 3.71 -33.47
CA LEU D 301 -13.24 2.51 -32.65
C LEU D 301 -13.15 1.25 -33.50
N ARG D 302 -12.29 0.32 -33.10
CA ARG D 302 -12.10 -0.96 -33.80
C ARG D 302 -13.25 -1.95 -33.53
N LEU D 303 -13.34 -2.99 -34.35
CA LEU D 303 -14.42 -3.95 -34.20
C LEU D 303 -14.32 -4.94 -33.06
N LEU D 304 -13.69 -6.09 -33.33
CA LEU D 304 -13.56 -7.16 -32.35
C LEU D 304 -12.60 -6.93 -31.20
N TYR D 305 -11.81 -5.85 -31.29
CA TYR D 305 -10.83 -5.49 -30.26
C TYR D 305 -11.46 -4.63 -29.18
N GLU D 306 -12.31 -3.70 -29.61
CA GLU D 306 -12.97 -2.76 -28.71
C GLU D 306 -14.49 -2.82 -28.67
N CYS D 307 -15.18 -2.56 -29.78
CA CYS D 307 -16.64 -2.59 -29.73
C CYS D 307 -17.34 -3.94 -29.55
N ALA D 308 -16.74 -5.01 -30.05
CA ALA D 308 -17.33 -6.34 -29.88
C ALA D 308 -17.43 -6.77 -28.41
N PRO D 309 -16.31 -6.86 -27.65
CA PRO D 309 -16.56 -7.28 -26.27
C PRO D 309 -17.44 -6.29 -25.53
N MET D 310 -17.14 -5.01 -25.62
CA MET D 310 -17.98 -4.04 -24.91
C MET D 310 -19.45 -4.35 -25.22
N SER D 311 -19.79 -4.56 -26.50
CA SER D 311 -21.18 -4.85 -26.86
C SER D 311 -21.62 -6.19 -26.32
N PHE D 312 -20.74 -7.18 -26.33
CA PHE D 312 -21.04 -8.50 -25.77
C PHE D 312 -21.43 -8.40 -24.26
N ILE D 313 -20.71 -7.55 -23.50
CA ILE D 313 -20.93 -7.34 -22.04
C ILE D 313 -22.23 -6.57 -21.85
N VAL D 314 -22.27 -5.37 -22.42
CA VAL D 314 -23.45 -4.52 -22.34
C VAL D 314 -24.71 -5.25 -22.75
N GLU D 315 -24.53 -6.24 -23.61
CA GLU D 315 -25.60 -7.06 -24.10
C GLU D 315 -26.15 -7.82 -22.88
N GLN D 316 -25.41 -8.81 -22.37
CA GLN D 316 -25.91 -9.57 -21.22
C GLN D 316 -26.16 -8.70 -20.00
N ALA D 317 -25.64 -7.47 -20.00
CA ALA D 317 -25.88 -6.56 -18.90
C ALA D 317 -27.30 -5.96 -19.07
N GLY D 318 -28.00 -6.48 -20.09
CA GLY D 318 -29.34 -6.05 -20.43
C GLY D 318 -29.44 -5.01 -21.53
N GLY D 319 -28.36 -4.28 -21.73
CA GLY D 319 -28.39 -3.22 -22.71
C GLY D 319 -28.39 -3.83 -24.08
N LYS D 320 -28.13 -2.97 -25.06
CA LYS D 320 -28.11 -3.36 -26.45
C LYS D 320 -26.97 -2.54 -27.01
N GLY D 321 -26.37 -3.01 -28.10
CA GLY D 321 -25.29 -2.27 -28.72
C GLY D 321 -25.41 -2.49 -30.20
N SER D 322 -25.12 -1.47 -31.01
CA SER D 322 -25.17 -1.57 -32.45
C SER D 322 -24.54 -0.37 -33.10
N ASP D 323 -24.25 -0.54 -34.38
CA ASP D 323 -23.66 0.49 -35.19
C ASP D 323 -24.84 1.27 -35.83
N GLY D 324 -25.72 1.78 -34.99
CA GLY D 324 -26.89 2.51 -35.44
C GLY D 324 -27.95 1.56 -35.98
N HIS D 325 -27.70 1.08 -37.21
CA HIS D 325 -28.62 0.19 -37.94
C HIS D 325 -28.52 -1.34 -37.81
N GLN D 326 -27.34 -1.82 -37.38
CA GLN D 326 -27.03 -3.25 -37.23
C GLN D 326 -26.13 -3.54 -36.00
N ARG D 327 -26.47 -4.55 -35.22
CA ARG D 327 -25.73 -4.90 -34.01
C ARG D 327 -24.26 -5.27 -34.31
N ILE D 328 -23.41 -5.08 -33.28
CA ILE D 328 -21.98 -5.40 -33.38
C ILE D 328 -21.81 -6.92 -33.27
N LEU D 329 -22.66 -7.57 -32.49
CA LEU D 329 -22.59 -9.02 -32.36
C LEU D 329 -23.21 -9.66 -33.59
N ASP D 330 -22.71 -9.22 -34.75
CA ASP D 330 -23.19 -9.64 -36.09
C ASP D 330 -22.31 -9.00 -37.22
N ILE D 331 -21.01 -8.86 -36.97
CA ILE D 331 -20.11 -8.30 -37.94
C ILE D 331 -18.79 -9.09 -37.84
N GLN D 332 -17.98 -9.04 -38.91
CA GLN D 332 -16.63 -9.72 -39.01
C GLN D 332 -15.90 -9.14 -40.23
N PRO D 333 -14.98 -8.20 -40.01
CA PRO D 333 -14.19 -7.51 -41.03
C PRO D 333 -13.39 -8.43 -41.95
N THR D 334 -12.57 -7.78 -42.78
CA THR D 334 -11.72 -8.38 -43.78
C THR D 334 -10.28 -7.86 -43.55
N GLU D 335 -10.01 -7.38 -42.32
CA GLU D 335 -8.69 -6.85 -41.89
C GLU D 335 -8.61 -6.57 -40.36
N ILE D 336 -7.36 -6.34 -39.91
CA ILE D 336 -6.98 -6.05 -38.52
C ILE D 336 -7.78 -4.86 -37.95
N HIS D 337 -7.83 -3.76 -38.71
CA HIS D 337 -8.48 -2.55 -38.24
C HIS D 337 -9.72 -2.04 -39.02
N GLN D 338 -10.81 -2.80 -38.96
CA GLN D 338 -12.07 -2.43 -39.62
C GLN D 338 -12.90 -1.81 -38.51
N ARG D 339 -12.89 -0.48 -38.46
CA ARG D 339 -13.62 0.26 -37.46
C ARG D 339 -15.12 0.06 -37.66
N VAL D 340 -15.93 0.63 -36.79
CA VAL D 340 -17.39 0.51 -36.88
C VAL D 340 -18.09 1.52 -35.98
N PRO D 341 -19.06 2.30 -36.50
CA PRO D 341 -19.71 3.25 -35.62
C PRO D 341 -20.24 2.43 -34.48
N LEU D 342 -20.16 2.97 -33.27
CA LEU D 342 -20.63 2.24 -32.11
C LEU D 342 -21.67 3.10 -31.38
N TYR D 343 -22.73 2.46 -30.92
CA TYR D 343 -23.79 3.13 -30.18
C TYR D 343 -24.15 2.07 -29.19
N ILE D 344 -24.04 2.35 -27.90
CA ILE D 344 -24.39 1.36 -26.89
C ILE D 344 -25.12 2.13 -25.84
N GLY D 345 -26.02 1.45 -25.14
CA GLY D 345 -26.81 2.07 -24.09
C GLY D 345 -27.94 1.14 -23.76
N SER D 346 -28.97 1.62 -23.09
CA SER D 346 -30.07 0.74 -22.75
C SER D 346 -30.92 0.33 -23.98
N VAL D 347 -31.64 -0.76 -23.85
CA VAL D 347 -32.49 -1.26 -24.93
C VAL D 347 -33.36 -0.12 -25.40
N GLU D 348 -33.62 0.86 -24.54
CA GLU D 348 -34.45 1.99 -25.00
C GLU D 348 -33.52 2.89 -25.83
N GLU D 349 -32.89 3.90 -25.21
CA GLU D 349 -32.02 4.83 -25.94
C GLU D 349 -31.52 4.33 -27.26
N VAL D 350 -30.99 3.11 -27.33
CA VAL D 350 -30.54 2.60 -28.60
C VAL D 350 -31.62 2.51 -29.63
N GLU D 351 -32.75 1.86 -29.36
CA GLU D 351 -33.76 1.82 -30.43
C GLU D 351 -34.13 3.26 -30.81
N LYS D 352 -34.24 4.18 -29.83
CA LYS D 352 -34.59 5.56 -30.16
C LYS D 352 -33.74 6.08 -31.30
N LEU D 353 -32.43 6.14 -31.14
CA LEU D 353 -31.62 6.63 -32.25
C LEU D 353 -31.73 5.73 -33.46
N GLU D 354 -32.18 4.50 -33.24
CA GLU D 354 -32.32 3.52 -34.31
C GLU D 354 -33.53 3.90 -35.14
N LYS D 355 -34.40 4.67 -34.53
CA LYS D 355 -35.60 5.12 -35.21
C LYS D 355 -35.24 6.27 -36.16
N TYR D 356 -34.04 6.84 -36.00
CA TYR D 356 -33.59 7.92 -36.87
C TYR D 356 -32.55 7.20 -37.76
N LEU D 357 -33.08 6.24 -38.51
CA LEU D 357 -32.31 5.35 -39.36
C LEU D 357 -32.60 5.32 -40.88
N ALA D 358 -33.43 6.23 -41.40
CA ALA D 358 -33.74 6.30 -42.82
C ALA D 358 -33.18 7.64 -43.34
#